data_8IIL
# 
_entry.id   8IIL 
# 
_audit_conform.dict_name       mmcif_pdbx.dic 
_audit_conform.dict_version    5.392 
_audit_conform.dict_location   http://mmcif.pdb.org/dictionaries/ascii/mmcif_pdbx.dic 
# 
loop_
_database_2.database_id 
_database_2.database_code 
_database_2.pdbx_database_accession 
_database_2.pdbx_DOI 
PDB   8IIL         pdb_00008iil 10.2210/pdb8iil/pdb 
WWPDB D_1300035739 ?            ?                   
# 
loop_
_pdbx_audit_revision_history.ordinal 
_pdbx_audit_revision_history.data_content_type 
_pdbx_audit_revision_history.major_revision 
_pdbx_audit_revision_history.minor_revision 
_pdbx_audit_revision_history.revision_date 
1 'Structure model' 1 0 2023-06-21 
2 'Structure model' 1 1 2023-08-02 
3 'Structure model' 1 2 2024-05-29 
# 
_pdbx_audit_revision_details.ordinal             1 
_pdbx_audit_revision_details.revision_ordinal    1 
_pdbx_audit_revision_details.data_content_type   'Structure model' 
_pdbx_audit_revision_details.provider            repository 
_pdbx_audit_revision_details.type                'Initial release' 
_pdbx_audit_revision_details.description         ? 
_pdbx_audit_revision_details.details             ? 
# 
loop_
_pdbx_audit_revision_group.ordinal 
_pdbx_audit_revision_group.revision_ordinal 
_pdbx_audit_revision_group.data_content_type 
_pdbx_audit_revision_group.group 
1 2 'Structure model' 'Database references' 
2 3 'Structure model' 'Data collection'     
# 
loop_
_pdbx_audit_revision_category.ordinal 
_pdbx_audit_revision_category.revision_ordinal 
_pdbx_audit_revision_category.data_content_type 
_pdbx_audit_revision_category.category 
1 2 'Structure model' citation       
2 3 'Structure model' chem_comp_atom 
3 3 'Structure model' chem_comp_bond 
# 
loop_
_pdbx_audit_revision_item.ordinal 
_pdbx_audit_revision_item.revision_ordinal 
_pdbx_audit_revision_item.data_content_type 
_pdbx_audit_revision_item.item 
1 2 'Structure model' '_citation.journal_volume' 
2 2 'Structure model' '_citation.page_first'     
3 2 'Structure model' '_citation.page_last'      
# 
_pdbx_database_status.status_code                     REL 
_pdbx_database_status.status_code_sf                  REL 
_pdbx_database_status.status_code_mr                  ? 
_pdbx_database_status.entry_id                        8IIL 
_pdbx_database_status.recvd_initial_deposition_date   2023-02-24 
_pdbx_database_status.SG_entry                        N 
_pdbx_database_status.deposit_site                    PDBJ 
_pdbx_database_status.process_site                    PDBJ 
_pdbx_database_status.status_code_cs                  ? 
_pdbx_database_status.status_code_nmr_data            ? 
_pdbx_database_status.methods_development_category    ? 
_pdbx_database_status.pdb_format_compatible           Y 
# 
loop_
_pdbx_contact_author.id 
_pdbx_contact_author.email 
_pdbx_contact_author.name_first 
_pdbx_contact_author.name_last 
_pdbx_contact_author.name_mi 
_pdbx_contact_author.role 
_pdbx_contact_author.identifier_ORCID 
2 varshney@iisc.ac.in Umesh           Varshney ? 'principal investigator/group leader' 0000-0003-3196-5908 
3 bgopal@iisc.ac.in   Balasubramanian Gopal    ? 'principal investigator/group leader' 0000-0001-9097-5052 
# 
_audit_author.name               'Aroli, S.' 
_audit_author.pdbx_ordinal       1 
_audit_author.identifier_ORCID   0000-0002-9834-2134 
# 
_citation.abstract                  ? 
_citation.abstract_id_CAS           ? 
_citation.book_id_ISBN              ? 
_citation.book_publisher            ? 
_citation.book_publisher_city       ? 
_citation.book_title                ? 
_citation.coordinate_linkage        ? 
_citation.country                   UK 
_citation.database_id_Medline       ? 
_citation.details                   ? 
_citation.id                        primary 
_citation.journal_abbrev            'Nucleic Acids Res.' 
_citation.journal_id_ASTM           NARHAD 
_citation.journal_id_CSD            0389 
_citation.journal_id_ISSN           1362-4962 
_citation.journal_full              ? 
_citation.journal_issue             ? 
_citation.journal_volume            51 
_citation.language                  ? 
_citation.page_first                6554 
_citation.page_last                 6565 
_citation.title                     
'Mutational and structural analyses of UdgX: insights into the active site pocket architecture and its evolution.' 
_citation.year                      2023 
_citation.database_id_CSD           ? 
_citation.pdbx_database_id_DOI      10.1093/nar/gkad486 
_citation.pdbx_database_id_PubMed   37283083 
_citation.pdbx_database_id_patent   ? 
_citation.unpublished_flag          ? 
# 
loop_
_citation_author.citation_id 
_citation_author.name 
_citation_author.ordinal 
_citation_author.identifier_ORCID 
primary 'Aroli, S.'    1 0000-0002-9834-2134 
primary 'Woo, E.J.'    2 0000-0001-6983-0270 
primary 'Gopal, B.'    3 0000-0001-9097-5052 
primary 'Varshney, U.' 4 0000-0003-3196-5908 
# 
loop_
_entity.id 
_entity.type 
_entity.src_method 
_entity.pdbx_description 
_entity.formula_weight 
_entity.pdbx_number_of_molecules 
_entity.pdbx_ec 
_entity.pdbx_mutation 
_entity.pdbx_fragment 
_entity.details 
1 polymer     man 'Type-4 uracil-DNA glycosylase' 21734.682 1  3.2.2.27 H109G ? ? 
2 non-polymer syn 'IRON/SULFUR CLUSTER'           351.640   1  ?        ?     ? ? 
3 non-polymer syn URACIL                          112.087   1  ?        ?     ? ? 
4 water       nat water                           18.015    29 ?        ?     ? ? 
# 
_entity_poly.entity_id                      1 
_entity_poly.type                           'polypeptide(L)' 
_entity_poly.nstd_linkage                   no 
_entity_poly.nstd_monomer                   no 
_entity_poly.pdbx_seq_one_letter_code       
;AGAQDFVPHTADLAELAAAAGECRGCGLYRDATQAVFGAGGRSARIMMIGEQPGDKEDLAGLPFVGPAGRLLDRALEAAD
IDRDALYVTNAVKHFKFTRAAGGKRRIGKTPSRTEVVACRPWLIAEMTSVEPDVVVLLGATAAKALLGNDFRVTQHRGEV
LHVDDVPGDPALVATVHPSSLLRGPKEERESAFAGLVDDLRVAADV
;
_entity_poly.pdbx_seq_one_letter_code_can   
;AGAQDFVPHTADLAELAAAAGECRGCGLYRDATQAVFGAGGRSARIMMIGEQPGDKEDLAGLPFVGPAGRLLDRALEAAD
IDRDALYVTNAVKHFKFTRAAGGKRRIGKTPSRTEVVACRPWLIAEMTSVEPDVVVLLGATAAKALLGNDFRVTQHRGEV
LHVDDVPGDPALVATVHPSSLLRGPKEERESAFAGLVDDLRVAADV
;
_entity_poly.pdbx_strand_id                 A 
_entity_poly.pdbx_target_identifier         ? 
# 
loop_
_pdbx_entity_nonpoly.entity_id 
_pdbx_entity_nonpoly.name 
_pdbx_entity_nonpoly.comp_id 
2 'IRON/SULFUR CLUSTER' SF4 
3 URACIL                URA 
4 water                 HOH 
# 
loop_
_entity_poly_seq.entity_id 
_entity_poly_seq.num 
_entity_poly_seq.mon_id 
_entity_poly_seq.hetero 
1 1   ALA n 
1 2   GLY n 
1 3   ALA n 
1 4   GLN n 
1 5   ASP n 
1 6   PHE n 
1 7   VAL n 
1 8   PRO n 
1 9   HIS n 
1 10  THR n 
1 11  ALA n 
1 12  ASP n 
1 13  LEU n 
1 14  ALA n 
1 15  GLU n 
1 16  LEU n 
1 17  ALA n 
1 18  ALA n 
1 19  ALA n 
1 20  ALA n 
1 21  GLY n 
1 22  GLU n 
1 23  CYS n 
1 24  ARG n 
1 25  GLY n 
1 26  CYS n 
1 27  GLY n 
1 28  LEU n 
1 29  TYR n 
1 30  ARG n 
1 31  ASP n 
1 32  ALA n 
1 33  THR n 
1 34  GLN n 
1 35  ALA n 
1 36  VAL n 
1 37  PHE n 
1 38  GLY n 
1 39  ALA n 
1 40  GLY n 
1 41  GLY n 
1 42  ARG n 
1 43  SER n 
1 44  ALA n 
1 45  ARG n 
1 46  ILE n 
1 47  MET n 
1 48  MET n 
1 49  ILE n 
1 50  GLY n 
1 51  GLU n 
1 52  GLN n 
1 53  PRO n 
1 54  GLY n 
1 55  ASP n 
1 56  LYS n 
1 57  GLU n 
1 58  ASP n 
1 59  LEU n 
1 60  ALA n 
1 61  GLY n 
1 62  LEU n 
1 63  PRO n 
1 64  PHE n 
1 65  VAL n 
1 66  GLY n 
1 67  PRO n 
1 68  ALA n 
1 69  GLY n 
1 70  ARG n 
1 71  LEU n 
1 72  LEU n 
1 73  ASP n 
1 74  ARG n 
1 75  ALA n 
1 76  LEU n 
1 77  GLU n 
1 78  ALA n 
1 79  ALA n 
1 80  ASP n 
1 81  ILE n 
1 82  ASP n 
1 83  ARG n 
1 84  ASP n 
1 85  ALA n 
1 86  LEU n 
1 87  TYR n 
1 88  VAL n 
1 89  THR n 
1 90  ASN n 
1 91  ALA n 
1 92  VAL n 
1 93  LYS n 
1 94  HIS n 
1 95  PHE n 
1 96  LYS n 
1 97  PHE n 
1 98  THR n 
1 99  ARG n 
1 100 ALA n 
1 101 ALA n 
1 102 GLY n 
1 103 GLY n 
1 104 LYS n 
1 105 ARG n 
1 106 ARG n 
1 107 ILE n 
1 108 GLY n 
1 109 LYS n 
1 110 THR n 
1 111 PRO n 
1 112 SER n 
1 113 ARG n 
1 114 THR n 
1 115 GLU n 
1 116 VAL n 
1 117 VAL n 
1 118 ALA n 
1 119 CYS n 
1 120 ARG n 
1 121 PRO n 
1 122 TRP n 
1 123 LEU n 
1 124 ILE n 
1 125 ALA n 
1 126 GLU n 
1 127 MET n 
1 128 THR n 
1 129 SER n 
1 130 VAL n 
1 131 GLU n 
1 132 PRO n 
1 133 ASP n 
1 134 VAL n 
1 135 VAL n 
1 136 VAL n 
1 137 LEU n 
1 138 LEU n 
1 139 GLY n 
1 140 ALA n 
1 141 THR n 
1 142 ALA n 
1 143 ALA n 
1 144 LYS n 
1 145 ALA n 
1 146 LEU n 
1 147 LEU n 
1 148 GLY n 
1 149 ASN n 
1 150 ASP n 
1 151 PHE n 
1 152 ARG n 
1 153 VAL n 
1 154 THR n 
1 155 GLN n 
1 156 HIS n 
1 157 ARG n 
1 158 GLY n 
1 159 GLU n 
1 160 VAL n 
1 161 LEU n 
1 162 HIS n 
1 163 VAL n 
1 164 ASP n 
1 165 ASP n 
1 166 VAL n 
1 167 PRO n 
1 168 GLY n 
1 169 ASP n 
1 170 PRO n 
1 171 ALA n 
1 172 LEU n 
1 173 VAL n 
1 174 ALA n 
1 175 THR n 
1 176 VAL n 
1 177 HIS n 
1 178 PRO n 
1 179 SER n 
1 180 SER n 
1 181 LEU n 
1 182 LEU n 
1 183 ARG n 
1 184 GLY n 
1 185 PRO n 
1 186 LYS n 
1 187 GLU n 
1 188 GLU n 
1 189 ARG n 
1 190 GLU n 
1 191 SER n 
1 192 ALA n 
1 193 PHE n 
1 194 ALA n 
1 195 GLY n 
1 196 LEU n 
1 197 VAL n 
1 198 ASP n 
1 199 ASP n 
1 200 LEU n 
1 201 ARG n 
1 202 VAL n 
1 203 ALA n 
1 204 ALA n 
1 205 ASP n 
1 206 VAL n 
# 
_entity_src_gen.entity_id                          1 
_entity_src_gen.pdbx_src_id                        1 
_entity_src_gen.pdbx_alt_source_flag               sample 
_entity_src_gen.pdbx_seq_type                      'Biological sequence' 
_entity_src_gen.pdbx_beg_seq_num                   1 
_entity_src_gen.pdbx_end_seq_num                   206 
_entity_src_gen.gene_src_common_name               ? 
_entity_src_gen.gene_src_genus                     ? 
_entity_src_gen.pdbx_gene_src_gene                 MSMEG_0265 
_entity_src_gen.gene_src_species                   ? 
_entity_src_gen.gene_src_strain                    'MC2 155' 
_entity_src_gen.gene_src_tissue                    ? 
_entity_src_gen.gene_src_tissue_fraction           ? 
_entity_src_gen.gene_src_details                   ? 
_entity_src_gen.pdbx_gene_src_fragment             ? 
_entity_src_gen.pdbx_gene_src_scientific_name      'Mycolicibacterium smegmatis MC2 155' 
_entity_src_gen.pdbx_gene_src_ncbi_taxonomy_id     246196 
_entity_src_gen.pdbx_gene_src_variant              ? 
_entity_src_gen.pdbx_gene_src_cell_line            ? 
_entity_src_gen.pdbx_gene_src_atcc                 700084 
_entity_src_gen.pdbx_gene_src_organ                ? 
_entity_src_gen.pdbx_gene_src_organelle            ? 
_entity_src_gen.pdbx_gene_src_cell                 ? 
_entity_src_gen.pdbx_gene_src_cellular_location    ? 
_entity_src_gen.host_org_common_name               ? 
_entity_src_gen.pdbx_host_org_scientific_name      'Escherichia coli BL21(DE3)' 
_entity_src_gen.pdbx_host_org_ncbi_taxonomy_id     469008 
_entity_src_gen.host_org_genus                     ? 
_entity_src_gen.pdbx_host_org_gene                 ? 
_entity_src_gen.pdbx_host_org_organ                ? 
_entity_src_gen.host_org_species                   ? 
_entity_src_gen.pdbx_host_org_tissue               ? 
_entity_src_gen.pdbx_host_org_tissue_fraction      ? 
_entity_src_gen.pdbx_host_org_strain               ? 
_entity_src_gen.pdbx_host_org_variant              Rosetta 
_entity_src_gen.pdbx_host_org_cell_line            ? 
_entity_src_gen.pdbx_host_org_atcc                 ? 
_entity_src_gen.pdbx_host_org_culture_collection   ? 
_entity_src_gen.pdbx_host_org_cell                 ? 
_entity_src_gen.pdbx_host_org_organelle            ? 
_entity_src_gen.pdbx_host_org_cellular_location    ? 
_entity_src_gen.pdbx_host_org_vector_type          Plasmid 
_entity_src_gen.pdbx_host_org_vector               ? 
_entity_src_gen.host_org_details                   ? 
_entity_src_gen.expression_system_id               ? 
_entity_src_gen.plasmid_name                       pET14b 
_entity_src_gen.plasmid_details                    ? 
_entity_src_gen.pdbx_description                   ? 
# 
loop_
_chem_comp.id 
_chem_comp.type 
_chem_comp.mon_nstd_flag 
_chem_comp.name 
_chem_comp.pdbx_synonyms 
_chem_comp.formula 
_chem_comp.formula_weight 
ALA 'L-peptide linking' y ALANINE               ? 'C3 H7 N O2'     89.093  
ARG 'L-peptide linking' y ARGININE              ? 'C6 H15 N4 O2 1' 175.209 
ASN 'L-peptide linking' y ASPARAGINE            ? 'C4 H8 N2 O3'    132.118 
ASP 'L-peptide linking' y 'ASPARTIC ACID'       ? 'C4 H7 N O4'     133.103 
CYS 'L-peptide linking' y CYSTEINE              ? 'C3 H7 N O2 S'   121.158 
GLN 'L-peptide linking' y GLUTAMINE             ? 'C5 H10 N2 O3'   146.144 
GLU 'L-peptide linking' y 'GLUTAMIC ACID'       ? 'C5 H9 N O4'     147.129 
GLY 'peptide linking'   y GLYCINE               ? 'C2 H5 N O2'     75.067  
HIS 'L-peptide linking' y HISTIDINE             ? 'C6 H10 N3 O2 1' 156.162 
HOH non-polymer         . WATER                 ? 'H2 O'           18.015  
ILE 'L-peptide linking' y ISOLEUCINE            ? 'C6 H13 N O2'    131.173 
LEU 'L-peptide linking' y LEUCINE               ? 'C6 H13 N O2'    131.173 
LYS 'L-peptide linking' y LYSINE                ? 'C6 H15 N2 O2 1' 147.195 
MET 'L-peptide linking' y METHIONINE            ? 'C5 H11 N O2 S'  149.211 
PHE 'L-peptide linking' y PHENYLALANINE         ? 'C9 H11 N O2'    165.189 
PRO 'L-peptide linking' y PROLINE               ? 'C5 H9 N O2'     115.130 
SER 'L-peptide linking' y SERINE                ? 'C3 H7 N O3'     105.093 
SF4 non-polymer         . 'IRON/SULFUR CLUSTER' ? 'Fe4 S4'         351.640 
THR 'L-peptide linking' y THREONINE             ? 'C4 H9 N O3'     119.119 
TRP 'L-peptide linking' y TRYPTOPHAN            ? 'C11 H12 N2 O2'  204.225 
TYR 'L-peptide linking' y TYROSINE              ? 'C9 H11 N O3'    181.189 
URA non-polymer         . URACIL                ? 'C4 H4 N2 O2'    112.087 
VAL 'L-peptide linking' y VALINE                ? 'C5 H11 N O2'    117.146 
# 
loop_
_pdbx_poly_seq_scheme.asym_id 
_pdbx_poly_seq_scheme.entity_id 
_pdbx_poly_seq_scheme.seq_id 
_pdbx_poly_seq_scheme.mon_id 
_pdbx_poly_seq_scheme.ndb_seq_num 
_pdbx_poly_seq_scheme.pdb_seq_num 
_pdbx_poly_seq_scheme.auth_seq_num 
_pdbx_poly_seq_scheme.pdb_mon_id 
_pdbx_poly_seq_scheme.auth_mon_id 
_pdbx_poly_seq_scheme.pdb_strand_id 
_pdbx_poly_seq_scheme.pdb_ins_code 
_pdbx_poly_seq_scheme.hetero 
A 1 1   ALA 1   2   2   ALA ALA A . n 
A 1 2   GLY 2   3   3   GLY GLY A . n 
A 1 3   ALA 3   4   4   ALA ALA A . n 
A 1 4   GLN 4   5   5   GLN GLN A . n 
A 1 5   ASP 5   6   6   ASP ASP A . n 
A 1 6   PHE 6   7   7   PHE PHE A . n 
A 1 7   VAL 7   8   8   VAL VAL A . n 
A 1 8   PRO 8   9   9   PRO PRO A . n 
A 1 9   HIS 9   10  10  HIS HIS A . n 
A 1 10  THR 10  11  11  THR THR A . n 
A 1 11  ALA 11  12  12  ALA ALA A . n 
A 1 12  ASP 12  13  13  ASP ASP A . n 
A 1 13  LEU 13  14  14  LEU LEU A . n 
A 1 14  ALA 14  15  15  ALA ALA A . n 
A 1 15  GLU 15  16  16  GLU GLU A . n 
A 1 16  LEU 16  17  17  LEU LEU A . n 
A 1 17  ALA 17  18  18  ALA ALA A . n 
A 1 18  ALA 18  19  19  ALA ALA A . n 
A 1 19  ALA 19  20  20  ALA ALA A . n 
A 1 20  ALA 20  21  21  ALA ALA A . n 
A 1 21  GLY 21  22  22  GLY GLY A . n 
A 1 22  GLU 22  23  23  GLU GLU A . n 
A 1 23  CYS 23  24  24  CYS CYS A . n 
A 1 24  ARG 24  25  25  ARG ARG A . n 
A 1 25  GLY 25  26  26  GLY GLY A . n 
A 1 26  CYS 26  27  27  CYS CYS A . n 
A 1 27  GLY 27  28  28  GLY GLY A . n 
A 1 28  LEU 28  29  29  LEU LEU A . n 
A 1 29  TYR 29  30  30  TYR TYR A . n 
A 1 30  ARG 30  31  31  ARG ARG A . n 
A 1 31  ASP 31  32  32  ASP ASP A . n 
A 1 32  ALA 32  33  33  ALA ALA A . n 
A 1 33  THR 33  34  34  THR THR A . n 
A 1 34  GLN 34  35  35  GLN GLN A . n 
A 1 35  ALA 35  36  36  ALA ALA A . n 
A 1 36  VAL 36  37  37  VAL VAL A . n 
A 1 37  PHE 37  38  38  PHE PHE A . n 
A 1 38  GLY 38  39  39  GLY GLY A . n 
A 1 39  ALA 39  40  40  ALA ALA A . n 
A 1 40  GLY 40  41  41  GLY GLY A . n 
A 1 41  GLY 41  42  42  GLY GLY A . n 
A 1 42  ARG 42  43  43  ARG ARG A . n 
A 1 43  SER 43  44  44  SER SER A . n 
A 1 44  ALA 44  45  45  ALA ALA A . n 
A 1 45  ARG 45  46  46  ARG ARG A . n 
A 1 46  ILE 46  47  47  ILE ILE A . n 
A 1 47  MET 47  48  48  MET MET A . n 
A 1 48  MET 48  49  49  MET MET A . n 
A 1 49  ILE 49  50  50  ILE ILE A . n 
A 1 50  GLY 50  51  51  GLY GLY A . n 
A 1 51  GLU 51  52  52  GLU GLU A . n 
A 1 52  GLN 52  53  53  GLN GLN A . n 
A 1 53  PRO 53  54  54  PRO PRO A . n 
A 1 54  GLY 54  55  55  GLY GLY A . n 
A 1 55  ASP 55  56  56  ASP ASP A . n 
A 1 56  LYS 56  57  57  LYS LYS A . n 
A 1 57  GLU 57  58  58  GLU GLU A . n 
A 1 58  ASP 58  59  59  ASP ASP A . n 
A 1 59  LEU 59  60  60  LEU LEU A . n 
A 1 60  ALA 60  61  61  ALA ALA A . n 
A 1 61  GLY 61  62  62  GLY GLY A . n 
A 1 62  LEU 62  63  63  LEU LEU A . n 
A 1 63  PRO 63  64  64  PRO PRO A . n 
A 1 64  PHE 64  65  65  PHE PHE A . n 
A 1 65  VAL 65  66  66  VAL VAL A . n 
A 1 66  GLY 66  67  67  GLY GLY A . n 
A 1 67  PRO 67  68  68  PRO PRO A . n 
A 1 68  ALA 68  69  69  ALA ALA A . n 
A 1 69  GLY 69  70  70  GLY GLY A . n 
A 1 70  ARG 70  71  71  ARG ARG A . n 
A 1 71  LEU 71  72  72  LEU LEU A . n 
A 1 72  LEU 72  73  73  LEU LEU A . n 
A 1 73  ASP 73  74  74  ASP ASP A . n 
A 1 74  ARG 74  75  75  ARG ARG A . n 
A 1 75  ALA 75  76  76  ALA ALA A . n 
A 1 76  LEU 76  77  77  LEU LEU A . n 
A 1 77  GLU 77  78  78  GLU GLU A . n 
A 1 78  ALA 78  79  79  ALA ALA A . n 
A 1 79  ALA 79  80  80  ALA ALA A . n 
A 1 80  ASP 80  81  81  ASP ASP A . n 
A 1 81  ILE 81  82  82  ILE ILE A . n 
A 1 82  ASP 82  83  83  ASP ASP A . n 
A 1 83  ARG 83  84  84  ARG ARG A . n 
A 1 84  ASP 84  85  85  ASP ASP A . n 
A 1 85  ALA 85  86  86  ALA ALA A . n 
A 1 86  LEU 86  87  87  LEU LEU A . n 
A 1 87  TYR 87  88  88  TYR TYR A . n 
A 1 88  VAL 88  89  89  VAL VAL A . n 
A 1 89  THR 89  90  90  THR THR A . n 
A 1 90  ASN 90  91  91  ASN ASN A . n 
A 1 91  ALA 91  92  92  ALA ALA A . n 
A 1 92  VAL 92  93  93  VAL VAL A . n 
A 1 93  LYS 93  94  94  LYS LYS A . n 
A 1 94  HIS 94  95  95  HIS HIS A . n 
A 1 95  PHE 95  96  96  PHE PHE A . n 
A 1 96  LYS 96  97  97  LYS LYS A . n 
A 1 97  PHE 97  98  98  PHE PHE A . n 
A 1 98  THR 98  99  99  THR THR A . n 
A 1 99  ARG 99  100 100 ARG ARG A . n 
A 1 100 ALA 100 101 101 ALA ALA A . n 
A 1 101 ALA 101 102 102 ALA ALA A . n 
A 1 102 GLY 102 103 103 GLY GLY A . n 
A 1 103 GLY 103 104 104 GLY GLY A . n 
A 1 104 LYS 104 105 105 LYS LYS A . n 
A 1 105 ARG 105 106 106 ARG ARG A . n 
A 1 106 ARG 106 107 107 ARG ARG A . n 
A 1 107 ILE 107 108 108 ILE ILE A . n 
A 1 108 GLY 108 109 109 GLY GLY A . n 
A 1 109 LYS 109 110 110 LYS LYS A . n 
A 1 110 THR 110 111 111 THR THR A . n 
A 1 111 PRO 111 112 112 PRO PRO A . n 
A 1 112 SER 112 113 113 SER SER A . n 
A 1 113 ARG 113 114 114 ARG ARG A . n 
A 1 114 THR 114 115 115 THR THR A . n 
A 1 115 GLU 115 116 116 GLU GLU A . n 
A 1 116 VAL 116 117 117 VAL VAL A . n 
A 1 117 VAL 117 118 118 VAL VAL A . n 
A 1 118 ALA 118 119 119 ALA ALA A . n 
A 1 119 CYS 119 120 120 CYS CYS A . n 
A 1 120 ARG 120 121 121 ARG ARG A . n 
A 1 121 PRO 121 122 122 PRO PRO A . n 
A 1 122 TRP 122 123 123 TRP TRP A . n 
A 1 123 LEU 123 124 124 LEU LEU A . n 
A 1 124 ILE 124 125 125 ILE ILE A . n 
A 1 125 ALA 125 126 126 ALA ALA A . n 
A 1 126 GLU 126 127 127 GLU GLU A . n 
A 1 127 MET 127 128 128 MET MET A . n 
A 1 128 THR 128 129 129 THR THR A . n 
A 1 129 SER 129 130 130 SER SER A . n 
A 1 130 VAL 130 131 131 VAL VAL A . n 
A 1 131 GLU 131 132 132 GLU GLU A . n 
A 1 132 PRO 132 133 133 PRO PRO A . n 
A 1 133 ASP 133 134 134 ASP ASP A . n 
A 1 134 VAL 134 135 135 VAL VAL A . n 
A 1 135 VAL 135 136 136 VAL VAL A . n 
A 1 136 VAL 136 137 137 VAL VAL A . n 
A 1 137 LEU 137 138 138 LEU LEU A . n 
A 1 138 LEU 138 139 139 LEU LEU A . n 
A 1 139 GLY 139 140 140 GLY GLY A . n 
A 1 140 ALA 140 141 141 ALA ALA A . n 
A 1 141 THR 141 142 142 THR THR A . n 
A 1 142 ALA 142 143 143 ALA ALA A . n 
A 1 143 ALA 143 144 144 ALA ALA A . n 
A 1 144 LYS 144 145 145 LYS LYS A . n 
A 1 145 ALA 145 146 146 ALA ALA A . n 
A 1 146 LEU 146 147 147 LEU LEU A . n 
A 1 147 LEU 147 148 148 LEU LEU A . n 
A 1 148 GLY 148 149 149 GLY GLY A . n 
A 1 149 ASN 149 150 150 ASN ASN A . n 
A 1 150 ASP 150 151 151 ASP ASP A . n 
A 1 151 PHE 151 152 152 PHE PHE A . n 
A 1 152 ARG 152 153 153 ARG ARG A . n 
A 1 153 VAL 153 154 154 VAL VAL A . n 
A 1 154 THR 154 155 155 THR THR A . n 
A 1 155 GLN 155 156 156 GLN GLN A . n 
A 1 156 HIS 156 157 157 HIS HIS A . n 
A 1 157 ARG 157 158 158 ARG ARG A . n 
A 1 158 GLY 158 159 159 GLY GLY A . n 
A 1 159 GLU 159 160 160 GLU GLU A . n 
A 1 160 VAL 160 161 161 VAL VAL A . n 
A 1 161 LEU 161 162 162 LEU LEU A . n 
A 1 162 HIS 162 163 163 HIS HIS A . n 
A 1 163 VAL 163 164 164 VAL VAL A . n 
A 1 164 ASP 164 165 165 ASP ASP A . n 
A 1 165 ASP 165 166 166 ASP ASP A . n 
A 1 166 VAL 166 167 167 VAL VAL A . n 
A 1 167 PRO 167 168 168 PRO PRO A . n 
A 1 168 GLY 168 169 169 GLY GLY A . n 
A 1 169 ASP 169 170 170 ASP ASP A . n 
A 1 170 PRO 170 171 171 PRO PRO A . n 
A 1 171 ALA 171 172 172 ALA ALA A . n 
A 1 172 LEU 172 173 173 LEU LEU A . n 
A 1 173 VAL 173 174 174 VAL VAL A . n 
A 1 174 ALA 174 175 175 ALA ALA A . n 
A 1 175 THR 175 176 176 THR THR A . n 
A 1 176 VAL 176 177 177 VAL VAL A . n 
A 1 177 HIS 177 178 178 HIS HIS A . n 
A 1 178 PRO 178 179 179 PRO PRO A . n 
A 1 179 SER 179 180 180 SER SER A . n 
A 1 180 SER 180 181 181 SER SER A . n 
A 1 181 LEU 181 182 182 LEU LEU A . n 
A 1 182 LEU 182 183 183 LEU LEU A . n 
A 1 183 ARG 183 184 184 ARG ARG A . n 
A 1 184 GLY 184 185 185 GLY GLY A . n 
A 1 185 PRO 185 186 186 PRO PRO A . n 
A 1 186 LYS 186 187 187 LYS LYS A . n 
A 1 187 GLU 187 188 188 GLU GLU A . n 
A 1 188 GLU 188 189 189 GLU GLU A . n 
A 1 189 ARG 189 190 190 ARG ARG A . n 
A 1 190 GLU 190 191 191 GLU GLU A . n 
A 1 191 SER 191 192 192 SER SER A . n 
A 1 192 ALA 192 193 193 ALA ALA A . n 
A 1 193 PHE 193 194 194 PHE PHE A . n 
A 1 194 ALA 194 195 195 ALA ALA A . n 
A 1 195 GLY 195 196 196 GLY GLY A . n 
A 1 196 LEU 196 197 197 LEU LEU A . n 
A 1 197 VAL 197 198 198 VAL VAL A . n 
A 1 198 ASP 198 199 199 ASP ASP A . n 
A 1 199 ASP 199 200 200 ASP ASP A . n 
A 1 200 LEU 200 201 201 LEU LEU A . n 
A 1 201 ARG 201 202 202 ARG ARG A . n 
A 1 202 VAL 202 203 203 VAL VAL A . n 
A 1 203 ALA 203 204 204 ALA ALA A . n 
A 1 204 ALA 204 205 205 ALA ALA A . n 
A 1 205 ASP 205 206 206 ASP ASP A . n 
A 1 206 VAL 206 207 207 VAL VAL A . n 
# 
loop_
_pdbx_nonpoly_scheme.asym_id 
_pdbx_nonpoly_scheme.entity_id 
_pdbx_nonpoly_scheme.mon_id 
_pdbx_nonpoly_scheme.ndb_seq_num 
_pdbx_nonpoly_scheme.pdb_seq_num 
_pdbx_nonpoly_scheme.auth_seq_num 
_pdbx_nonpoly_scheme.pdb_mon_id 
_pdbx_nonpoly_scheme.auth_mon_id 
_pdbx_nonpoly_scheme.pdb_strand_id 
_pdbx_nonpoly_scheme.pdb_ins_code 
B 2 SF4 1  301 301 SF4 SF4 A . 
C 3 URA 1  302 302 URA URA A . 
D 4 HOH 1  401 26  HOH HOH A . 
D 4 HOH 2  402 21  HOH HOH A . 
D 4 HOH 3  403 20  HOH HOH A . 
D 4 HOH 4  404 16  HOH HOH A . 
D 4 HOH 5  405 7   HOH HOH A . 
D 4 HOH 6  406 1   HOH HOH A . 
D 4 HOH 7  407 9   HOH HOH A . 
D 4 HOH 8  408 13  HOH HOH A . 
D 4 HOH 9  409 22  HOH HOH A . 
D 4 HOH 10 410 12  HOH HOH A . 
D 4 HOH 11 411 23  HOH HOH A . 
D 4 HOH 12 412 14  HOH HOH A . 
D 4 HOH 13 413 3   HOH HOH A . 
D 4 HOH 14 414 11  HOH HOH A . 
D 4 HOH 15 415 4   HOH HOH A . 
D 4 HOH 16 416 29  HOH HOH A . 
D 4 HOH 17 417 6   HOH HOH A . 
D 4 HOH 18 418 19  HOH HOH A . 
D 4 HOH 19 419 5   HOH HOH A . 
D 4 HOH 20 420 31  HOH HOH A . 
D 4 HOH 21 421 10  HOH HOH A . 
D 4 HOH 22 422 8   HOH HOH A . 
D 4 HOH 23 423 15  HOH HOH A . 
D 4 HOH 24 424 17  HOH HOH A . 
D 4 HOH 25 425 33  HOH HOH A . 
D 4 HOH 26 426 28  HOH HOH A . 
D 4 HOH 27 427 24  HOH HOH A . 
D 4 HOH 28 428 18  HOH HOH A . 
D 4 HOH 29 429 32  HOH HOH A . 
# 
loop_
_pdbx_unobs_or_zero_occ_atoms.id 
_pdbx_unobs_or_zero_occ_atoms.PDB_model_num 
_pdbx_unobs_or_zero_occ_atoms.polymer_flag 
_pdbx_unobs_or_zero_occ_atoms.occupancy_flag 
_pdbx_unobs_or_zero_occ_atoms.auth_asym_id 
_pdbx_unobs_or_zero_occ_atoms.auth_comp_id 
_pdbx_unobs_or_zero_occ_atoms.auth_seq_id 
_pdbx_unobs_or_zero_occ_atoms.PDB_ins_code 
_pdbx_unobs_or_zero_occ_atoms.auth_atom_id 
_pdbx_unobs_or_zero_occ_atoms.label_alt_id 
_pdbx_unobs_or_zero_occ_atoms.label_asym_id 
_pdbx_unobs_or_zero_occ_atoms.label_comp_id 
_pdbx_unobs_or_zero_occ_atoms.label_seq_id 
_pdbx_unobs_or_zero_occ_atoms.label_atom_id 
1  1 Y 1 A GLN 5   ? CG  ? A GLN 4   CG  
2  1 Y 1 A GLN 5   ? CD  ? A GLN 4   CD  
3  1 Y 1 A GLN 5   ? OE1 ? A GLN 4   OE1 
4  1 Y 1 A GLN 5   ? NE2 ? A GLN 4   NE2 
5  1 Y 1 A ASP 6   ? CG  ? A ASP 5   CG  
6  1 Y 1 A ASP 6   ? OD1 ? A ASP 5   OD1 
7  1 Y 1 A ASP 6   ? OD2 ? A ASP 5   OD2 
8  1 Y 1 A GLU 23  ? CG  ? A GLU 22  CG  
9  1 Y 1 A GLU 23  ? CD  ? A GLU 22  CD  
10 1 Y 1 A GLU 23  ? OE1 ? A GLU 22  OE1 
11 1 Y 1 A GLU 23  ? OE2 ? A GLU 22  OE2 
12 1 Y 1 A ASP 83  ? CG  ? A ASP 82  CG  
13 1 Y 1 A ASP 83  ? OD1 ? A ASP 82  OD1 
14 1 Y 1 A ASP 83  ? OD2 ? A ASP 82  OD2 
15 1 Y 1 A ASP 85  ? CG  ? A ASP 84  CG  
16 1 Y 1 A ASP 85  ? OD1 ? A ASP 84  OD1 
17 1 Y 1 A ASP 85  ? OD2 ? A ASP 84  OD2 
18 1 Y 1 A ARG 100 ? NH1 ? A ARG 99  NH1 
19 1 Y 1 A LYS 105 ? CG  ? A LYS 104 CG  
20 1 Y 1 A LYS 105 ? CD  ? A LYS 104 CD  
21 1 Y 1 A LYS 105 ? CE  ? A LYS 104 CE  
22 1 Y 1 A LYS 105 ? NZ  ? A LYS 104 NZ  
23 1 Y 1 A ARG 106 ? CG  ? A ARG 105 CG  
24 1 Y 1 A ARG 106 ? CD  ? A ARG 105 CD  
25 1 Y 1 A ARG 106 ? NE  ? A ARG 105 NE  
26 1 Y 1 A ARG 106 ? CZ  ? A ARG 105 CZ  
27 1 Y 1 A ARG 106 ? NH1 ? A ARG 105 NH1 
28 1 Y 1 A ARG 106 ? NH2 ? A ARG 105 NH2 
29 1 Y 1 A ASP 170 ? CG  ? A ASP 169 CG  
30 1 Y 1 A ASP 170 ? OD1 ? A ASP 169 OD1 
31 1 Y 1 A ASP 170 ? OD2 ? A ASP 169 OD2 
32 1 Y 1 A ARG 184 ? CG  ? A ARG 183 CG  
33 1 Y 1 A ARG 184 ? CD  ? A ARG 183 CD  
34 1 Y 1 A ARG 184 ? NE  ? A ARG 183 NE  
35 1 Y 1 A ARG 184 ? CZ  ? A ARG 183 CZ  
36 1 Y 1 A ARG 184 ? NH1 ? A ARG 183 NH1 
37 1 Y 1 A ARG 184 ? NH2 ? A ARG 183 NH2 
38 1 Y 1 A LYS 187 ? CG  ? A LYS 186 CG  
39 1 Y 1 A LYS 187 ? CD  ? A LYS 186 CD  
40 1 Y 1 A LYS 187 ? CE  ? A LYS 186 CE  
41 1 Y 1 A LYS 187 ? NZ  ? A LYS 186 NZ  
42 1 Y 1 A GLU 188 ? CG  ? A GLU 187 CG  
43 1 Y 1 A GLU 188 ? CD  ? A GLU 187 CD  
44 1 Y 1 A GLU 188 ? OE1 ? A GLU 187 OE1 
45 1 Y 1 A GLU 188 ? OE2 ? A GLU 187 OE2 
46 1 Y 1 A GLU 189 ? CG  ? A GLU 188 CG  
47 1 Y 1 A GLU 189 ? CD  ? A GLU 188 CD  
48 1 Y 1 A GLU 189 ? OE1 ? A GLU 188 OE1 
49 1 Y 1 A GLU 189 ? OE2 ? A GLU 188 OE2 
50 1 Y 1 A ARG 190 ? CG  ? A ARG 189 CG  
51 1 Y 1 A ARG 190 ? CD  ? A ARG 189 CD  
52 1 Y 1 A ARG 190 ? NE  ? A ARG 189 NE  
53 1 Y 1 A ARG 190 ? CZ  ? A ARG 189 CZ  
54 1 Y 1 A ARG 190 ? NH1 ? A ARG 189 NH1 
55 1 Y 1 A ARG 190 ? NH2 ? A ARG 189 NH2 
56 1 Y 1 A ASP 206 ? CG  ? A ASP 205 CG  
57 1 Y 1 A ASP 206 ? OD1 ? A ASP 205 OD1 
58 1 Y 1 A ASP 206 ? OD2 ? A ASP 205 OD2 
# 
loop_
_software.citation_id 
_software.classification 
_software.compiler_name 
_software.compiler_version 
_software.contact_author 
_software.contact_author_email 
_software.date 
_software.description 
_software.dependencies 
_software.hardware 
_software.language 
_software.location 
_software.mods 
_software.name 
_software.os 
_software.os_version 
_software.type 
_software.version 
_software.pdbx_ordinal 
? refinement       ? ? ? ? ? ? ? ? ? ? ? PHENIX  ? ? ? 1.2 1 
? 'data scaling'   ? ? ? ? ? ? ? ? ? ? ? Aimless ? ? ? .   2 
? 'data reduction' ? ? ? ? ? ? ? ? ? ? ? iMOSFLM ? ? ? .   3 
? phasing          ? ? ? ? ? ? ? ? ? ? ? PHASER  ? ? ? .   4 
# 
_cell.angle_alpha                  90.00 
_cell.angle_alpha_esd              ? 
_cell.angle_beta                   105.08 
_cell.angle_beta_esd               ? 
_cell.angle_gamma                  90.00 
_cell.angle_gamma_esd              ? 
_cell.entry_id                     8IIL 
_cell.details                      ? 
_cell.formula_units_Z              ? 
_cell.length_a                     36.780 
_cell.length_a_esd                 ? 
_cell.length_b                     50.830 
_cell.length_b_esd                 ? 
_cell.length_c                     55.420 
_cell.length_c_esd                 ? 
_cell.volume                       ? 
_cell.volume_esd                   ? 
_cell.Z_PDB                        2 
_cell.reciprocal_angle_alpha       ? 
_cell.reciprocal_angle_beta        ? 
_cell.reciprocal_angle_gamma       ? 
_cell.reciprocal_angle_alpha_esd   ? 
_cell.reciprocal_angle_beta_esd    ? 
_cell.reciprocal_angle_gamma_esd   ? 
_cell.reciprocal_length_a          ? 
_cell.reciprocal_length_b          ? 
_cell.reciprocal_length_c          ? 
_cell.reciprocal_length_a_esd      ? 
_cell.reciprocal_length_b_esd      ? 
_cell.reciprocal_length_c_esd      ? 
_cell.pdbx_unique_axis             ? 
_cell.pdbx_esd_method              ? 
# 
_symmetry.entry_id                         8IIL 
_symmetry.cell_setting                     ? 
_symmetry.Int_Tables_number                4 
_symmetry.space_group_name_Hall            ? 
_symmetry.space_group_name_H-M             'P 1 21 1' 
_symmetry.pdbx_full_space_group_name_H-M   ? 
# 
_exptl.absorpt_coefficient_mu     ? 
_exptl.absorpt_correction_T_max   ? 
_exptl.absorpt_correction_T_min   ? 
_exptl.absorpt_correction_type    ? 
_exptl.absorpt_process_details    ? 
_exptl.entry_id                   8IIL 
_exptl.crystals_number            1 
_exptl.details                    ? 
_exptl.method                     'X-RAY DIFFRACTION' 
_exptl.method_details             ? 
# 
_exptl_crystal.colour                       ? 
_exptl_crystal.density_diffrn               ? 
_exptl_crystal.density_Matthews             2.30 
_exptl_crystal.density_method               ? 
_exptl_crystal.density_percent_sol          46.55 
_exptl_crystal.description                  ? 
_exptl_crystal.F_000                        ? 
_exptl_crystal.id                           1 
_exptl_crystal.preparation                  ? 
_exptl_crystal.size_max                     ? 
_exptl_crystal.size_mid                     ? 
_exptl_crystal.size_min                     ? 
_exptl_crystal.size_rad                     ? 
_exptl_crystal.colour_lustre                ? 
_exptl_crystal.colour_modifier              ? 
_exptl_crystal.colour_primary               ? 
_exptl_crystal.density_meas                 ? 
_exptl_crystal.density_meas_esd             ? 
_exptl_crystal.density_meas_gt              ? 
_exptl_crystal.density_meas_lt              ? 
_exptl_crystal.density_meas_temp            ? 
_exptl_crystal.density_meas_temp_esd        ? 
_exptl_crystal.density_meas_temp_gt         ? 
_exptl_crystal.density_meas_temp_lt         ? 
_exptl_crystal.pdbx_crystal_image_url       ? 
_exptl_crystal.pdbx_crystal_image_format    ? 
_exptl_crystal.pdbx_mosaicity               ? 
_exptl_crystal.pdbx_mosaicity_esd           ? 
_exptl_crystal.pdbx_mosaic_method           ? 
_exptl_crystal.pdbx_mosaic_block_size       ? 
_exptl_crystal.pdbx_mosaic_block_size_esd   ? 
# 
_exptl_crystal_grow.apparatus       ? 
_exptl_crystal_grow.atmosphere      ? 
_exptl_crystal_grow.crystal_id      1 
_exptl_crystal_grow.details         ? 
_exptl_crystal_grow.method          MICROBATCH 
_exptl_crystal_grow.method_ref      ? 
_exptl_crystal_grow.pH              7.0 
_exptl_crystal_grow.pressure        ? 
_exptl_crystal_grow.pressure_esd    ? 
_exptl_crystal_grow.seeding         ? 
_exptl_crystal_grow.seeding_ref     ? 
_exptl_crystal_grow.temp_details    ? 
_exptl_crystal_grow.temp_esd        ? 
_exptl_crystal_grow.time            ? 
_exptl_crystal_grow.pdbx_details    '2.0M Ammonium citrate tribasic pH7.0, 0.1M BIS-TRIS propane pH7.0' 
_exptl_crystal_grow.pdbx_pH_range   6.8-7.2 
_exptl_crystal_grow.temp            295 
# 
_diffrn.ambient_environment              ? 
_diffrn.ambient_temp                     100 
_diffrn.ambient_temp_details             ? 
_diffrn.ambient_temp_esd                 ? 
_diffrn.crystal_id                       1 
_diffrn.crystal_support                  ? 
_diffrn.crystal_treatment                ? 
_diffrn.details                          ? 
_diffrn.id                               1 
_diffrn.ambient_pressure                 ? 
_diffrn.ambient_pressure_esd             ? 
_diffrn.ambient_pressure_gt              ? 
_diffrn.ambient_pressure_lt              ? 
_diffrn.ambient_temp_gt                  ? 
_diffrn.ambient_temp_lt                  ? 
_diffrn.pdbx_serial_crystal_experiment   N 
# 
_diffrn_detector.details                      ? 
_diffrn_detector.detector                     'IMAGE PLATE' 
_diffrn_detector.diffrn_id                    1 
_diffrn_detector.type                         'MAR scanner 345 mm plate' 
_diffrn_detector.area_resol_mean              ? 
_diffrn_detector.dtime                        ? 
_diffrn_detector.pdbx_frames_total            ? 
_diffrn_detector.pdbx_collection_time_total   ? 
_diffrn_detector.pdbx_collection_date         2021-07-03 
_diffrn_detector.pdbx_frequency               ? 
_diffrn_detector.id                           ? 
_diffrn_detector.number_of_axes               ? 
# 
_diffrn_radiation.collimation                      ? 
_diffrn_radiation.diffrn_id                        1 
_diffrn_radiation.filter_edge                      ? 
_diffrn_radiation.inhomogeneity                    ? 
_diffrn_radiation.monochromator                    M 
_diffrn_radiation.polarisn_norm                    ? 
_diffrn_radiation.polarisn_ratio                   ? 
_diffrn_radiation.probe                            ? 
_diffrn_radiation.type                             ? 
_diffrn_radiation.xray_symbol                      ? 
_diffrn_radiation.wavelength_id                    1 
_diffrn_radiation.pdbx_monochromatic_or_laue_m_l   M 
_diffrn_radiation.pdbx_wavelength_list             ? 
_diffrn_radiation.pdbx_wavelength                  ? 
_diffrn_radiation.pdbx_diffrn_protocol             'SINGLE WAVELENGTH' 
_diffrn_radiation.pdbx_analyzer                    ? 
_diffrn_radiation.pdbx_scattering_type             x-ray 
# 
_diffrn_radiation_wavelength.id           1 
_diffrn_radiation_wavelength.wavelength   1.54179 
_diffrn_radiation_wavelength.wt           1.0 
# 
_diffrn_source.current                     ? 
_diffrn_source.details                     ? 
_diffrn_source.diffrn_id                   1 
_diffrn_source.power                       ? 
_diffrn_source.size                        ? 
_diffrn_source.source                      'ROTATING ANODE' 
_diffrn_source.target                      ? 
_diffrn_source.type                        'BRUKER AXS MICROSTAR' 
_diffrn_source.voltage                     ? 
_diffrn_source.take-off_angle              ? 
_diffrn_source.pdbx_wavelength_list        1.54179 
_diffrn_source.pdbx_wavelength             ? 
_diffrn_source.pdbx_synchrotron_beamline   ? 
_diffrn_source.pdbx_synchrotron_site       ? 
# 
_reflns.B_iso_Wilson_estimate                          ? 
_reflns.entry_id                                       8IIL 
_reflns.data_reduction_details                         ? 
_reflns.data_reduction_method                          ? 
_reflns.d_resolution_high                              2.30 
_reflns.d_resolution_low                               53.51 
_reflns.details                                        ? 
_reflns.limit_h_max                                    ? 
_reflns.limit_h_min                                    ? 
_reflns.limit_k_max                                    ? 
_reflns.limit_k_min                                    ? 
_reflns.limit_l_max                                    ? 
_reflns.limit_l_min                                    ? 
_reflns.number_all                                     ? 
_reflns.number_obs                                     8891 
_reflns.observed_criterion                             ? 
_reflns.observed_criterion_F_max                       ? 
_reflns.observed_criterion_F_min                       ? 
_reflns.observed_criterion_I_max                       ? 
_reflns.observed_criterion_I_min                       ? 
_reflns.observed_criterion_sigma_F                     ? 
_reflns.observed_criterion_sigma_I                     ? 
_reflns.percent_possible_obs                           100.0 
_reflns.R_free_details                                 ? 
_reflns.Rmerge_F_all                                   ? 
_reflns.Rmerge_F_obs                                   ? 
_reflns.Friedel_coverage                               ? 
_reflns.number_gt                                      ? 
_reflns.threshold_expression                           ? 
_reflns.pdbx_redundancy                                4.8 
_reflns.pdbx_netI_over_av_sigmaI                       ? 
_reflns.pdbx_netI_over_sigmaI                          8.4 
_reflns.pdbx_res_netI_over_av_sigmaI_2                 ? 
_reflns.pdbx_res_netI_over_sigmaI_2                    ? 
_reflns.pdbx_chi_squared                               ? 
_reflns.pdbx_scaling_rejects                           ? 
_reflns.pdbx_d_res_high_opt                            ? 
_reflns.pdbx_d_res_low_opt                             ? 
_reflns.pdbx_d_res_opt_method                          ? 
_reflns.phase_calculation_details                      ? 
_reflns.pdbx_Rrim_I_all                                0.160 
_reflns.pdbx_Rpim_I_all                                0.100 
_reflns.pdbx_d_opt                                     ? 
_reflns.pdbx_number_measured_all                       ? 
_reflns.pdbx_diffrn_id                                 1 
_reflns.pdbx_ordinal                                   1 
_reflns.pdbx_CC_half                                   0.991 
_reflns.pdbx_CC_star                                   ? 
_reflns.pdbx_R_split                                   ? 
_reflns.pdbx_Rmerge_I_obs                              0.123 
_reflns.pdbx_Rmerge_I_all                              ? 
_reflns.pdbx_Rsym_value                                ? 
_reflns.pdbx_CC_split_method                           ? 
_reflns.pdbx_aniso_diffraction_limit_axis_1_ortho[1]   ? 
_reflns.pdbx_aniso_diffraction_limit_axis_1_ortho[2]   ? 
_reflns.pdbx_aniso_diffraction_limit_axis_1_ortho[3]   ? 
_reflns.pdbx_aniso_diffraction_limit_axis_2_ortho[1]   ? 
_reflns.pdbx_aniso_diffraction_limit_axis_2_ortho[2]   ? 
_reflns.pdbx_aniso_diffraction_limit_axis_2_ortho[3]   ? 
_reflns.pdbx_aniso_diffraction_limit_axis_3_ortho[1]   ? 
_reflns.pdbx_aniso_diffraction_limit_axis_3_ortho[2]   ? 
_reflns.pdbx_aniso_diffraction_limit_axis_3_ortho[3]   ? 
_reflns.pdbx_aniso_diffraction_limit_1                 ? 
_reflns.pdbx_aniso_diffraction_limit_2                 ? 
_reflns.pdbx_aniso_diffraction_limit_3                 ? 
_reflns.pdbx_aniso_B_tensor_eigenvector_1_ortho[1]     ? 
_reflns.pdbx_aniso_B_tensor_eigenvector_1_ortho[2]     ? 
_reflns.pdbx_aniso_B_tensor_eigenvector_1_ortho[3]     ? 
_reflns.pdbx_aniso_B_tensor_eigenvector_2_ortho[1]     ? 
_reflns.pdbx_aniso_B_tensor_eigenvector_2_ortho[2]     ? 
_reflns.pdbx_aniso_B_tensor_eigenvector_2_ortho[3]     ? 
_reflns.pdbx_aniso_B_tensor_eigenvector_3_ortho[1]     ? 
_reflns.pdbx_aniso_B_tensor_eigenvector_3_ortho[2]     ? 
_reflns.pdbx_aniso_B_tensor_eigenvector_3_ortho[3]     ? 
_reflns.pdbx_aniso_B_tensor_eigenvalue_1               ? 
_reflns.pdbx_aniso_B_tensor_eigenvalue_2               ? 
_reflns.pdbx_aniso_B_tensor_eigenvalue_3               ? 
_reflns.pdbx_orthogonalization_convention              ? 
_reflns.pdbx_percent_possible_ellipsoidal              ? 
_reflns.pdbx_percent_possible_spherical                ? 
_reflns.pdbx_percent_possible_ellipsoidal_anomalous    ? 
_reflns.pdbx_percent_possible_spherical_anomalous      ? 
_reflns.pdbx_redundancy_anomalous                      ? 
_reflns.pdbx_CC_half_anomalous                         ? 
_reflns.pdbx_absDiff_over_sigma_anomalous              ? 
_reflns.pdbx_percent_possible_anomalous                ? 
_reflns.pdbx_observed_signal_threshold                 ? 
_reflns.pdbx_signal_type                               ? 
_reflns.pdbx_signal_details                            ? 
_reflns.pdbx_signal_software_id                        ? 
# 
_reflns_shell.d_res_high                                    2.30 
_reflns_shell.d_res_low                                     2.38 
_reflns_shell.meanI_over_sigI_all                           ? 
_reflns_shell.meanI_over_sigI_obs                           ? 
_reflns_shell.number_measured_all                           ? 
_reflns_shell.number_measured_obs                           ? 
_reflns_shell.number_possible                               ? 
_reflns_shell.number_unique_all                             ? 
_reflns_shell.number_unique_obs                             828 
_reflns_shell.percent_possible_obs                          ? 
_reflns_shell.Rmerge_F_all                                  ? 
_reflns_shell.Rmerge_F_obs                                  ? 
_reflns_shell.meanI_over_sigI_gt                            ? 
_reflns_shell.meanI_over_uI_all                             ? 
_reflns_shell.meanI_over_uI_gt                              ? 
_reflns_shell.number_measured_gt                            ? 
_reflns_shell.number_unique_gt                              ? 
_reflns_shell.percent_possible_gt                           ? 
_reflns_shell.Rmerge_F_gt                                   ? 
_reflns_shell.Rmerge_I_gt                                   ? 
_reflns_shell.pdbx_redundancy                               ? 
_reflns_shell.pdbx_chi_squared                              ? 
_reflns_shell.pdbx_netI_over_sigmaI_all                     ? 
_reflns_shell.pdbx_netI_over_sigmaI_obs                     ? 
_reflns_shell.pdbx_Rrim_I_all                               0.771 
_reflns_shell.pdbx_Rpim_I_all                               0.487 
_reflns_shell.pdbx_rejects                                  ? 
_reflns_shell.pdbx_ordinal                                  1 
_reflns_shell.pdbx_diffrn_id                                1 
_reflns_shell.pdbx_CC_half                                  0.611 
_reflns_shell.pdbx_CC_star                                  ? 
_reflns_shell.pdbx_R_split                                  ? 
_reflns_shell.percent_possible_all                          ? 
_reflns_shell.Rmerge_I_all                                  ? 
_reflns_shell.Rmerge_I_obs                                  0.592 
_reflns_shell.pdbx_Rsym_value                               ? 
_reflns_shell.pdbx_percent_possible_ellipsoidal             ? 
_reflns_shell.pdbx_percent_possible_spherical               ? 
_reflns_shell.pdbx_percent_possible_ellipsoidal_anomalous   ? 
_reflns_shell.pdbx_percent_possible_spherical_anomalous     ? 
_reflns_shell.pdbx_redundancy_anomalous                     ? 
_reflns_shell.pdbx_CC_half_anomalous                        ? 
_reflns_shell.pdbx_absDiff_over_sigma_anomalous             ? 
_reflns_shell.pdbx_percent_possible_anomalous               ? 
# 
_refine.aniso_B[1][1]                            ? 
_refine.aniso_B[1][2]                            ? 
_refine.aniso_B[1][3]                            ? 
_refine.aniso_B[2][2]                            ? 
_refine.aniso_B[2][3]                            ? 
_refine.aniso_B[3][3]                            ? 
_refine.B_iso_max                                ? 
_refine.B_iso_mean                               ? 
_refine.B_iso_min                                ? 
_refine.correlation_coeff_Fo_to_Fc               ? 
_refine.correlation_coeff_Fo_to_Fc_free          ? 
_refine.details                                  ? 
_refine.diff_density_max                         ? 
_refine.diff_density_max_esd                     ? 
_refine.diff_density_min                         ? 
_refine.diff_density_min_esd                     ? 
_refine.diff_density_rms                         ? 
_refine.diff_density_rms_esd                     ? 
_refine.entry_id                                 8IIL 
_refine.pdbx_refine_id                           'X-RAY DIFFRACTION' 
_refine.ls_abs_structure_details                 ? 
_refine.ls_abs_structure_Flack                   ? 
_refine.ls_abs_structure_Flack_esd               ? 
_refine.ls_abs_structure_Rogers                  ? 
_refine.ls_abs_structure_Rogers_esd              ? 
_refine.ls_d_res_high                            2.30 
_refine.ls_d_res_low                             36.85 
_refine.ls_extinction_coef                       ? 
_refine.ls_extinction_coef_esd                   ? 
_refine.ls_extinction_expression                 ? 
_refine.ls_extinction_method                     ? 
_refine.ls_goodness_of_fit_all                   ? 
_refine.ls_goodness_of_fit_all_esd               ? 
_refine.ls_goodness_of_fit_obs                   ? 
_refine.ls_goodness_of_fit_obs_esd               ? 
_refine.ls_hydrogen_treatment                    ? 
_refine.ls_matrix_type                           ? 
_refine.ls_number_constraints                    ? 
_refine.ls_number_parameters                     ? 
_refine.ls_number_reflns_all                     ? 
_refine.ls_number_reflns_obs                     8871 
_refine.ls_number_reflns_R_free                  441 
_refine.ls_number_reflns_R_work                  ? 
_refine.ls_number_restraints                     ? 
_refine.ls_percent_reflns_obs                    99.90 
_refine.ls_percent_reflns_R_free                 4.97 
_refine.ls_R_factor_all                          ? 
_refine.ls_R_factor_obs                          0.1935 
_refine.ls_R_factor_R_free                       0.2374 
_refine.ls_R_factor_R_free_error                 ? 
_refine.ls_R_factor_R_free_error_details         ? 
_refine.ls_R_factor_R_work                       0.1913 
_refine.ls_R_Fsqd_factor_obs                     ? 
_refine.ls_R_I_factor_obs                        ? 
_refine.ls_redundancy_reflns_all                 ? 
_refine.ls_redundancy_reflns_obs                 ? 
_refine.ls_restrained_S_all                      ? 
_refine.ls_restrained_S_obs                      ? 
_refine.ls_shift_over_esd_max                    ? 
_refine.ls_shift_over_esd_mean                   ? 
_refine.ls_structure_factor_coef                 ? 
_refine.ls_weighting_details                     ? 
_refine.ls_weighting_scheme                      ? 
_refine.ls_wR_factor_all                         ? 
_refine.ls_wR_factor_obs                         ? 
_refine.ls_wR_factor_R_free                      ? 
_refine.ls_wR_factor_R_work                      ? 
_refine.occupancy_max                            ? 
_refine.occupancy_min                            ? 
_refine.solvent_model_details                    'FLAT BULK SOLVENT MODEL' 
_refine.solvent_model_param_bsol                 ? 
_refine.solvent_model_param_ksol                 ? 
_refine.pdbx_R_complete                          ? 
_refine.ls_R_factor_gt                           ? 
_refine.ls_goodness_of_fit_gt                    ? 
_refine.ls_goodness_of_fit_ref                   ? 
_refine.ls_shift_over_su_max                     ? 
_refine.ls_shift_over_su_max_lt                  ? 
_refine.ls_shift_over_su_mean                    ? 
_refine.ls_shift_over_su_mean_lt                 ? 
_refine.pdbx_ls_sigma_I                          ? 
_refine.pdbx_ls_sigma_F                          1.91 
_refine.pdbx_ls_sigma_Fsqd                       ? 
_refine.pdbx_data_cutoff_high_absF               ? 
_refine.pdbx_data_cutoff_high_rms_absF           ? 
_refine.pdbx_data_cutoff_low_absF                ? 
_refine.pdbx_isotropic_thermal_model             ? 
_refine.pdbx_ls_cross_valid_method               THROUGHOUT 
_refine.pdbx_method_to_determine_struct          'MOLECULAR REPLACEMENT' 
_refine.pdbx_starting_model                      ? 
_refine.pdbx_stereochemistry_target_values       MLHL 
_refine.pdbx_R_Free_selection_details            ? 
_refine.pdbx_stereochem_target_val_spec_case     ? 
_refine.pdbx_overall_ESU_R                       ? 
_refine.pdbx_overall_ESU_R_Free                  ? 
_refine.pdbx_solvent_vdw_probe_radii             1.11 
_refine.pdbx_solvent_ion_probe_radii             ? 
_refine.pdbx_solvent_shrinkage_radii             0.90 
_refine.pdbx_real_space_R                        ? 
_refine.pdbx_density_correlation                 ? 
_refine.pdbx_pd_number_of_powder_patterns        ? 
_refine.pdbx_pd_number_of_points                 ? 
_refine.pdbx_pd_meas_number_of_points            ? 
_refine.pdbx_pd_proc_ls_prof_R_factor            ? 
_refine.pdbx_pd_proc_ls_prof_wR_factor           ? 
_refine.pdbx_pd_Marquardt_correlation_coeff      ? 
_refine.pdbx_pd_Fsqrd_R_factor                   ? 
_refine.pdbx_pd_ls_matrix_band_width             ? 
_refine.pdbx_overall_phase_error                 22.73 
_refine.pdbx_overall_SU_R_free_Cruickshank_DPI   ? 
_refine.pdbx_overall_SU_R_free_Blow_DPI          ? 
_refine.pdbx_overall_SU_R_Blow_DPI               ? 
_refine.pdbx_TLS_residual_ADP_flag               ? 
_refine.pdbx_diffrn_id                           1 
_refine.overall_SU_B                             ? 
_refine.overall_SU_ML                            0.25 
_refine.overall_SU_R_Cruickshank_DPI             ? 
_refine.overall_SU_R_free                        ? 
_refine.overall_FOM_free_R_set                   ? 
_refine.overall_FOM_work_R_set                   ? 
_refine.pdbx_average_fsc_overall                 ? 
_refine.pdbx_average_fsc_work                    ? 
_refine.pdbx_average_fsc_free                    ? 
# 
_refine_hist.pdbx_refine_id                   'X-RAY DIFFRACTION' 
_refine_hist.cycle_id                         LAST 
_refine_hist.pdbx_number_atoms_protein        1467 
_refine_hist.pdbx_number_atoms_nucleic_acid   0 
_refine_hist.pdbx_number_atoms_ligand         16 
_refine_hist.number_atoms_solvent             29 
_refine_hist.number_atoms_total               1512 
_refine_hist.d_res_high                       2.30 
_refine_hist.d_res_low                        36.85 
# 
loop_
_refine_ls_restr.pdbx_refine_id 
_refine_ls_restr.criterion 
_refine_ls_restr.dev_ideal 
_refine_ls_restr.dev_ideal_target 
_refine_ls_restr.number 
_refine_ls_restr.rejects 
_refine_ls_restr.type 
_refine_ls_restr.weight 
_refine_ls_restr.pdbx_restraint_function 
'X-RAY DIFFRACTION' ? 0.009 ? 1582 ? f_bond_d           ? ? 
'X-RAY DIFFRACTION' ? 0.999 ? 2152 ? f_angle_d          ? ? 
'X-RAY DIFFRACTION' ? 6.922 ? 226  ? f_dihedral_angle_d ? ? 
'X-RAY DIFFRACTION' ? 0.058 ? 245  ? f_chiral_restr     ? ? 
'X-RAY DIFFRACTION' ? 0.027 ? 286  ? f_plane_restr      ? ? 
# 
loop_
_refine_ls_shell.pdbx_refine_id 
_refine_ls_shell.d_res_high 
_refine_ls_shell.d_res_low 
_refine_ls_shell.number_reflns_all 
_refine_ls_shell.number_reflns_obs 
_refine_ls_shell.number_reflns_R_free 
_refine_ls_shell.number_reflns_R_work 
_refine_ls_shell.percent_reflns_obs 
_refine_ls_shell.percent_reflns_R_free 
_refine_ls_shell.R_factor_all 
_refine_ls_shell.R_factor_obs 
_refine_ls_shell.R_factor_R_free_error 
_refine_ls_shell.R_factor_R_work 
_refine_ls_shell.redundancy_reflns_all 
_refine_ls_shell.redundancy_reflns_obs 
_refine_ls_shell.wR_factor_all 
_refine_ls_shell.wR_factor_obs 
_refine_ls_shell.wR_factor_R_free 
_refine_ls_shell.wR_factor_R_work 
_refine_ls_shell.pdbx_R_complete 
_refine_ls_shell.pdbx_total_number_of_bins_used 
_refine_ls_shell.pdbx_phase_error 
_refine_ls_shell.pdbx_fsc_work 
_refine_ls_shell.pdbx_fsc_free 
_refine_ls_shell.R_factor_R_free 
'X-RAY DIFFRACTION' 2.30 2.63  . . 156 2784 100.00 . . . . 0.2273 . . . . . . . . . . . 0.2834 
'X-RAY DIFFRACTION' 2.63 3.32  . . 168 2765 100.00 . . . . 0.1967 . . . . . . . . . . . 0.2732 
'X-RAY DIFFRACTION' 3.32 36.85 . . 117 2881 100.00 . . . . 0.1762 . . . . . . . . . . . 0.1907 
# 
_struct.entry_id                     8IIL 
_struct.title                        
'Complex form of MsmUdgX H109G mutant and uracil- obtained from uracil DNA (ttUtt) post its cleavage by MsmUdgX H109G' 
_struct.pdbx_model_details           ? 
_struct.pdbx_formula_weight          ? 
_struct.pdbx_formula_weight_method   ? 
_struct.pdbx_model_type_details      ? 
_struct.pdbx_CASP_flag               N 
# 
_struct_keywords.entry_id        8IIL 
_struct_keywords.text            'UdgX, H109G, Uracil, Complex, protein, DNA BINDING PROTEIN' 
_struct_keywords.pdbx_keywords   'DNA BINDING PROTEIN' 
# 
loop_
_struct_asym.id 
_struct_asym.pdbx_blank_PDB_chainid_flag 
_struct_asym.pdbx_modified 
_struct_asym.entity_id 
_struct_asym.details 
A N N 1 ? 
B N N 2 ? 
C N N 3 ? 
D N N 4 ? 
# 
_struct_ref.id                         1 
_struct_ref.db_name                    UNP 
_struct_ref.db_code                    A0QP43_MYCS2 
_struct_ref.pdbx_db_accession          A0QP43 
_struct_ref.pdbx_db_isoform            ? 
_struct_ref.entity_id                  1 
_struct_ref.pdbx_seq_one_letter_code   
;AGAQDFVPHTADLAELAAAAGECRGCGLYRDATQAVFGAGGRSARIMMIGEQPGDKEDLAGLPFVGPAGRLLDRALEAAD
IDRDALYVTNAVKHFKFTRAAGGKRRIHKTPSRTEVVACRPWLIAEMTSVEPDVVVLLGATAAKALLGNDFRVTQHRGEV
LHVDDVPGDPALVATVHPSSLLRGPKEERESAFAGLVDDLRVAADV
;
_struct_ref.pdbx_align_begin           2 
# 
_struct_ref_seq.align_id                      1 
_struct_ref_seq.ref_id                        1 
_struct_ref_seq.pdbx_PDB_id_code              8IIL 
_struct_ref_seq.pdbx_strand_id                A 
_struct_ref_seq.seq_align_beg                 1 
_struct_ref_seq.pdbx_seq_align_beg_ins_code   ? 
_struct_ref_seq.seq_align_end                 206 
_struct_ref_seq.pdbx_seq_align_end_ins_code   ? 
_struct_ref_seq.pdbx_db_accession             A0QP43 
_struct_ref_seq.db_align_beg                  2 
_struct_ref_seq.pdbx_db_align_beg_ins_code    ? 
_struct_ref_seq.db_align_end                  207 
_struct_ref_seq.pdbx_db_align_end_ins_code    ? 
_struct_ref_seq.pdbx_auth_seq_align_beg       2 
_struct_ref_seq.pdbx_auth_seq_align_end       207 
# 
_struct_ref_seq_dif.align_id                     1 
_struct_ref_seq_dif.pdbx_pdb_id_code             8IIL 
_struct_ref_seq_dif.mon_id                       GLY 
_struct_ref_seq_dif.pdbx_pdb_strand_id           A 
_struct_ref_seq_dif.seq_num                      108 
_struct_ref_seq_dif.pdbx_pdb_ins_code            ? 
_struct_ref_seq_dif.pdbx_seq_db_name             UNP 
_struct_ref_seq_dif.pdbx_seq_db_accession_code   A0QP43 
_struct_ref_seq_dif.db_mon_id                    HIS 
_struct_ref_seq_dif.pdbx_seq_db_seq_num          109 
_struct_ref_seq_dif.details                      'engineered mutation' 
_struct_ref_seq_dif.pdbx_auth_seq_num            109 
_struct_ref_seq_dif.pdbx_ordinal                 1 
# 
_pdbx_struct_assembly.id                   1 
_pdbx_struct_assembly.details              author_and_software_defined_assembly 
_pdbx_struct_assembly.method_details       PISA 
_pdbx_struct_assembly.oligomeric_details   monomeric 
_pdbx_struct_assembly.oligomeric_count     1 
# 
loop_
_pdbx_struct_assembly_prop.biol_id 
_pdbx_struct_assembly_prop.type 
_pdbx_struct_assembly_prop.value 
_pdbx_struct_assembly_prop.details 
1 'ABSA (A^2)' 390  ? 
1 MORE         -21  ? 
1 'SSA (A^2)'  9500 ? 
# 
_pdbx_struct_assembly_gen.assembly_id       1 
_pdbx_struct_assembly_gen.oper_expression   1 
_pdbx_struct_assembly_gen.asym_id_list      A,B,C,D 
# 
_pdbx_struct_assembly_auth_evidence.id                     1 
_pdbx_struct_assembly_auth_evidence.assembly_id            1 
_pdbx_struct_assembly_auth_evidence.experimental_support   'gel filtration' 
_pdbx_struct_assembly_auth_evidence.details                ? 
# 
_pdbx_struct_oper_list.id                   1 
_pdbx_struct_oper_list.type                 'identity operation' 
_pdbx_struct_oper_list.name                 1_555 
_pdbx_struct_oper_list.symmetry_operation   x,y,z 
_pdbx_struct_oper_list.matrix[1][1]         1.0000000000 
_pdbx_struct_oper_list.matrix[1][2]         0.0000000000 
_pdbx_struct_oper_list.matrix[1][3]         0.0000000000 
_pdbx_struct_oper_list.vector[1]            0.0000000000 
_pdbx_struct_oper_list.matrix[2][1]         0.0000000000 
_pdbx_struct_oper_list.matrix[2][2]         1.0000000000 
_pdbx_struct_oper_list.matrix[2][3]         0.0000000000 
_pdbx_struct_oper_list.vector[2]            0.0000000000 
_pdbx_struct_oper_list.matrix[3][1]         0.0000000000 
_pdbx_struct_oper_list.matrix[3][2]         0.0000000000 
_pdbx_struct_oper_list.matrix[3][3]         1.0000000000 
_pdbx_struct_oper_list.vector[3]            0.0000000000 
# 
loop_
_struct_conf.conf_type_id 
_struct_conf.id 
_struct_conf.pdbx_PDB_helix_id 
_struct_conf.beg_label_comp_id 
_struct_conf.beg_label_asym_id 
_struct_conf.beg_label_seq_id 
_struct_conf.pdbx_beg_PDB_ins_code 
_struct_conf.end_label_comp_id 
_struct_conf.end_label_asym_id 
_struct_conf.end_label_seq_id 
_struct_conf.pdbx_end_PDB_ins_code 
_struct_conf.beg_auth_comp_id 
_struct_conf.beg_auth_asym_id 
_struct_conf.beg_auth_seq_id 
_struct_conf.end_auth_comp_id 
_struct_conf.end_auth_asym_id 
_struct_conf.end_auth_seq_id 
_struct_conf.pdbx_PDB_helix_class 
_struct_conf.details 
_struct_conf.pdbx_PDB_helix_length 
HELX_P HELX_P1  AA1 ALA A 3   ? VAL A 7   ? ALA A 4   VAL A 8   5 ? 5  
HELX_P HELX_P2  AA2 ASP A 12  ? GLY A 21  ? ASP A 13  GLY A 22  1 ? 10 
HELX_P HELX_P3  AA3 CYS A 26  ? ARG A 30  ? CYS A 27  ARG A 31  5 ? 5  
HELX_P HELX_P4  AA4 GLY A 54  ? GLY A 61  ? GLY A 55  GLY A 62  1 ? 8  
HELX_P HELX_P5  AA5 GLY A 66  ? ALA A 79  ? GLY A 67  ALA A 80  1 ? 14 
HELX_P HELX_P6  AA6 ASP A 82  ? ASP A 84  ? ASP A 83  ASP A 85  5 ? 3  
HELX_P HELX_P7  AA7 SER A 112 ? GLU A 131 ? SER A 113 GLU A 132 1 ? 20 
HELX_P HELX_P8  AA8 GLY A 139 ? GLY A 148 ? GLY A 140 GLY A 149 1 ? 10 
HELX_P HELX_P9  AA9 ARG A 152 ? ARG A 157 ? ARG A 153 ARG A 158 1 ? 6  
HELX_P HELX_P10 AB1 HIS A 177 ? ARG A 183 ? HIS A 178 ARG A 184 5 ? 7  
HELX_P HELX_P11 AB2 PRO A 185 ? ASP A 205 ? PRO A 186 ASP A 206 1 ? 21 
# 
_struct_conf_type.id          HELX_P 
_struct_conf_type.criteria    ? 
_struct_conf_type.reference   ? 
# 
loop_
_struct_conn.id 
_struct_conn.conn_type_id 
_struct_conn.pdbx_leaving_atom_flag 
_struct_conn.pdbx_PDB_id 
_struct_conn.ptnr1_label_asym_id 
_struct_conn.ptnr1_label_comp_id 
_struct_conn.ptnr1_label_seq_id 
_struct_conn.ptnr1_label_atom_id 
_struct_conn.pdbx_ptnr1_label_alt_id 
_struct_conn.pdbx_ptnr1_PDB_ins_code 
_struct_conn.pdbx_ptnr1_standard_comp_id 
_struct_conn.ptnr1_symmetry 
_struct_conn.ptnr2_label_asym_id 
_struct_conn.ptnr2_label_comp_id 
_struct_conn.ptnr2_label_seq_id 
_struct_conn.ptnr2_label_atom_id 
_struct_conn.pdbx_ptnr2_label_alt_id 
_struct_conn.pdbx_ptnr2_PDB_ins_code 
_struct_conn.ptnr1_auth_asym_id 
_struct_conn.ptnr1_auth_comp_id 
_struct_conn.ptnr1_auth_seq_id 
_struct_conn.ptnr2_auth_asym_id 
_struct_conn.ptnr2_auth_comp_id 
_struct_conn.ptnr2_auth_seq_id 
_struct_conn.ptnr2_symmetry 
_struct_conn.pdbx_ptnr3_label_atom_id 
_struct_conn.pdbx_ptnr3_label_seq_id 
_struct_conn.pdbx_ptnr3_label_comp_id 
_struct_conn.pdbx_ptnr3_label_asym_id 
_struct_conn.pdbx_ptnr3_label_alt_id 
_struct_conn.pdbx_ptnr3_PDB_ins_code 
_struct_conn.details 
_struct_conn.pdbx_dist_value 
_struct_conn.pdbx_value_order 
_struct_conn.pdbx_role 
metalc1 metalc ? ? A CYS 23  SG  ? ? ? 1_555 B SF4 . FE3 ? ? A CYS 24  A SF4 301 1_555 ? ? ? ? ? ? ? 2.312 ? ? 
metalc2 metalc ? ? A CYS 26  SG  ? ? ? 1_555 B SF4 . FE2 ? ? A CYS 27  A SF4 301 1_555 ? ? ? ? ? ? ? 2.260 ? ? 
metalc3 metalc ? ? A HIS 94  ND1 ? ? ? 1_555 B SF4 . FE4 ? ? A HIS 95  A SF4 301 1_555 ? ? ? ? ? ? ? 2.338 ? ? 
metalc4 metalc ? ? A CYS 119 SG  ? ? ? 1_555 B SF4 . FE1 ? ? A CYS 120 A SF4 301 1_555 ? ? ? ? ? ? ? 2.498 ? ? 
# 
_struct_conn_type.id          metalc 
_struct_conn_type.criteria    ? 
_struct_conn_type.reference   ? 
# 
loop_
_pdbx_struct_conn_angle.id 
_pdbx_struct_conn_angle.ptnr1_label_atom_id 
_pdbx_struct_conn_angle.ptnr1_label_alt_id 
_pdbx_struct_conn_angle.ptnr1_label_asym_id 
_pdbx_struct_conn_angle.ptnr1_label_comp_id 
_pdbx_struct_conn_angle.ptnr1_label_seq_id 
_pdbx_struct_conn_angle.ptnr1_auth_atom_id 
_pdbx_struct_conn_angle.ptnr1_auth_asym_id 
_pdbx_struct_conn_angle.ptnr1_auth_comp_id 
_pdbx_struct_conn_angle.ptnr1_auth_seq_id 
_pdbx_struct_conn_angle.ptnr1_PDB_ins_code 
_pdbx_struct_conn_angle.ptnr1_symmetry 
_pdbx_struct_conn_angle.ptnr2_label_atom_id 
_pdbx_struct_conn_angle.ptnr2_label_alt_id 
_pdbx_struct_conn_angle.ptnr2_label_asym_id 
_pdbx_struct_conn_angle.ptnr2_label_comp_id 
_pdbx_struct_conn_angle.ptnr2_label_seq_id 
_pdbx_struct_conn_angle.ptnr2_auth_atom_id 
_pdbx_struct_conn_angle.ptnr2_auth_asym_id 
_pdbx_struct_conn_angle.ptnr2_auth_comp_id 
_pdbx_struct_conn_angle.ptnr2_auth_seq_id 
_pdbx_struct_conn_angle.ptnr2_PDB_ins_code 
_pdbx_struct_conn_angle.ptnr2_symmetry 
_pdbx_struct_conn_angle.ptnr3_label_atom_id 
_pdbx_struct_conn_angle.ptnr3_label_alt_id 
_pdbx_struct_conn_angle.ptnr3_label_asym_id 
_pdbx_struct_conn_angle.ptnr3_label_comp_id 
_pdbx_struct_conn_angle.ptnr3_label_seq_id 
_pdbx_struct_conn_angle.ptnr3_auth_atom_id 
_pdbx_struct_conn_angle.ptnr3_auth_asym_id 
_pdbx_struct_conn_angle.ptnr3_auth_comp_id 
_pdbx_struct_conn_angle.ptnr3_auth_seq_id 
_pdbx_struct_conn_angle.ptnr3_PDB_ins_code 
_pdbx_struct_conn_angle.ptnr3_symmetry 
_pdbx_struct_conn_angle.value 
_pdbx_struct_conn_angle.value_esd 
1  SG  ? A CYS 23  ? A CYS 24  ? 1_555 FE3 ? B SF4 . ? A SF4 301 ? 1_555 S1 ? B SF4 . ? A SF4 301 ? 1_555 123.3 ? 
2  SG  ? A CYS 23  ? A CYS 24  ? 1_555 FE3 ? B SF4 . ? A SF4 301 ? 1_555 S2 ? B SF4 . ? A SF4 301 ? 1_555 104.7 ? 
3  S1  ? B SF4 .   ? A SF4 301 ? 1_555 FE3 ? B SF4 . ? A SF4 301 ? 1_555 S2 ? B SF4 . ? A SF4 301 ? 1_555 103.9 ? 
4  SG  ? A CYS 23  ? A CYS 24  ? 1_555 FE3 ? B SF4 . ? A SF4 301 ? 1_555 S4 ? B SF4 . ? A SF4 301 ? 1_555 116.4 ? 
5  S1  ? B SF4 .   ? A SF4 301 ? 1_555 FE3 ? B SF4 . ? A SF4 301 ? 1_555 S4 ? B SF4 . ? A SF4 301 ? 1_555 103.0 ? 
6  S2  ? B SF4 .   ? A SF4 301 ? 1_555 FE3 ? B SF4 . ? A SF4 301 ? 1_555 S4 ? B SF4 . ? A SF4 301 ? 1_555 103.3 ? 
7  SG  ? A CYS 26  ? A CYS 27  ? 1_555 FE2 ? B SF4 . ? A SF4 301 ? 1_555 S1 ? B SF4 . ? A SF4 301 ? 1_555 120.5 ? 
8  SG  ? A CYS 26  ? A CYS 27  ? 1_555 FE2 ? B SF4 . ? A SF4 301 ? 1_555 S3 ? B SF4 . ? A SF4 301 ? 1_555 102.5 ? 
9  S1  ? B SF4 .   ? A SF4 301 ? 1_555 FE2 ? B SF4 . ? A SF4 301 ? 1_555 S3 ? B SF4 . ? A SF4 301 ? 1_555 102.9 ? 
10 SG  ? A CYS 26  ? A CYS 27  ? 1_555 FE2 ? B SF4 . ? A SF4 301 ? 1_555 S4 ? B SF4 . ? A SF4 301 ? 1_555 123.1 ? 
11 S1  ? B SF4 .   ? A SF4 301 ? 1_555 FE2 ? B SF4 . ? A SF4 301 ? 1_555 S4 ? B SF4 . ? A SF4 301 ? 1_555 102.2 ? 
12 S3  ? B SF4 .   ? A SF4 301 ? 1_555 FE2 ? B SF4 . ? A SF4 301 ? 1_555 S4 ? B SF4 . ? A SF4 301 ? 1_555 102.3 ? 
13 ND1 ? A HIS 94  ? A HIS 95  ? 1_555 FE4 ? B SF4 . ? A SF4 301 ? 1_555 S1 ? B SF4 . ? A SF4 301 ? 1_555 108.5 ? 
14 ND1 ? A HIS 94  ? A HIS 95  ? 1_555 FE4 ? B SF4 . ? A SF4 301 ? 1_555 S2 ? B SF4 . ? A SF4 301 ? 1_555 110.3 ? 
15 S1  ? B SF4 .   ? A SF4 301 ? 1_555 FE4 ? B SF4 . ? A SF4 301 ? 1_555 S2 ? B SF4 . ? A SF4 301 ? 1_555 103.7 ? 
16 ND1 ? A HIS 94  ? A HIS 95  ? 1_555 FE4 ? B SF4 . ? A SF4 301 ? 1_555 S3 ? B SF4 . ? A SF4 301 ? 1_555 125.8 ? 
17 S1  ? B SF4 .   ? A SF4 301 ? 1_555 FE4 ? B SF4 . ? A SF4 301 ? 1_555 S3 ? B SF4 . ? A SF4 301 ? 1_555 103.2 ? 
18 S2  ? B SF4 .   ? A SF4 301 ? 1_555 FE4 ? B SF4 . ? A SF4 301 ? 1_555 S3 ? B SF4 . ? A SF4 301 ? 1_555 103.1 ? 
19 SG  ? A CYS 119 ? A CYS 120 ? 1_555 FE1 ? B SF4 . ? A SF4 301 ? 1_555 S2 ? B SF4 . ? A SF4 301 ? 1_555 116.2 ? 
20 SG  ? A CYS 119 ? A CYS 120 ? 1_555 FE1 ? B SF4 . ? A SF4 301 ? 1_555 S3 ? B SF4 . ? A SF4 301 ? 1_555 116.6 ? 
21 S2  ? B SF4 .   ? A SF4 301 ? 1_555 FE1 ? B SF4 . ? A SF4 301 ? 1_555 S3 ? B SF4 . ? A SF4 301 ? 1_555 103.2 ? 
22 SG  ? A CYS 119 ? A CYS 120 ? 1_555 FE1 ? B SF4 . ? A SF4 301 ? 1_555 S4 ? B SF4 . ? A SF4 301 ? 1_555 114.2 ? 
23 S2  ? B SF4 .   ? A SF4 301 ? 1_555 FE1 ? B SF4 . ? A SF4 301 ? 1_555 S4 ? B SF4 . ? A SF4 301 ? 1_555 102.2 ? 
24 S3  ? B SF4 .   ? A SF4 301 ? 1_555 FE1 ? B SF4 . ? A SF4 301 ? 1_555 S4 ? B SF4 . ? A SF4 301 ? 1_555 102.5 ? 
# 
loop_
_struct_sheet.id 
_struct_sheet.type 
_struct_sheet.number_strands 
_struct_sheet.details 
AA1 ? 4 ? 
AA2 ? 2 ? 
# 
loop_
_struct_sheet_order.sheet_id 
_struct_sheet_order.range_id_1 
_struct_sheet_order.range_id_2 
_struct_sheet_order.offset 
_struct_sheet_order.sense 
AA1 1 2 ? parallel      
AA1 2 3 ? parallel      
AA1 3 4 ? parallel      
AA2 1 2 ? anti-parallel 
# 
loop_
_struct_sheet_range.sheet_id 
_struct_sheet_range.id 
_struct_sheet_range.beg_label_comp_id 
_struct_sheet_range.beg_label_asym_id 
_struct_sheet_range.beg_label_seq_id 
_struct_sheet_range.pdbx_beg_PDB_ins_code 
_struct_sheet_range.end_label_comp_id 
_struct_sheet_range.end_label_asym_id 
_struct_sheet_range.end_label_seq_id 
_struct_sheet_range.pdbx_end_PDB_ins_code 
_struct_sheet_range.beg_auth_comp_id 
_struct_sheet_range.beg_auth_asym_id 
_struct_sheet_range.beg_auth_seq_id 
_struct_sheet_range.end_auth_comp_id 
_struct_sheet_range.end_auth_asym_id 
_struct_sheet_range.end_auth_seq_id 
AA1 1 LEU A 86  ? ASN A 90  ? LEU A 87  ASN A 91  
AA1 2 ILE A 46  ? GLY A 50  ? ILE A 47  GLY A 51  
AA1 3 VAL A 134 ? LEU A 138 ? VAL A 135 LEU A 139 
AA1 4 ALA A 171 ? THR A 175 ? ALA A 172 THR A 176 
AA2 1 PHE A 97  ? THR A 98  ? PHE A 98  THR A 99  
AA2 2 ILE A 107 ? GLY A 108 ? ILE A 108 GLY A 109 
# 
loop_
_pdbx_struct_sheet_hbond.sheet_id 
_pdbx_struct_sheet_hbond.range_id_1 
_pdbx_struct_sheet_hbond.range_id_2 
_pdbx_struct_sheet_hbond.range_1_label_atom_id 
_pdbx_struct_sheet_hbond.range_1_label_comp_id 
_pdbx_struct_sheet_hbond.range_1_label_asym_id 
_pdbx_struct_sheet_hbond.range_1_label_seq_id 
_pdbx_struct_sheet_hbond.range_1_PDB_ins_code 
_pdbx_struct_sheet_hbond.range_1_auth_atom_id 
_pdbx_struct_sheet_hbond.range_1_auth_comp_id 
_pdbx_struct_sheet_hbond.range_1_auth_asym_id 
_pdbx_struct_sheet_hbond.range_1_auth_seq_id 
_pdbx_struct_sheet_hbond.range_2_label_atom_id 
_pdbx_struct_sheet_hbond.range_2_label_comp_id 
_pdbx_struct_sheet_hbond.range_2_label_asym_id 
_pdbx_struct_sheet_hbond.range_2_label_seq_id 
_pdbx_struct_sheet_hbond.range_2_PDB_ins_code 
_pdbx_struct_sheet_hbond.range_2_auth_atom_id 
_pdbx_struct_sheet_hbond.range_2_auth_comp_id 
_pdbx_struct_sheet_hbond.range_2_auth_asym_id 
_pdbx_struct_sheet_hbond.range_2_auth_seq_id 
AA1 1 2 O THR A 89  ? O THR A 90  N MET A 48  ? N MET A 49  
AA1 2 3 N MET A 47  ? N MET A 48  O VAL A 136 ? O VAL A 137 
AA1 3 4 N LEU A 137 ? N LEU A 138 O VAL A 173 ? O VAL A 174 
AA2 1 2 N THR A 98  ? N THR A 99  O ILE A 107 ? O ILE A 108 
# 
loop_
_pdbx_validate_torsion.id 
_pdbx_validate_torsion.PDB_model_num 
_pdbx_validate_torsion.auth_comp_id 
_pdbx_validate_torsion.auth_asym_id 
_pdbx_validate_torsion.auth_seq_id 
_pdbx_validate_torsion.PDB_ins_code 
_pdbx_validate_torsion.label_alt_id 
_pdbx_validate_torsion.phi 
_pdbx_validate_torsion.psi 
1 1 ARG A 106 ? ? 85.85 144.86 
2 1 ASP A 170 ? ? 39.26 57.25  
# 
_pdbx_entry_details.entry_id                 8IIL 
_pdbx_entry_details.has_ligand_of_interest   Y 
_pdbx_entry_details.compound_details         ? 
_pdbx_entry_details.source_details           ? 
_pdbx_entry_details.nonpolymer_details       ? 
_pdbx_entry_details.sequence_details         ? 
# 
loop_
_chem_comp_atom.comp_id 
_chem_comp_atom.atom_id 
_chem_comp_atom.type_symbol 
_chem_comp_atom.pdbx_aromatic_flag 
_chem_comp_atom.pdbx_stereo_config 
_chem_comp_atom.pdbx_ordinal 
ALA N    N  N N 1   
ALA CA   C  N S 2   
ALA C    C  N N 3   
ALA O    O  N N 4   
ALA CB   C  N N 5   
ALA OXT  O  N N 6   
ALA H    H  N N 7   
ALA H2   H  N N 8   
ALA HA   H  N N 9   
ALA HB1  H  N N 10  
ALA HB2  H  N N 11  
ALA HB3  H  N N 12  
ALA HXT  H  N N 13  
ARG N    N  N N 14  
ARG CA   C  N S 15  
ARG C    C  N N 16  
ARG O    O  N N 17  
ARG CB   C  N N 18  
ARG CG   C  N N 19  
ARG CD   C  N N 20  
ARG NE   N  N N 21  
ARG CZ   C  N N 22  
ARG NH1  N  N N 23  
ARG NH2  N  N N 24  
ARG OXT  O  N N 25  
ARG H    H  N N 26  
ARG H2   H  N N 27  
ARG HA   H  N N 28  
ARG HB2  H  N N 29  
ARG HB3  H  N N 30  
ARG HG2  H  N N 31  
ARG HG3  H  N N 32  
ARG HD2  H  N N 33  
ARG HD3  H  N N 34  
ARG HE   H  N N 35  
ARG HH11 H  N N 36  
ARG HH12 H  N N 37  
ARG HH21 H  N N 38  
ARG HH22 H  N N 39  
ARG HXT  H  N N 40  
ASN N    N  N N 41  
ASN CA   C  N S 42  
ASN C    C  N N 43  
ASN O    O  N N 44  
ASN CB   C  N N 45  
ASN CG   C  N N 46  
ASN OD1  O  N N 47  
ASN ND2  N  N N 48  
ASN OXT  O  N N 49  
ASN H    H  N N 50  
ASN H2   H  N N 51  
ASN HA   H  N N 52  
ASN HB2  H  N N 53  
ASN HB3  H  N N 54  
ASN HD21 H  N N 55  
ASN HD22 H  N N 56  
ASN HXT  H  N N 57  
ASP N    N  N N 58  
ASP CA   C  N S 59  
ASP C    C  N N 60  
ASP O    O  N N 61  
ASP CB   C  N N 62  
ASP CG   C  N N 63  
ASP OD1  O  N N 64  
ASP OD2  O  N N 65  
ASP OXT  O  N N 66  
ASP H    H  N N 67  
ASP H2   H  N N 68  
ASP HA   H  N N 69  
ASP HB2  H  N N 70  
ASP HB3  H  N N 71  
ASP HD2  H  N N 72  
ASP HXT  H  N N 73  
CYS N    N  N N 74  
CYS CA   C  N R 75  
CYS C    C  N N 76  
CYS O    O  N N 77  
CYS CB   C  N N 78  
CYS SG   S  N N 79  
CYS OXT  O  N N 80  
CYS H    H  N N 81  
CYS H2   H  N N 82  
CYS HA   H  N N 83  
CYS HB2  H  N N 84  
CYS HB3  H  N N 85  
CYS HG   H  N N 86  
CYS HXT  H  N N 87  
GLN N    N  N N 88  
GLN CA   C  N S 89  
GLN C    C  N N 90  
GLN O    O  N N 91  
GLN CB   C  N N 92  
GLN CG   C  N N 93  
GLN CD   C  N N 94  
GLN OE1  O  N N 95  
GLN NE2  N  N N 96  
GLN OXT  O  N N 97  
GLN H    H  N N 98  
GLN H2   H  N N 99  
GLN HA   H  N N 100 
GLN HB2  H  N N 101 
GLN HB3  H  N N 102 
GLN HG2  H  N N 103 
GLN HG3  H  N N 104 
GLN HE21 H  N N 105 
GLN HE22 H  N N 106 
GLN HXT  H  N N 107 
GLU N    N  N N 108 
GLU CA   C  N S 109 
GLU C    C  N N 110 
GLU O    O  N N 111 
GLU CB   C  N N 112 
GLU CG   C  N N 113 
GLU CD   C  N N 114 
GLU OE1  O  N N 115 
GLU OE2  O  N N 116 
GLU OXT  O  N N 117 
GLU H    H  N N 118 
GLU H2   H  N N 119 
GLU HA   H  N N 120 
GLU HB2  H  N N 121 
GLU HB3  H  N N 122 
GLU HG2  H  N N 123 
GLU HG3  H  N N 124 
GLU HE2  H  N N 125 
GLU HXT  H  N N 126 
GLY N    N  N N 127 
GLY CA   C  N N 128 
GLY C    C  N N 129 
GLY O    O  N N 130 
GLY OXT  O  N N 131 
GLY H    H  N N 132 
GLY H2   H  N N 133 
GLY HA2  H  N N 134 
GLY HA3  H  N N 135 
GLY HXT  H  N N 136 
HIS N    N  N N 137 
HIS CA   C  N S 138 
HIS C    C  N N 139 
HIS O    O  N N 140 
HIS CB   C  N N 141 
HIS CG   C  Y N 142 
HIS ND1  N  Y N 143 
HIS CD2  C  Y N 144 
HIS CE1  C  Y N 145 
HIS NE2  N  Y N 146 
HIS OXT  O  N N 147 
HIS H    H  N N 148 
HIS H2   H  N N 149 
HIS HA   H  N N 150 
HIS HB2  H  N N 151 
HIS HB3  H  N N 152 
HIS HD1  H  N N 153 
HIS HD2  H  N N 154 
HIS HE1  H  N N 155 
HIS HE2  H  N N 156 
HIS HXT  H  N N 157 
HOH O    O  N N 158 
HOH H1   H  N N 159 
HOH H2   H  N N 160 
ILE N    N  N N 161 
ILE CA   C  N S 162 
ILE C    C  N N 163 
ILE O    O  N N 164 
ILE CB   C  N S 165 
ILE CG1  C  N N 166 
ILE CG2  C  N N 167 
ILE CD1  C  N N 168 
ILE OXT  O  N N 169 
ILE H    H  N N 170 
ILE H2   H  N N 171 
ILE HA   H  N N 172 
ILE HB   H  N N 173 
ILE HG12 H  N N 174 
ILE HG13 H  N N 175 
ILE HG21 H  N N 176 
ILE HG22 H  N N 177 
ILE HG23 H  N N 178 
ILE HD11 H  N N 179 
ILE HD12 H  N N 180 
ILE HD13 H  N N 181 
ILE HXT  H  N N 182 
LEU N    N  N N 183 
LEU CA   C  N S 184 
LEU C    C  N N 185 
LEU O    O  N N 186 
LEU CB   C  N N 187 
LEU CG   C  N N 188 
LEU CD1  C  N N 189 
LEU CD2  C  N N 190 
LEU OXT  O  N N 191 
LEU H    H  N N 192 
LEU H2   H  N N 193 
LEU HA   H  N N 194 
LEU HB2  H  N N 195 
LEU HB3  H  N N 196 
LEU HG   H  N N 197 
LEU HD11 H  N N 198 
LEU HD12 H  N N 199 
LEU HD13 H  N N 200 
LEU HD21 H  N N 201 
LEU HD22 H  N N 202 
LEU HD23 H  N N 203 
LEU HXT  H  N N 204 
LYS N    N  N N 205 
LYS CA   C  N S 206 
LYS C    C  N N 207 
LYS O    O  N N 208 
LYS CB   C  N N 209 
LYS CG   C  N N 210 
LYS CD   C  N N 211 
LYS CE   C  N N 212 
LYS NZ   N  N N 213 
LYS OXT  O  N N 214 
LYS H    H  N N 215 
LYS H2   H  N N 216 
LYS HA   H  N N 217 
LYS HB2  H  N N 218 
LYS HB3  H  N N 219 
LYS HG2  H  N N 220 
LYS HG3  H  N N 221 
LYS HD2  H  N N 222 
LYS HD3  H  N N 223 
LYS HE2  H  N N 224 
LYS HE3  H  N N 225 
LYS HZ1  H  N N 226 
LYS HZ2  H  N N 227 
LYS HZ3  H  N N 228 
LYS HXT  H  N N 229 
MET N    N  N N 230 
MET CA   C  N S 231 
MET C    C  N N 232 
MET O    O  N N 233 
MET CB   C  N N 234 
MET CG   C  N N 235 
MET SD   S  N N 236 
MET CE   C  N N 237 
MET OXT  O  N N 238 
MET H    H  N N 239 
MET H2   H  N N 240 
MET HA   H  N N 241 
MET HB2  H  N N 242 
MET HB3  H  N N 243 
MET HG2  H  N N 244 
MET HG3  H  N N 245 
MET HE1  H  N N 246 
MET HE2  H  N N 247 
MET HE3  H  N N 248 
MET HXT  H  N N 249 
PHE N    N  N N 250 
PHE CA   C  N S 251 
PHE C    C  N N 252 
PHE O    O  N N 253 
PHE CB   C  N N 254 
PHE CG   C  Y N 255 
PHE CD1  C  Y N 256 
PHE CD2  C  Y N 257 
PHE CE1  C  Y N 258 
PHE CE2  C  Y N 259 
PHE CZ   C  Y N 260 
PHE OXT  O  N N 261 
PHE H    H  N N 262 
PHE H2   H  N N 263 
PHE HA   H  N N 264 
PHE HB2  H  N N 265 
PHE HB3  H  N N 266 
PHE HD1  H  N N 267 
PHE HD2  H  N N 268 
PHE HE1  H  N N 269 
PHE HE2  H  N N 270 
PHE HZ   H  N N 271 
PHE HXT  H  N N 272 
PRO N    N  N N 273 
PRO CA   C  N S 274 
PRO C    C  N N 275 
PRO O    O  N N 276 
PRO CB   C  N N 277 
PRO CG   C  N N 278 
PRO CD   C  N N 279 
PRO OXT  O  N N 280 
PRO H    H  N N 281 
PRO HA   H  N N 282 
PRO HB2  H  N N 283 
PRO HB3  H  N N 284 
PRO HG2  H  N N 285 
PRO HG3  H  N N 286 
PRO HD2  H  N N 287 
PRO HD3  H  N N 288 
PRO HXT  H  N N 289 
SER N    N  N N 290 
SER CA   C  N S 291 
SER C    C  N N 292 
SER O    O  N N 293 
SER CB   C  N N 294 
SER OG   O  N N 295 
SER OXT  O  N N 296 
SER H    H  N N 297 
SER H2   H  N N 298 
SER HA   H  N N 299 
SER HB2  H  N N 300 
SER HB3  H  N N 301 
SER HG   H  N N 302 
SER HXT  H  N N 303 
SF4 FE1  FE N N 304 
SF4 FE2  FE N N 305 
SF4 FE3  FE N N 306 
SF4 FE4  FE N N 307 
SF4 S1   S  N N 308 
SF4 S2   S  N N 309 
SF4 S3   S  N N 310 
SF4 S4   S  N N 311 
THR N    N  N N 312 
THR CA   C  N S 313 
THR C    C  N N 314 
THR O    O  N N 315 
THR CB   C  N R 316 
THR OG1  O  N N 317 
THR CG2  C  N N 318 
THR OXT  O  N N 319 
THR H    H  N N 320 
THR H2   H  N N 321 
THR HA   H  N N 322 
THR HB   H  N N 323 
THR HG1  H  N N 324 
THR HG21 H  N N 325 
THR HG22 H  N N 326 
THR HG23 H  N N 327 
THR HXT  H  N N 328 
TRP N    N  N N 329 
TRP CA   C  N S 330 
TRP C    C  N N 331 
TRP O    O  N N 332 
TRP CB   C  N N 333 
TRP CG   C  Y N 334 
TRP CD1  C  Y N 335 
TRP CD2  C  Y N 336 
TRP NE1  N  Y N 337 
TRP CE2  C  Y N 338 
TRP CE3  C  Y N 339 
TRP CZ2  C  Y N 340 
TRP CZ3  C  Y N 341 
TRP CH2  C  Y N 342 
TRP OXT  O  N N 343 
TRP H    H  N N 344 
TRP H2   H  N N 345 
TRP HA   H  N N 346 
TRP HB2  H  N N 347 
TRP HB3  H  N N 348 
TRP HD1  H  N N 349 
TRP HE1  H  N N 350 
TRP HE3  H  N N 351 
TRP HZ2  H  N N 352 
TRP HZ3  H  N N 353 
TRP HH2  H  N N 354 
TRP HXT  H  N N 355 
TYR N    N  N N 356 
TYR CA   C  N S 357 
TYR C    C  N N 358 
TYR O    O  N N 359 
TYR CB   C  N N 360 
TYR CG   C  Y N 361 
TYR CD1  C  Y N 362 
TYR CD2  C  Y N 363 
TYR CE1  C  Y N 364 
TYR CE2  C  Y N 365 
TYR CZ   C  Y N 366 
TYR OH   O  N N 367 
TYR OXT  O  N N 368 
TYR H    H  N N 369 
TYR H2   H  N N 370 
TYR HA   H  N N 371 
TYR HB2  H  N N 372 
TYR HB3  H  N N 373 
TYR HD1  H  N N 374 
TYR HD2  H  N N 375 
TYR HE1  H  N N 376 
TYR HE2  H  N N 377 
TYR HH   H  N N 378 
TYR HXT  H  N N 379 
URA N1   N  N N 380 
URA C2   C  N N 381 
URA O2   O  N N 382 
URA N3   N  N N 383 
URA C4   C  N N 384 
URA O4   O  N N 385 
URA C5   C  N N 386 
URA C6   C  N N 387 
URA HN1  H  N N 388 
URA HN3  H  N N 389 
URA H5   H  N N 390 
URA H6   H  N N 391 
VAL N    N  N N 392 
VAL CA   C  N S 393 
VAL C    C  N N 394 
VAL O    O  N N 395 
VAL CB   C  N N 396 
VAL CG1  C  N N 397 
VAL CG2  C  N N 398 
VAL OXT  O  N N 399 
VAL H    H  N N 400 
VAL H2   H  N N 401 
VAL HA   H  N N 402 
VAL HB   H  N N 403 
VAL HG11 H  N N 404 
VAL HG12 H  N N 405 
VAL HG13 H  N N 406 
VAL HG21 H  N N 407 
VAL HG22 H  N N 408 
VAL HG23 H  N N 409 
VAL HXT  H  N N 410 
# 
loop_
_chem_comp_bond.comp_id 
_chem_comp_bond.atom_id_1 
_chem_comp_bond.atom_id_2 
_chem_comp_bond.value_order 
_chem_comp_bond.pdbx_aromatic_flag 
_chem_comp_bond.pdbx_stereo_config 
_chem_comp_bond.pdbx_ordinal 
ALA N   CA   sing N N 1   
ALA N   H    sing N N 2   
ALA N   H2   sing N N 3   
ALA CA  C    sing N N 4   
ALA CA  CB   sing N N 5   
ALA CA  HA   sing N N 6   
ALA C   O    doub N N 7   
ALA C   OXT  sing N N 8   
ALA CB  HB1  sing N N 9   
ALA CB  HB2  sing N N 10  
ALA CB  HB3  sing N N 11  
ALA OXT HXT  sing N N 12  
ARG N   CA   sing N N 13  
ARG N   H    sing N N 14  
ARG N   H2   sing N N 15  
ARG CA  C    sing N N 16  
ARG CA  CB   sing N N 17  
ARG CA  HA   sing N N 18  
ARG C   O    doub N N 19  
ARG C   OXT  sing N N 20  
ARG CB  CG   sing N N 21  
ARG CB  HB2  sing N N 22  
ARG CB  HB3  sing N N 23  
ARG CG  CD   sing N N 24  
ARG CG  HG2  sing N N 25  
ARG CG  HG3  sing N N 26  
ARG CD  NE   sing N N 27  
ARG CD  HD2  sing N N 28  
ARG CD  HD3  sing N N 29  
ARG NE  CZ   sing N N 30  
ARG NE  HE   sing N N 31  
ARG CZ  NH1  sing N N 32  
ARG CZ  NH2  doub N N 33  
ARG NH1 HH11 sing N N 34  
ARG NH1 HH12 sing N N 35  
ARG NH2 HH21 sing N N 36  
ARG NH2 HH22 sing N N 37  
ARG OXT HXT  sing N N 38  
ASN N   CA   sing N N 39  
ASN N   H    sing N N 40  
ASN N   H2   sing N N 41  
ASN CA  C    sing N N 42  
ASN CA  CB   sing N N 43  
ASN CA  HA   sing N N 44  
ASN C   O    doub N N 45  
ASN C   OXT  sing N N 46  
ASN CB  CG   sing N N 47  
ASN CB  HB2  sing N N 48  
ASN CB  HB3  sing N N 49  
ASN CG  OD1  doub N N 50  
ASN CG  ND2  sing N N 51  
ASN ND2 HD21 sing N N 52  
ASN ND2 HD22 sing N N 53  
ASN OXT HXT  sing N N 54  
ASP N   CA   sing N N 55  
ASP N   H    sing N N 56  
ASP N   H2   sing N N 57  
ASP CA  C    sing N N 58  
ASP CA  CB   sing N N 59  
ASP CA  HA   sing N N 60  
ASP C   O    doub N N 61  
ASP C   OXT  sing N N 62  
ASP CB  CG   sing N N 63  
ASP CB  HB2  sing N N 64  
ASP CB  HB3  sing N N 65  
ASP CG  OD1  doub N N 66  
ASP CG  OD2  sing N N 67  
ASP OD2 HD2  sing N N 68  
ASP OXT HXT  sing N N 69  
CYS N   CA   sing N N 70  
CYS N   H    sing N N 71  
CYS N   H2   sing N N 72  
CYS CA  C    sing N N 73  
CYS CA  CB   sing N N 74  
CYS CA  HA   sing N N 75  
CYS C   O    doub N N 76  
CYS C   OXT  sing N N 77  
CYS CB  SG   sing N N 78  
CYS CB  HB2  sing N N 79  
CYS CB  HB3  sing N N 80  
CYS SG  HG   sing N N 81  
CYS OXT HXT  sing N N 82  
GLN N   CA   sing N N 83  
GLN N   H    sing N N 84  
GLN N   H2   sing N N 85  
GLN CA  C    sing N N 86  
GLN CA  CB   sing N N 87  
GLN CA  HA   sing N N 88  
GLN C   O    doub N N 89  
GLN C   OXT  sing N N 90  
GLN CB  CG   sing N N 91  
GLN CB  HB2  sing N N 92  
GLN CB  HB3  sing N N 93  
GLN CG  CD   sing N N 94  
GLN CG  HG2  sing N N 95  
GLN CG  HG3  sing N N 96  
GLN CD  OE1  doub N N 97  
GLN CD  NE2  sing N N 98  
GLN NE2 HE21 sing N N 99  
GLN NE2 HE22 sing N N 100 
GLN OXT HXT  sing N N 101 
GLU N   CA   sing N N 102 
GLU N   H    sing N N 103 
GLU N   H2   sing N N 104 
GLU CA  C    sing N N 105 
GLU CA  CB   sing N N 106 
GLU CA  HA   sing N N 107 
GLU C   O    doub N N 108 
GLU C   OXT  sing N N 109 
GLU CB  CG   sing N N 110 
GLU CB  HB2  sing N N 111 
GLU CB  HB3  sing N N 112 
GLU CG  CD   sing N N 113 
GLU CG  HG2  sing N N 114 
GLU CG  HG3  sing N N 115 
GLU CD  OE1  doub N N 116 
GLU CD  OE2  sing N N 117 
GLU OE2 HE2  sing N N 118 
GLU OXT HXT  sing N N 119 
GLY N   CA   sing N N 120 
GLY N   H    sing N N 121 
GLY N   H2   sing N N 122 
GLY CA  C    sing N N 123 
GLY CA  HA2  sing N N 124 
GLY CA  HA3  sing N N 125 
GLY C   O    doub N N 126 
GLY C   OXT  sing N N 127 
GLY OXT HXT  sing N N 128 
HIS N   CA   sing N N 129 
HIS N   H    sing N N 130 
HIS N   H2   sing N N 131 
HIS CA  C    sing N N 132 
HIS CA  CB   sing N N 133 
HIS CA  HA   sing N N 134 
HIS C   O    doub N N 135 
HIS C   OXT  sing N N 136 
HIS CB  CG   sing N N 137 
HIS CB  HB2  sing N N 138 
HIS CB  HB3  sing N N 139 
HIS CG  ND1  sing Y N 140 
HIS CG  CD2  doub Y N 141 
HIS ND1 CE1  doub Y N 142 
HIS ND1 HD1  sing N N 143 
HIS CD2 NE2  sing Y N 144 
HIS CD2 HD2  sing N N 145 
HIS CE1 NE2  sing Y N 146 
HIS CE1 HE1  sing N N 147 
HIS NE2 HE2  sing N N 148 
HIS OXT HXT  sing N N 149 
HOH O   H1   sing N N 150 
HOH O   H2   sing N N 151 
ILE N   CA   sing N N 152 
ILE N   H    sing N N 153 
ILE N   H2   sing N N 154 
ILE CA  C    sing N N 155 
ILE CA  CB   sing N N 156 
ILE CA  HA   sing N N 157 
ILE C   O    doub N N 158 
ILE C   OXT  sing N N 159 
ILE CB  CG1  sing N N 160 
ILE CB  CG2  sing N N 161 
ILE CB  HB   sing N N 162 
ILE CG1 CD1  sing N N 163 
ILE CG1 HG12 sing N N 164 
ILE CG1 HG13 sing N N 165 
ILE CG2 HG21 sing N N 166 
ILE CG2 HG22 sing N N 167 
ILE CG2 HG23 sing N N 168 
ILE CD1 HD11 sing N N 169 
ILE CD1 HD12 sing N N 170 
ILE CD1 HD13 sing N N 171 
ILE OXT HXT  sing N N 172 
LEU N   CA   sing N N 173 
LEU N   H    sing N N 174 
LEU N   H2   sing N N 175 
LEU CA  C    sing N N 176 
LEU CA  CB   sing N N 177 
LEU CA  HA   sing N N 178 
LEU C   O    doub N N 179 
LEU C   OXT  sing N N 180 
LEU CB  CG   sing N N 181 
LEU CB  HB2  sing N N 182 
LEU CB  HB3  sing N N 183 
LEU CG  CD1  sing N N 184 
LEU CG  CD2  sing N N 185 
LEU CG  HG   sing N N 186 
LEU CD1 HD11 sing N N 187 
LEU CD1 HD12 sing N N 188 
LEU CD1 HD13 sing N N 189 
LEU CD2 HD21 sing N N 190 
LEU CD2 HD22 sing N N 191 
LEU CD2 HD23 sing N N 192 
LEU OXT HXT  sing N N 193 
LYS N   CA   sing N N 194 
LYS N   H    sing N N 195 
LYS N   H2   sing N N 196 
LYS CA  C    sing N N 197 
LYS CA  CB   sing N N 198 
LYS CA  HA   sing N N 199 
LYS C   O    doub N N 200 
LYS C   OXT  sing N N 201 
LYS CB  CG   sing N N 202 
LYS CB  HB2  sing N N 203 
LYS CB  HB3  sing N N 204 
LYS CG  CD   sing N N 205 
LYS CG  HG2  sing N N 206 
LYS CG  HG3  sing N N 207 
LYS CD  CE   sing N N 208 
LYS CD  HD2  sing N N 209 
LYS CD  HD3  sing N N 210 
LYS CE  NZ   sing N N 211 
LYS CE  HE2  sing N N 212 
LYS CE  HE3  sing N N 213 
LYS NZ  HZ1  sing N N 214 
LYS NZ  HZ2  sing N N 215 
LYS NZ  HZ3  sing N N 216 
LYS OXT HXT  sing N N 217 
MET N   CA   sing N N 218 
MET N   H    sing N N 219 
MET N   H2   sing N N 220 
MET CA  C    sing N N 221 
MET CA  CB   sing N N 222 
MET CA  HA   sing N N 223 
MET C   O    doub N N 224 
MET C   OXT  sing N N 225 
MET CB  CG   sing N N 226 
MET CB  HB2  sing N N 227 
MET CB  HB3  sing N N 228 
MET CG  SD   sing N N 229 
MET CG  HG2  sing N N 230 
MET CG  HG3  sing N N 231 
MET SD  CE   sing N N 232 
MET CE  HE1  sing N N 233 
MET CE  HE2  sing N N 234 
MET CE  HE3  sing N N 235 
MET OXT HXT  sing N N 236 
PHE N   CA   sing N N 237 
PHE N   H    sing N N 238 
PHE N   H2   sing N N 239 
PHE CA  C    sing N N 240 
PHE CA  CB   sing N N 241 
PHE CA  HA   sing N N 242 
PHE C   O    doub N N 243 
PHE C   OXT  sing N N 244 
PHE CB  CG   sing N N 245 
PHE CB  HB2  sing N N 246 
PHE CB  HB3  sing N N 247 
PHE CG  CD1  doub Y N 248 
PHE CG  CD2  sing Y N 249 
PHE CD1 CE1  sing Y N 250 
PHE CD1 HD1  sing N N 251 
PHE CD2 CE2  doub Y N 252 
PHE CD2 HD2  sing N N 253 
PHE CE1 CZ   doub Y N 254 
PHE CE1 HE1  sing N N 255 
PHE CE2 CZ   sing Y N 256 
PHE CE2 HE2  sing N N 257 
PHE CZ  HZ   sing N N 258 
PHE OXT HXT  sing N N 259 
PRO N   CA   sing N N 260 
PRO N   CD   sing N N 261 
PRO N   H    sing N N 262 
PRO CA  C    sing N N 263 
PRO CA  CB   sing N N 264 
PRO CA  HA   sing N N 265 
PRO C   O    doub N N 266 
PRO C   OXT  sing N N 267 
PRO CB  CG   sing N N 268 
PRO CB  HB2  sing N N 269 
PRO CB  HB3  sing N N 270 
PRO CG  CD   sing N N 271 
PRO CG  HG2  sing N N 272 
PRO CG  HG3  sing N N 273 
PRO CD  HD2  sing N N 274 
PRO CD  HD3  sing N N 275 
PRO OXT HXT  sing N N 276 
SER N   CA   sing N N 277 
SER N   H    sing N N 278 
SER N   H2   sing N N 279 
SER CA  C    sing N N 280 
SER CA  CB   sing N N 281 
SER CA  HA   sing N N 282 
SER C   O    doub N N 283 
SER C   OXT  sing N N 284 
SER CB  OG   sing N N 285 
SER CB  HB2  sing N N 286 
SER CB  HB3  sing N N 287 
SER OG  HG   sing N N 288 
SER OXT HXT  sing N N 289 
SF4 FE1 S2   sing N N 290 
SF4 FE1 S3   sing N N 291 
SF4 FE1 S4   sing N N 292 
SF4 FE2 S1   sing N N 293 
SF4 FE2 S3   sing N N 294 
SF4 FE2 S4   sing N N 295 
SF4 FE3 S1   sing N N 296 
SF4 FE3 S2   sing N N 297 
SF4 FE3 S4   sing N N 298 
SF4 FE4 S1   sing N N 299 
SF4 FE4 S2   sing N N 300 
SF4 FE4 S3   sing N N 301 
THR N   CA   sing N N 302 
THR N   H    sing N N 303 
THR N   H2   sing N N 304 
THR CA  C    sing N N 305 
THR CA  CB   sing N N 306 
THR CA  HA   sing N N 307 
THR C   O    doub N N 308 
THR C   OXT  sing N N 309 
THR CB  OG1  sing N N 310 
THR CB  CG2  sing N N 311 
THR CB  HB   sing N N 312 
THR OG1 HG1  sing N N 313 
THR CG2 HG21 sing N N 314 
THR CG2 HG22 sing N N 315 
THR CG2 HG23 sing N N 316 
THR OXT HXT  sing N N 317 
TRP N   CA   sing N N 318 
TRP N   H    sing N N 319 
TRP N   H2   sing N N 320 
TRP CA  C    sing N N 321 
TRP CA  CB   sing N N 322 
TRP CA  HA   sing N N 323 
TRP C   O    doub N N 324 
TRP C   OXT  sing N N 325 
TRP CB  CG   sing N N 326 
TRP CB  HB2  sing N N 327 
TRP CB  HB3  sing N N 328 
TRP CG  CD1  doub Y N 329 
TRP CG  CD2  sing Y N 330 
TRP CD1 NE1  sing Y N 331 
TRP CD1 HD1  sing N N 332 
TRP CD2 CE2  doub Y N 333 
TRP CD2 CE3  sing Y N 334 
TRP NE1 CE2  sing Y N 335 
TRP NE1 HE1  sing N N 336 
TRP CE2 CZ2  sing Y N 337 
TRP CE3 CZ3  doub Y N 338 
TRP CE3 HE3  sing N N 339 
TRP CZ2 CH2  doub Y N 340 
TRP CZ2 HZ2  sing N N 341 
TRP CZ3 CH2  sing Y N 342 
TRP CZ3 HZ3  sing N N 343 
TRP CH2 HH2  sing N N 344 
TRP OXT HXT  sing N N 345 
TYR N   CA   sing N N 346 
TYR N   H    sing N N 347 
TYR N   H2   sing N N 348 
TYR CA  C    sing N N 349 
TYR CA  CB   sing N N 350 
TYR CA  HA   sing N N 351 
TYR C   O    doub N N 352 
TYR C   OXT  sing N N 353 
TYR CB  CG   sing N N 354 
TYR CB  HB2  sing N N 355 
TYR CB  HB3  sing N N 356 
TYR CG  CD1  doub Y N 357 
TYR CG  CD2  sing Y N 358 
TYR CD1 CE1  sing Y N 359 
TYR CD1 HD1  sing N N 360 
TYR CD2 CE2  doub Y N 361 
TYR CD2 HD2  sing N N 362 
TYR CE1 CZ   doub Y N 363 
TYR CE1 HE1  sing N N 364 
TYR CE2 CZ   sing Y N 365 
TYR CE2 HE2  sing N N 366 
TYR CZ  OH   sing N N 367 
TYR OH  HH   sing N N 368 
TYR OXT HXT  sing N N 369 
URA N1  C2   sing N N 370 
URA N1  C6   sing N N 371 
URA N1  HN1  sing N N 372 
URA C2  O2   doub N N 373 
URA C2  N3   sing N N 374 
URA N3  C4   sing N N 375 
URA N3  HN3  sing N N 376 
URA C4  O4   doub N N 377 
URA C4  C5   sing N N 378 
URA C5  C6   doub N N 379 
URA C5  H5   sing N N 380 
URA C6  H6   sing N N 381 
VAL N   CA   sing N N 382 
VAL N   H    sing N N 383 
VAL N   H2   sing N N 384 
VAL CA  C    sing N N 385 
VAL CA  CB   sing N N 386 
VAL CA  HA   sing N N 387 
VAL C   O    doub N N 388 
VAL C   OXT  sing N N 389 
VAL CB  CG1  sing N N 390 
VAL CB  CG2  sing N N 391 
VAL CB  HB   sing N N 392 
VAL CG1 HG11 sing N N 393 
VAL CG1 HG12 sing N N 394 
VAL CG1 HG13 sing N N 395 
VAL CG2 HG21 sing N N 396 
VAL CG2 HG22 sing N N 397 
VAL CG2 HG23 sing N N 398 
VAL OXT HXT  sing N N 399 
# 
loop_
_pdbx_audit_support.funding_organization 
_pdbx_audit_support.country 
_pdbx_audit_support.grant_number 
_pdbx_audit_support.ordinal 
'Department of Biotechnology (DBT, India)' India BT/PR28058 1 
'Department of Biotechnology (DBT, India)' India BT/PR13522 2 
# 
loop_
_pdbx_entity_instance_feature.ordinal 
_pdbx_entity_instance_feature.comp_id 
_pdbx_entity_instance_feature.asym_id 
_pdbx_entity_instance_feature.seq_num 
_pdbx_entity_instance_feature.auth_comp_id 
_pdbx_entity_instance_feature.auth_asym_id 
_pdbx_entity_instance_feature.auth_seq_num 
_pdbx_entity_instance_feature.feature_type 
_pdbx_entity_instance_feature.details 
1 SF4 ? ? SF4 ? ? 'SUBJECT OF INVESTIGATION' ? 
2 URA ? ? URA ? ? 'SUBJECT OF INVESTIGATION' ? 
# 
_pdbx_initial_refinement_model.id               1 
_pdbx_initial_refinement_model.entity_id_list   ? 
_pdbx_initial_refinement_model.type             'experimental model' 
_pdbx_initial_refinement_model.source_name      PDB 
_pdbx_initial_refinement_model.accession_code   6AJS 
_pdbx_initial_refinement_model.details          'H109S mutant of MsmUdgX' 
# 
_atom_sites.entry_id                    8IIL 
_atom_sites.Cartn_transf_matrix[1][1]   ? 
_atom_sites.Cartn_transf_matrix[1][2]   ? 
_atom_sites.Cartn_transf_matrix[1][3]   ? 
_atom_sites.Cartn_transf_matrix[2][1]   ? 
_atom_sites.Cartn_transf_matrix[2][2]   ? 
_atom_sites.Cartn_transf_matrix[2][3]   ? 
_atom_sites.Cartn_transf_matrix[3][1]   ? 
_atom_sites.Cartn_transf_matrix[3][2]   ? 
_atom_sites.Cartn_transf_matrix[3][3]   ? 
_atom_sites.Cartn_transf_vector[1]      ? 
_atom_sites.Cartn_transf_vector[2]      ? 
_atom_sites.Cartn_transf_vector[3]      ? 
_atom_sites.fract_transf_matrix[1][1]   0.02419364 
_atom_sites.fract_transf_matrix[1][2]   -0.01287879 
_atom_sites.fract_transf_matrix[1][3]   0.00645885 
_atom_sites.fract_transf_matrix[2][1]   0.01001577 
_atom_sites.fract_transf_matrix[2][2]   0.01591275 
_atom_sites.fract_transf_matrix[2][3]   -0.00578754 
_atom_sites.fract_transf_matrix[3][1]   0.00325748 
_atom_sites.fract_transf_matrix[3][2]   0.00444441 
_atom_sites.fract_transf_matrix[3][3]   0.01785714 
_atom_sites.fract_transf_vector[1]      0.027770 
_atom_sites.fract_transf_vector[2]      -0.154708 
_atom_sites.fract_transf_vector[3]      0.299636 
_atom_sites.solution_primary            ? 
_atom_sites.solution_secondary          ? 
_atom_sites.solution_hydrogens          ? 
_atom_sites.special_details             ? 
# 
loop_
_atom_type.symbol 
C  
FE 
N  
O  
S  
# 
loop_
_atom_site.group_PDB 
_atom_site.id 
_atom_site.type_symbol 
_atom_site.label_atom_id 
_atom_site.label_alt_id 
_atom_site.label_comp_id 
_atom_site.label_asym_id 
_atom_site.label_entity_id 
_atom_site.label_seq_id 
_atom_site.pdbx_PDB_ins_code 
_atom_site.Cartn_x 
_atom_site.Cartn_y 
_atom_site.Cartn_z 
_atom_site.occupancy 
_atom_site.B_iso_or_equiv 
_atom_site.pdbx_formal_charge 
_atom_site.auth_seq_id 
_atom_site.auth_comp_id 
_atom_site.auth_asym_id 
_atom_site.auth_atom_id 
_atom_site.pdbx_PDB_model_num 
ATOM   1    N  N   . ALA A 1 1   ? 2.883   10.227  -18.605 1.00 29.16 ? 2   ALA A N   1 
ATOM   2    C  CA  . ALA A 1 1   ? 2.656   8.817   -18.952 1.00 30.61 ? 2   ALA A CA  1 
ATOM   3    C  C   . ALA A 1 1   ? 3.186   7.835   -17.874 1.00 28.16 ? 2   ALA A C   1 
ATOM   4    O  O   . ALA A 1 1   ? 2.524   6.839   -17.564 1.00 22.97 ? 2   ALA A O   1 
ATOM   5    C  CB  . ALA A 1 1   ? 3.281   8.499   -20.303 1.00 22.06 ? 2   ALA A CB  1 
ATOM   6    N  N   . GLY A 1 2   ? 4.368   8.119   -17.317 1.00 23.90 ? 3   GLY A N   1 
ATOM   7    C  CA  . GLY A 1 2   ? 4.945   7.251   -16.290 1.00 24.35 ? 3   GLY A CA  1 
ATOM   8    C  C   . GLY A 1 2   ? 5.028   5.789   -16.714 1.00 24.83 ? 3   GLY A C   1 
ATOM   9    O  O   . GLY A 1 2   ? 5.576   5.446   -17.771 1.00 23.06 ? 3   GLY A O   1 
ATOM   10   N  N   . ALA A 1 3   ? 4.455   4.915   -15.880 1.00 21.42 ? 4   ALA A N   1 
ATOM   11   C  CA  . ALA A 1 3   ? 4.520   3.467   -16.053 1.00 22.71 ? 4   ALA A CA  1 
ATOM   12   C  C   . ALA A 1 3   ? 3.504   2.937   -17.062 1.00 23.86 ? 4   ALA A C   1 
ATOM   13   O  O   . ALA A 1 3   ? 3.392   1.713   -17.227 1.00 24.10 ? 4   ALA A O   1 
ATOM   14   C  CB  . ALA A 1 3   ? 4.316   2.760   -14.705 1.00 17.10 ? 4   ALA A CB  1 
ATOM   15   N  N   . GLN A 1 4   ? 2.776   3.822   -17.745 1.00 24.98 ? 5   GLN A N   1 
ATOM   16   C  CA  . GLN A 1 4   ? 1.682   3.390   -18.613 1.00 29.33 ? 5   GLN A CA  1 
ATOM   17   C  C   . GLN A 1 4   ? 2.147   2.400   -19.683 1.00 28.83 ? 5   GLN A C   1 
ATOM   18   O  O   . GLN A 1 4   ? 1.547   1.331   -19.841 1.00 27.91 ? 5   GLN A O   1 
ATOM   19   C  CB  . GLN A 1 4   ? 1.016   4.599   -19.271 1.00 32.08 ? 5   GLN A CB  1 
ATOM   20   N  N   . ASP A 1 5   ? 3.199   2.747   -20.424 1.00 27.01 ? 6   ASP A N   1 
ATOM   21   C  CA  . ASP A 1 5   ? 3.667   1.869   -21.535 1.00 27.54 ? 6   ASP A CA  1 
ATOM   22   C  C   . ASP A 1 5   ? 4.387   0.620   -21.006 1.00 28.50 ? 6   ASP A C   1 
ATOM   23   O  O   . ASP A 1 5   ? 4.696   -0.259  -21.802 1.00 28.58 ? 6   ASP A O   1 
ATOM   24   C  CB  . ASP A 1 5   ? 4.402   2.626   -22.641 1.00 27.27 ? 6   ASP A CB  1 
ATOM   25   N  N   . PHE A 1 6   ? 4.582   0.511   -19.694 1.00 26.10 ? 7   PHE A N   1 
ATOM   26   C  CA  . PHE A 1 6   ? 5.165   -0.708  -19.168 1.00 23.39 ? 7   PHE A CA  1 
ATOM   27   C  C   . PHE A 1 6   ? 4.103   -1.691  -18.689 1.00 21.78 ? 7   PHE A C   1 
ATOM   28   O  O   . PHE A 1 6   ? 4.374   -2.896  -18.624 1.00 19.73 ? 7   PHE A O   1 
ATOM   29   C  CB  . PHE A 1 6   ? 6.155   -0.353  -18.053 1.00 23.36 ? 7   PHE A CB  1 
ATOM   30   C  CG  . PHE A 1 6   ? 7.359   0.413   -18.544 1.00 23.83 ? 7   PHE A CG  1 
ATOM   31   C  CD1 . PHE A 1 6   ? 8.395   -0.245  -19.196 1.00 24.08 ? 7   PHE A CD1 1 
ATOM   32   C  CD2 . PHE A 1 6   ? 7.432   1.787   -18.398 1.00 20.15 ? 7   PHE A CD2 1 
ATOM   33   C  CE1 . PHE A 1 6   ? 9.509   0.451   -19.665 1.00 21.95 ? 7   PHE A CE1 1 
ATOM   34   C  CE2 . PHE A 1 6   ? 8.551   2.497   -18.871 1.00 24.48 ? 7   PHE A CE2 1 
ATOM   35   C  CZ  . PHE A 1 6   ? 9.584   1.822   -19.509 1.00 20.88 ? 7   PHE A CZ  1 
ATOM   36   N  N   . VAL A 1 7   ? 2.894   -1.214  -18.398 1.00 22.67 ? 8   VAL A N   1 
ATOM   37   C  CA  . VAL A 1 7   ? 1.806   -2.069  -17.931 1.00 22.58 ? 8   VAL A CA  1 
ATOM   38   C  C   . VAL A 1 7   ? 1.264   -2.831  -19.133 1.00 25.79 ? 8   VAL A C   1 
ATOM   39   O  O   . VAL A 1 7   ? 0.811   -2.209  -20.106 1.00 25.50 ? 8   VAL A O   1 
ATOM   40   C  CB  . VAL A 1 7   ? 0.698   -1.253  -17.242 1.00 22.15 ? 8   VAL A CB  1 
ATOM   41   C  CG1 . VAL A 1 7   ? -0.406  -2.182  -16.746 1.00 15.01 ? 8   VAL A CG1 1 
ATOM   42   C  CG2 . VAL A 1 7   ? 1.267   -0.397  -16.107 1.00 16.23 ? 8   VAL A CG2 1 
ATOM   43   N  N   . PRO A 1 8   ? 1.306   -4.160  -19.125 1.00 27.08 ? 9   PRO A N   1 
ATOM   44   C  CA  . PRO A 1 8   ? 0.717   -4.931  -20.225 1.00 26.88 ? 9   PRO A CA  1 
ATOM   45   C  C   . PRO A 1 8   ? -0.798  -5.029  -20.114 1.00 32.62 ? 9   PRO A C   1 
ATOM   46   O  O   . PRO A 1 8   ? -1.387  -4.800  -19.059 1.00 28.46 ? 9   PRO A O   1 
ATOM   47   C  CB  . PRO A 1 8   ? 1.366   -6.311  -20.076 1.00 27.46 ? 9   PRO A CB  1 
ATOM   48   C  CG  . PRO A 1 8   ? 1.686   -6.423  -18.631 1.00 25.36 ? 9   PRO A CG  1 
ATOM   49   C  CD  . PRO A 1 8   ? 1.985   -5.019  -18.142 1.00 23.26 ? 9   PRO A CD  1 
ATOM   50   N  N   . HIS A 1 9   ? -1.426  -5.362  -21.249 1.00 39.28 ? 10  HIS A N   1 
ATOM   51   C  CA  . HIS A 1 9   ? -2.895  -5.558  -21.351 1.00 38.95 ? 10  HIS A CA  1 
ATOM   52   C  C   . HIS A 1 9   ? -3.257  -6.947  -20.847 1.00 37.01 ? 10  HIS A C   1 
ATOM   53   O  O   . HIS A 1 9   ? -3.615  -7.772  -21.683 1.00 39.26 ? 10  HIS A O   1 
ATOM   54   C  CB  . HIS A 1 9   ? -3.324  -5.391  -22.807 1.00 38.74 ? 10  HIS A CB  1 
ATOM   55   C  CG  . HIS A 1 9   ? -3.080  -4.020  -23.314 1.00 45.55 ? 10  HIS A CG  1 
ATOM   56   N  ND1 . HIS A 1 9   ? -3.506  -2.916  -22.621 1.00 50.77 ? 10  HIS A ND1 1 
ATOM   57   C  CD2 . HIS A 1 9   ? -2.445  -3.570  -24.415 1.00 52.45 ? 10  HIS A CD2 1 
ATOM   58   C  CE1 . HIS A 1 9   ? -3.151  -1.838  -23.273 1.00 54.83 ? 10  HIS A CE1 1 
ATOM   59   N  NE2 . HIS A 1 9   ? -2.504  -2.208  -24.381 1.00 60.35 ? 10  HIS A NE2 1 
ATOM   60   N  N   . THR A 1 10  ? -3.126  -7.176  -19.545 1.00 33.62 ? 11  THR A N   1 
ATOM   61   C  CA  . THR A 1 10  ? -3.459  -8.434  -18.886 1.00 31.66 ? 11  THR A CA  1 
ATOM   62   C  C   . THR A 1 10  ? -3.880  -8.141  -17.451 1.00 31.75 ? 11  THR A C   1 
ATOM   63   O  O   . THR A 1 10  ? -3.417  -7.173  -16.840 1.00 33.94 ? 11  THR A O   1 
ATOM   64   C  CB  . THR A 1 10  ? -2.275  -9.415  -18.894 1.00 32.48 ? 11  THR A CB  1 
ATOM   65   O  OG1 . THR A 1 10  ? -2.591  -10.572 -18.102 1.00 29.49 ? 11  THR A OG1 1 
ATOM   66   C  CG2 . THR A 1 10  ? -1.028  -8.752  -18.329 1.00 28.10 ? 11  THR A CG2 1 
ATOM   67   N  N   . ALA A 1 11  ? -4.772  -8.984  -16.922 1.00 25.42 ? 12  ALA A N   1 
ATOM   68   C  CA  . ALA A 1 11  ? -5.215  -8.882  -15.515 1.00 24.92 ? 12  ALA A CA  1 
ATOM   69   C  C   . ALA A 1 11  ? -4.560  -9.999  -14.695 1.00 24.46 ? 12  ALA A C   1 
ATOM   70   O  O   . ALA A 1 11  ? -4.940  -10.184 -13.550 1.00 21.99 ? 12  ALA A O   1 
ATOM   71   C  CB  . ALA A 1 11  ? -6.705  -8.963  -15.453 1.00 21.98 ? 12  ALA A CB  1 
ATOM   72   N  N   . ASP A 1 12  ? -3.608  -10.708 -15.290 1.00 23.43 ? 13  ASP A N   1 
ATOM   73   C  CA  . ASP A 1 12  ? -2.868  -11.782 -14.578 1.00 23.40 ? 13  ASP A CA  1 
ATOM   74   C  C   . ASP A 1 12  ? -1.789  -11.142 -13.682 1.00 25.87 ? 13  ASP A C   1 
ATOM   75   O  O   . ASP A 1 12  ? -0.873  -10.532 -14.224 1.00 22.03 ? 13  ASP A O   1 
ATOM   76   C  CB  . ASP A 1 12  ? -2.364  -12.843 -15.558 1.00 22.00 ? 13  ASP A CB  1 
ATOM   77   C  CG  . ASP A 1 12  ? -1.733  -14.069 -14.923 1.00 26.44 ? 13  ASP A CG  1 
ATOM   78   O  OD1 . ASP A 1 12  ? -0.635  -13.946 -14.377 1.00 27.25 ? 13  ASP A OD1 1 
ATOM   79   O  OD2 . ASP A 1 12  ? -2.335  -15.148 -15.021 1.00 32.33 ? 13  ASP A OD2 1 
ATOM   80   N  N   . LEU A 1 13  ? -1.892  -11.335 -12.372 1.00 21.86 ? 14  LEU A N   1 
ATOM   81   C  CA  . LEU A 1 13  ? -0.976  -10.704 -11.393 1.00 22.18 ? 14  LEU A CA  1 
ATOM   82   C  C   . LEU A 1 13  ? 0.481   -11.152 -11.583 1.00 22.38 ? 14  LEU A C   1 
ATOM   83   O  O   . LEU A 1 13  ? 1.337   -10.301 -11.420 1.00 21.40 ? 14  LEU A O   1 
ATOM   84   C  CB  . LEU A 1 13  ? -1.523  -11.017 -10.001 1.00 18.45 ? 14  LEU A CB  1 
ATOM   85   C  CG  . LEU A 1 13  ? -2.841  -10.340 -9.642  1.00 18.10 ? 14  LEU A CG  1 
ATOM   86   C  CD1 . LEU A 1 13  ? -3.329  -10.827 -8.289  1.00 14.67 ? 14  LEU A CD1 1 
ATOM   87   C  CD2 . LEU A 1 13  ? -2.693  -8.827  -9.647  1.00 16.38 ? 14  LEU A CD2 1 
ATOM   88   N  N   . ALA A 1 14  ? 0.728   -12.419 -11.917 1.00 19.24 ? 15  ALA A N   1 
ATOM   89   C  CA  . ALA A 1 14  ? 2.096   -12.913 -12.195 1.00 19.89 ? 15  ALA A CA  1 
ATOM   90   C  C   . ALA A 1 14  ? 2.713   -12.214 -13.418 1.00 20.18 ? 15  ALA A C   1 
ATOM   91   O  O   . ALA A 1 14  ? 3.882   -11.879 -13.344 1.00 20.51 ? 15  ALA A O   1 
ATOM   92   C  CB  . ALA A 1 14  ? 2.073   -14.408 -12.329 1.00 17.38 ? 15  ALA A CB  1 
ATOM   93   N  N   . GLU A 1 15  ? 1.925   -11.961 -14.465 1.00 23.87 ? 16  GLU A N   1 
ATOM   94   C  CA  . GLU A 1 15  ? 2.372   -11.250 -15.687 1.00 22.92 ? 16  GLU A CA  1 
ATOM   95   C  C   . GLU A 1 15  ? 2.567   -9.765  -15.361 1.00 21.00 ? 16  GLU A C   1 
ATOM   96   O  O   . GLU A 1 15  ? 3.559   -9.218  -15.809 1.00 19.23 ? 16  GLU A O   1 
ATOM   97   C  CB  . GLU A 1 15  ? 1.351   -11.513 -16.795 1.00 26.07 ? 16  GLU A CB  1 
ATOM   98   C  CG  . GLU A 1 15  ? 1.454   -12.900 -17.388 1.00 39.28 ? 16  GLU A CG  1 
ATOM   99   C  CD  . GLU A 1 15  ? 0.560   -13.126 -18.592 1.00 47.90 ? 16  GLU A CD  1 
ATOM   100  O  OE1 . GLU A 1 15  ? -0.165  -12.195 -18.961 1.00 50.65 ? 16  GLU A OE1 1 
ATOM   101  O  OE2 . GLU A 1 15  ? 0.593   -14.233 -19.155 1.00 60.36 ? 16  GLU A OE2 1 
ATOM   102  N  N   . LEU A 1 16  ? 1.681   -9.189  -14.541 1.00 21.55 ? 17  LEU A N   1 
ATOM   103  C  CA  . LEU A 1 16  ? 1.815   -7.791  -14.072 1.00 18.88 ? 17  LEU A CA  1 
ATOM   104  C  C   . LEU A 1 16  ? 3.086   -7.638  -13.222 1.00 18.69 ? 17  LEU A C   1 
ATOM   105  O  O   . LEU A 1 16  ? 3.817   -6.701  -13.481 1.00 17.68 ? 17  LEU A O   1 
ATOM   106  C  CB  . LEU A 1 16  ? 0.545   -7.402  -13.308 1.00 19.71 ? 17  LEU A CB  1 
ATOM   107  C  CG  . LEU A 1 16  ? -0.697  -7.157  -14.165 1.00 18.91 ? 17  LEU A CG  1 
ATOM   108  C  CD1 . LEU A 1 16  ? -1.931  -6.997  -13.295 1.00 15.67 ? 17  LEU A CD1 1 
ATOM   109  C  CD2 . LEU A 1 16  ? -0.511  -5.947  -15.063 1.00 14.59 ? 17  LEU A CD2 1 
ATOM   110  N  N   . ALA A 1 17  ? 3.327   -8.545  -12.268 1.00 18.23 ? 18  ALA A N   1 
ATOM   111  C  CA  . ALA A 1 17  ? 4.536   -8.525  -11.410 1.00 16.80 ? 18  ALA A CA  1 
ATOM   112  C  C   . ALA A 1 17  ? 5.809   -8.665  -12.251 1.00 20.13 ? 18  ALA A C   1 
ATOM   113  O  O   . ALA A 1 17  ? 6.748   -7.915  -11.986 1.00 18.35 ? 18  ALA A O   1 
ATOM   114  C  CB  . ALA A 1 17  ? 4.466   -9.592  -10.349 1.00 13.05 ? 18  ALA A CB  1 
ATOM   115  N  N   . ALA A 1 18  ? 5.835   -9.616  -13.197 1.00 20.06 ? 19  ALA A N   1 
ATOM   116  C  CA  . ALA A 1 18  ? 6.996   -9.772  -14.109 1.00 20.49 ? 19  ALA A CA  1 
ATOM   117  C  C   . ALA A 1 18  ? 7.239   -8.466  -14.884 1.00 21.25 ? 19  ALA A C   1 
ATOM   118  O  O   . ALA A 1 18  ? 8.397   -8.052  -14.980 1.00 23.04 ? 19  ALA A O   1 
ATOM   119  C  CB  . ALA A 1 18  ? 6.784   -10.951 -15.018 1.00 16.34 ? 19  ALA A CB  1 
ATOM   120  N  N   . ALA A 1 19  ? 6.177   -7.847  -15.388 1.00 21.03 ? 20  ALA A N   1 
ATOM   121  C  CA  . ALA A 1 19  ? 6.247   -6.570  -16.127 1.00 17.47 ? 20  ALA A CA  1 
ATOM   122  C  C   . ALA A 1 19  ? 6.707   -5.410  -15.231 1.00 20.48 ? 20  ALA A C   1 
ATOM   123  O  O   . ALA A 1 19  ? 7.483   -4.594  -15.720 1.00 17.73 ? 20  ALA A O   1 
ATOM   124  C  CB  . ALA A 1 19  ? 4.897   -6.319  -16.714 1.00 15.48 ? 20  ALA A CB  1 
ATOM   125  N  N   . ALA A 1 20  ? 6.231   -5.341  -13.984 1.00 16.68 ? 21  ALA A N   1 
ATOM   126  C  CA  . ALA A 1 20  ? 6.714   -4.311  -13.042 1.00 17.03 ? 21  ALA A CA  1 
ATOM   127  C  C   . ALA A 1 20  ? 8.229   -4.445  -12.820 1.00 20.86 ? 21  ALA A C   1 
ATOM   128  O  O   . ALA A 1 20  ? 8.863   -3.434  -12.563 1.00 18.96 ? 21  ALA A O   1 
ATOM   129  C  CB  . ALA A 1 20  ? 5.916   -4.317  -11.775 1.00 15.88 ? 21  ALA A CB  1 
ATOM   130  N  N   . GLY A 1 21  ? 8.783   -5.649  -12.966 1.00 17.79 ? 22  GLY A N   1 
ATOM   131  C  CA  . GLY A 1 21  ? 10.235  -5.855  -12.869 1.00 19.36 ? 22  GLY A CA  1 
ATOM   132  C  C   . GLY A 1 21  ? 11.057  -5.161  -13.944 1.00 22.54 ? 22  GLY A C   1 
ATOM   133  O  O   . GLY A 1 21  ? 12.223  -4.912  -13.689 1.00 25.94 ? 22  GLY A O   1 
ATOM   134  N  N   . GLU A 1 22  ? 10.477  -4.860  -15.102 1.00 21.56 ? 23  GLU A N   1 
ATOM   135  C  CA  . GLU A 1 22  ? 11.187  -4.129  -16.187 1.00 23.13 ? 23  GLU A CA  1 
ATOM   136  C  C   . GLU A 1 22  ? 10.746  -2.664  -16.267 1.00 23.41 ? 23  GLU A C   1 
ATOM   137  O  O   . GLU A 1 22  ? 11.243  -1.953  -17.141 1.00 21.25 ? 23  GLU A O   1 
ATOM   138  C  CB  . GLU A 1 22  ? 10.851  -4.752  -17.534 1.00 26.16 ? 23  GLU A CB  1 
ATOM   139  N  N   . CYS A 1 23  ? 9.855   -2.240  -15.384 1.00 20.89 ? 24  CYS A N   1 
ATOM   140  C  CA  . CYS A 1 23  ? 9.287   -0.869  -15.441 1.00 20.63 ? 24  CYS A CA  1 
ATOM   141  C  C   . CYS A 1 23  ? 10.335  0.236   -15.238 1.00 20.84 ? 24  CYS A C   1 
ATOM   142  O  O   . CYS A 1 23  ? 11.191  0.081   -14.382 1.00 18.99 ? 24  CYS A O   1 
ATOM   143  C  CB  . CYS A 1 23  ? 8.097   -0.724  -14.498 1.00 17.48 ? 24  CYS A CB  1 
ATOM   144  S  SG  . CYS A 1 23  ? 7.324   0.909   -14.495 1.00 16.44 ? 24  CYS A SG  1 
ATOM   145  N  N   . ARG A 1 24  ? 10.248  1.293   -16.038 1.00 20.43 ? 25  ARG A N   1 
ATOM   146  C  CA  . ARG A 1 24  ? 11.166  2.456   -15.945 1.00 20.46 ? 25  ARG A CA  1 
ATOM   147  C  C   . ARG A 1 24  ? 10.278  3.700   -15.850 1.00 22.10 ? 25  ARG A C   1 
ATOM   148  O  O   . ARG A 1 24  ? 10.755  4.782   -16.219 1.00 20.85 ? 25  ARG A O   1 
ATOM   149  C  CB  . ARG A 1 24  ? 12.174  2.415   -17.098 1.00 20.76 ? 25  ARG A CB  1 
ATOM   150  C  CG  . ARG A 1 24  ? 13.071  1.186   -17.094 1.00 22.66 ? 25  ARG A CG  1 
ATOM   151  C  CD  . ARG A 1 24  ? 14.120  1.106   -18.184 1.00 25.01 ? 25  ARG A CD  1 
ATOM   152  N  NE  . ARG A 1 24  ? 13.714  1.703   -19.445 1.00 24.26 ? 25  ARG A NE  1 
ATOM   153  C  CZ  . ARG A 1 24  ? 13.130  1.049   -20.436 1.00 25.08 ? 25  ARG A CZ  1 
ATOM   154  N  NH1 . ARG A 1 24  ? 12.868  -0.240  -20.316 1.00 23.90 ? 25  ARG A NH1 1 
ATOM   155  N  NH2 . ARG A 1 24  ? 12.800  1.686   -21.542 1.00 22.64 ? 25  ARG A NH2 1 
ATOM   156  N  N   . GLY A 1 25  ? 9.040   3.535   -15.359 1.00 19.06 ? 26  GLY A N   1 
ATOM   157  C  CA  . GLY A 1 25  ? 8.049   4.620   -15.220 1.00 17.89 ? 26  GLY A CA  1 
ATOM   158  C  C   . GLY A 1 25  ? 8.573   5.856   -14.538 1.00 18.17 ? 26  GLY A C   1 
ATOM   159  O  O   . GLY A 1 25  ? 8.179   6.936   -14.982 1.00 24.33 ? 26  GLY A O   1 
ATOM   160  N  N   . CYS A 1 26  ? 9.425   5.708   -13.531 1.00 16.92 ? 27  CYS A N   1 
ATOM   161  C  CA  . CYS A 1 26  ? 10.108  6.835   -12.843 1.00 17.36 ? 27  CYS A CA  1 
ATOM   162  C  C   . CYS A 1 26  ? 11.558  6.393   -12.579 1.00 19.28 ? 27  CYS A C   1 
ATOM   163  O  O   . CYS A 1 26  ? 11.907  5.309   -12.995 1.00 19.25 ? 27  CYS A O   1 
ATOM   164  C  CB  . CYS A 1 26  ? 9.392   7.235   -11.557 1.00 15.50 ? 27  CYS A CB  1 
ATOM   165  S  SG  . CYS A 1 26  ? 9.495   6.022   -10.219 1.00 15.10 ? 27  CYS A SG  1 
ATOM   166  N  N   . GLY A 1 27  ? 12.348  7.186   -11.856 1.00 17.66 ? 28  GLY A N   1 
ATOM   167  C  CA  . GLY A 1 27  ? 13.756  6.831   -11.585 1.00 18.26 ? 28  GLY A CA  1 
ATOM   168  C  C   . GLY A 1 27  ? 14.033  5.803   -10.490 1.00 18.55 ? 28  GLY A C   1 
ATOM   169  O  O   . GLY A 1 27  ? 15.135  5.292   -10.488 1.00 19.60 ? 28  GLY A O   1 
ATOM   170  N  N   . LEU A 1 28  ? 13.079  5.479   -9.619  1.00 16.72 ? 29  LEU A N   1 
ATOM   171  C  CA  . LEU A 1 28  ? 13.305  4.583   -8.440  1.00 18.46 ? 29  LEU A CA  1 
ATOM   172  C  C   . LEU A 1 28  ? 13.781  3.145   -8.751  1.00 18.73 ? 29  LEU A C   1 
ATOM   173  O  O   . LEU A 1 28  ? 14.321  2.542   -7.848  1.00 19.14 ? 29  LEU A O   1 
ATOM   174  C  CB  . LEU A 1 28  ? 12.056  4.595   -7.555  1.00 16.22 ? 29  LEU A CB  1 
ATOM   175  C  CG  . LEU A 1 28  ? 11.561  5.966   -7.110  1.00 18.31 ? 29  LEU A CG  1 
ATOM   176  C  CD1 . LEU A 1 28  ? 10.317  5.838   -6.248  1.00 15.06 ? 29  LEU A CD1 1 
ATOM   177  C  CD2 . LEU A 1 28  ? 12.655  6.728   -6.385  1.00 17.14 ? 29  LEU A CD2 1 
ATOM   178  N  N   . TYR A 1 29  ? 13.545  2.603   -9.948  1.00 18.40 ? 30  TYR A N   1 
ATOM   179  C  CA  . TYR A 1 29  ? 14.040  1.261   -10.360 1.00 19.63 ? 30  TYR A CA  1 
ATOM   180  C  C   . TYR A 1 29  ? 15.572  1.198   -10.338 1.00 22.71 ? 30  TYR A C   1 
ATOM   181  O  O   . TYR A 1 29  ? 16.073  0.085   -10.210 1.00 24.48 ? 30  TYR A O   1 
ATOM   182  C  CB  . TYR A 1 29  ? 13.543  0.902   -11.767 1.00 19.43 ? 30  TYR A CB  1 
ATOM   183  C  CG  . TYR A 1 29  ? 14.300  1.554   -12.898 1.00 22.10 ? 30  TYR A CG  1 
ATOM   184  C  CD1 . TYR A 1 29  ? 14.040  2.862   -13.271 1.00 22.88 ? 30  TYR A CD1 1 
ATOM   185  C  CD2 . TYR A 1 29  ? 15.288  0.874   -13.586 1.00 22.56 ? 30  TYR A CD2 1 
ATOM   186  C  CE1 . TYR A 1 29  ? 14.744  3.480   -14.290 1.00 23.80 ? 30  TYR A CE1 1 
ATOM   187  C  CE2 . TYR A 1 29  ? 16.002  1.473   -14.609 1.00 21.39 ? 30  TYR A CE2 1 
ATOM   188  C  CZ  . TYR A 1 29  ? 15.726  2.779   -14.964 1.00 25.89 ? 30  TYR A CZ  1 
ATOM   189  O  OH  . TYR A 1 29  ? 16.431  3.365   -15.969 1.00 24.94 ? 30  TYR A OH  1 
ATOM   190  N  N   . ARG A 1 30  ? 16.259  2.338   -10.409 1.00 21.21 ? 31  ARG A N   1 
ATOM   191  C  CA  . ARG A 1 30  ? 17.737  2.369   -10.526 1.00 24.15 ? 31  ARG A CA  1 
ATOM   192  C  C   . ARG A 1 30  ? 18.472  1.930   -9.252  1.00 22.98 ? 31  ARG A C   1 
ATOM   193  O  O   . ARG A 1 30  ? 19.386  1.125   -9.373  1.00 22.42 ? 31  ARG A O   1 
ATOM   194  C  CB  . ARG A 1 30  ? 18.195  3.736   -11.033 1.00 24.12 ? 31  ARG A CB  1 
ATOM   195  C  CG  . ARG A 1 30  ? 18.110  3.882   -12.544 1.00 30.45 ? 31  ARG A CG  1 
ATOM   196  C  CD  . ARG A 1 30  ? 18.416  5.269   -13.068 1.00 35.00 ? 31  ARG A CD  1 
ATOM   197  N  NE  . ARG A 1 30  ? 17.215  6.051   -13.315 1.00 40.56 ? 31  ARG A NE  1 
ATOM   198  C  CZ  . ARG A 1 30  ? 16.943  6.657   -14.463 1.00 52.34 ? 31  ARG A CZ  1 
ATOM   199  N  NH1 . ARG A 1 30  ? 17.792  6.569   -15.471 1.00 55.18 ? 31  ARG A NH1 1 
ATOM   200  N  NH2 . ARG A 1 30  ? 15.826  7.347   -14.604 1.00 47.86 ? 31  ARG A NH2 1 
ATOM   201  N  N   . ASP A 1 31  ? 18.079  2.436   -8.091  1.00 22.85 ? 32  ASP A N   1 
ATOM   202  C  CA  . ASP A 1 31  ? 18.824  2.151   -6.846  1.00 19.03 ? 32  ASP A CA  1 
ATOM   203  C  C   . ASP A 1 31  ? 18.204  0.948   -6.126  1.00 22.76 ? 32  ASP A C   1 
ATOM   204  O  O   . ASP A 1 31  ? 18.906  0.321   -5.343  1.00 21.54 ? 32  ASP A O   1 
ATOM   205  C  CB  . ASP A 1 31  ? 18.899  3.422   -6.013  1.00 25.34 ? 32  ASP A CB  1 
ATOM   206  C  CG  . ASP A 1 31  ? 19.760  4.519   -6.610  1.00 29.68 ? 32  ASP A CG  1 
ATOM   207  O  OD1 . ASP A 1 31  ? 20.439  4.264   -7.617  1.00 26.06 ? 32  ASP A OD1 1 
ATOM   208  O  OD2 . ASP A 1 31  ? 19.739  5.622   -6.054  1.00 41.30 ? 32  ASP A OD2 1 
ATOM   209  N  N   . ALA A 1 32  ? 16.952  0.624   -6.455  1.00 22.16 ? 33  ALA A N   1 
ATOM   210  C  CA  . ALA A 1 32  ? 16.231  -0.483  -5.798  1.00 19.32 ? 33  ALA A CA  1 
ATOM   211  C  C   . ALA A 1 32  ? 16.688  -1.839  -6.336  1.00 17.04 ? 33  ALA A C   1 
ATOM   212  O  O   . ALA A 1 32  ? 17.043  -1.913  -7.510  1.00 21.95 ? 33  ALA A O   1 
ATOM   213  C  CB  . ALA A 1 32  ? 14.741  -0.289  -5.945  1.00 15.97 ? 33  ALA A CB  1 
ATOM   214  N  N   . THR A 1 33  ? 16.680  -2.850  -5.487  1.00 15.83 ? 34  THR A N   1 
ATOM   215  C  CA  . THR A 1 33  ? 17.077  -4.224  -5.873  1.00 14.45 ? 34  THR A CA  1 
ATOM   216  C  C   . THR A 1 33  ? 16.103  -4.752  -6.929  1.00 14.63 ? 34  THR A C   1 
ATOM   217  O  O   . THR A 1 33  ? 16.582  -5.220  -7.955  1.00 13.63 ? 34  THR A O   1 
ATOM   218  C  CB  . THR A 1 33  ? 17.256  -5.086  -4.614  1.00 13.39 ? 34  THR A CB  1 
ATOM   219  O  OG1 . THR A 1 33  ? 18.169  -4.443  -3.729  1.00 14.17 ? 34  THR A OG1 1 
ATOM   220  C  CG2 . THR A 1 33  ? 17.695  -6.501  -4.918  1.00 14.77 ? 34  THR A CG2 1 
ATOM   221  N  N   . GLN A 1 34  ? 14.799  -4.585  -6.700  1.00 16.03 ? 35  GLN A N   1 
ATOM   222  C  CA  . GLN A 1 34  ? 13.771  -5.176  -7.592  1.00 16.09 ? 35  GLN A CA  1 
ATOM   223  C  C   . GLN A 1 34  ? 12.417  -4.496  -7.399  1.00 17.04 ? 35  GLN A C   1 
ATOM   224  O  O   . GLN A 1 34  ? 12.258  -3.735  -6.444  1.00 14.67 ? 35  GLN A O   1 
ATOM   225  C  CB  . GLN A 1 34  ? 13.620  -6.669  -7.281  1.00 14.13 ? 35  GLN A CB  1 
ATOM   226  C  CG  . GLN A 1 34  ? 13.036  -6.973  -5.913  1.00 14.29 ? 35  GLN A CG  1 
ATOM   227  C  CD  . GLN A 1 34  ? 13.286  -8.395  -5.478  1.00 18.74 ? 35  GLN A CD  1 
ATOM   228  O  OE1 . GLN A 1 34  ? 13.058  -9.342  -6.224  1.00 20.47 ? 35  GLN A OE1 1 
ATOM   229  N  NE2 . GLN A 1 34  ? 13.756  -8.555  -4.254  1.00 15.64 ? 35  GLN A NE2 1 
ATOM   230  N  N   . ALA A 1 35  ? 11.484  -4.786  -8.289  1.00 13.49 ? 36  ALA A N   1 
ATOM   231  C  CA  . ALA A 1 35  ? 10.118  -4.284  -8.100  1.00 14.85 ? 36  ALA A CA  1 
ATOM   232  C  C   . ALA A 1 35  ? 9.418   -5.131  -7.039  1.00 15.81 ? 36  ALA A C   1 
ATOM   233  O  O   . ALA A 1 35  ? 9.620   -6.343  -7.011  1.00 16.97 ? 36  ALA A O   1 
ATOM   234  C  CB  . ALA A 1 35  ? 9.367   -4.260  -9.387  1.00 15.28 ? 36  ALA A CB  1 
ATOM   235  N  N   . VAL A 1 36  ? 8.671   -4.470  -6.173  1.00 13.81 ? 37  VAL A N   1 
ATOM   236  C  CA  . VAL A 1 36  ? 7.908   -5.201  -5.133  1.00 15.53 ? 37  VAL A CA  1 
ATOM   237  C  C   . VAL A 1 36  ? 6.432   -5.069  -5.487  1.00 12.80 ? 37  VAL A C   1 
ATOM   238  O  O   . VAL A 1 36  ? 5.840   -4.046  -5.236  1.00 14.26 ? 37  VAL A O   1 
ATOM   239  C  CB  . VAL A 1 36  ? 8.281   -4.781  -3.699  1.00 15.25 ? 37  VAL A CB  1 
ATOM   240  C  CG1 . VAL A 1 36  ? 7.517   -5.584  -2.659  1.00 13.28 ? 37  VAL A CG1 1 
ATOM   241  C  CG2 . VAL A 1 36  ? 9.778   -4.897  -3.463  1.00 11.93 ? 37  VAL A CG2 1 
ATOM   242  N  N   . PHE A 1 37  ? 5.907   -6.119  -6.095  1.00 13.07 ? 38  PHE A N   1 
ATOM   243  C  CA  . PHE A 1 37  ? 4.476   -6.127  -6.458  1.00 14.57 ? 38  PHE A CA  1 
ATOM   244  C  C   . PHE A 1 37  ? 3.664   -6.629  -5.271  1.00 13.72 ? 38  PHE A C   1 
ATOM   245  O  O   . PHE A 1 37  ? 4.231   -6.984  -4.249  1.00 11.97 ? 38  PHE A O   1 
ATOM   246  C  CB  . PHE A 1 37  ? 4.221   -6.877  -7.765  1.00 15.28 ? 38  PHE A CB  1 
ATOM   247  C  CG  . PHE A 1 37  ? 3.172   -6.307  -8.684  1.00 14.50 ? 38  PHE A CG  1 
ATOM   248  C  CD1 . PHE A 1 37  ? 3.380   -5.108  -9.338  1.00 14.19 ? 38  PHE A CD1 1 
ATOM   249  C  CD2 . PHE A 1 37  ? 1.984   -6.982  -8.911  1.00 15.40 ? 38  PHE A CD2 1 
ATOM   250  C  CE1 . PHE A 1 37  ? 2.419   -4.587  -10.186 1.00 13.39 ? 38  PHE A CE1 1 
ATOM   251  C  CE2 . PHE A 1 37  ? 1.026   -6.462  -9.765  1.00 12.89 ? 38  PHE A CE2 1 
ATOM   252  C  CZ  . PHE A 1 37  ? 1.245   -5.263  -10.394 1.00 14.19 ? 38  PHE A CZ  1 
ATOM   253  N  N   . GLY A 1 38  ? 2.354   -6.609  -5.436  1.00 13.08 ? 39  GLY A N   1 
ATOM   254  C  CA  . GLY A 1 38  ? 1.452   -7.059  -4.369  1.00 12.06 ? 39  GLY A CA  1 
ATOM   255  C  C   . GLY A 1 38  ? 1.378   -8.559  -4.179  1.00 14.16 ? 39  GLY A C   1 
ATOM   256  O  O   . GLY A 1 38  ? 1.683   -9.277  -5.129  1.00 16.13 ? 39  GLY A O   1 
ATOM   257  N  N   . ALA A 1 39  ? 0.993   -8.990  -2.985  1.00 13.23 ? 40  ALA A N   1 
ATOM   258  C  CA  . ALA A 1 39  ? 0.837   -10.424 -2.641  1.00 15.75 ? 40  ALA A CA  1 
ATOM   259  C  C   . ALA A 1 39  ? -0.633  -10.771 -2.388  1.00 14.39 ? 40  ALA A C   1 
ATOM   260  O  O   . ALA A 1 39  ? -1.356  -9.920  -1.888  1.00 14.07 ? 40  ALA A O   1 
ATOM   261  C  CB  . ALA A 1 39  ? 1.698   -10.774 -1.457  1.00 15.23 ? 40  ALA A CB  1 
ATOM   262  N  N   . GLY A 1 40  ? -1.017  -12.008 -2.683  1.00 16.48 ? 41  GLY A N   1 
ATOM   263  C  CA  . GLY A 1 40  ? -2.412  -12.457 -2.587  1.00 15.54 ? 41  GLY A CA  1 
ATOM   264  C  C   . GLY A 1 40  ? -2.974  -12.681 -3.977  1.00 21.15 ? 41  GLY A C   1 
ATOM   265  O  O   . GLY A 1 40  ? -2.262  -12.405 -4.945  1.00 23.91 ? 41  GLY A O   1 
ATOM   266  N  N   . GLY A 1 41  ? -4.227  -13.116 -4.066  1.00 19.98 ? 42  GLY A N   1 
ATOM   267  C  CA  . GLY A 1 41  ? -4.815  -13.430 -5.371  1.00 17.76 ? 42  GLY A CA  1 
ATOM   268  C  C   . GLY A 1 41  ? -5.961  -12.549 -5.801  1.00 17.79 ? 42  GLY A C   1 
ATOM   269  O  O   . GLY A 1 41  ? -6.326  -11.654 -5.050  1.00 17.41 ? 42  GLY A O   1 
ATOM   270  N  N   . ARG A 1 42  ? -6.533  -12.863 -6.956  1.00 17.74 ? 43  ARG A N   1 
ATOM   271  C  CA  . ARG A 1 42  ? -7.644  -12.071 -7.553  1.00 23.64 ? 43  ARG A CA  1 
ATOM   272  C  C   . ARG A 1 42  ? -8.996  -12.345 -6.881  1.00 20.89 ? 43  ARG A C   1 
ATOM   273  O  O   . ARG A 1 42  ? -9.877  -11.523 -7.031  1.00 24.06 ? 43  ARG A O   1 
ATOM   274  C  CB  . ARG A 1 42  ? -7.645  -12.330 -9.060  1.00 20.85 ? 43  ARG A CB  1 
ATOM   275  C  CG  . ARG A 1 42  ? -6.443  -11.770 -9.798  1.00 20.16 ? 43  ARG A CG  1 
ATOM   276  C  CD  . ARG A 1 42  ? -6.425  -12.186 -11.249 1.00 20.93 ? 43  ARG A CD  1 
ATOM   277  N  NE  . ARG A 1 42  ? -7.476  -11.542 -12.015 1.00 21.61 ? 43  ARG A NE  1 
ATOM   278  C  CZ  . ARG A 1 42  ? -7.799  -11.870 -13.253 1.00 22.87 ? 43  ARG A CZ  1 
ATOM   279  N  NH1 . ARG A 1 42  ? -7.138  -12.830 -13.874 1.00 21.80 ? 43  ARG A NH1 1 
ATOM   280  N  NH2 . ARG A 1 42  ? -8.768  -11.230 -13.875 1.00 22.86 ? 43  ARG A NH2 1 
ATOM   281  N  N   . SER A 1 43  ? -9.125  -13.431 -6.126  1.00 20.49 ? 44  SER A N   1 
ATOM   282  C  CA  . SER A 1 43  ? -10.359 -13.745 -5.366  1.00 23.28 ? 44  SER A CA  1 
ATOM   283  C  C   . SER A 1 43  ? -10.481 -12.808 -4.157  1.00 25.54 ? 44  SER A C   1 
ATOM   284  O  O   . SER A 1 43  ? -11.559 -12.781 -3.555  1.00 27.41 ? 44  SER A O   1 
ATOM   285  C  CB  . SER A 1 43  ? -10.360 -15.182 -4.926  1.00 22.18 ? 44  SER A CB  1 
ATOM   286  O  OG  . SER A 1 43  ? -9.682  -15.339 -3.694  1.00 28.77 ? 44  SER A OG  1 
ATOM   287  N  N   . ALA A 1 44  ? -9.401  -12.106 -3.804  1.00 22.68 ? 45  ALA A N   1 
ATOM   288  C  CA  . ALA A 1 44  ? -9.407  -11.164 -2.664  1.00 22.65 ? 45  ALA A CA  1 
ATOM   289  C  C   . ALA A 1 44  ? -10.577 -10.163 -2.714  1.00 21.55 ? 45  ALA A C   1 
ATOM   290  O  O   . ALA A 1 44  ? -10.912 -9.693  -3.794  1.00 22.24 ? 45  ALA A O   1 
ATOM   291  C  CB  . ALA A 1 44  ? -8.068  -10.492 -2.493  1.00 17.89 ? 45  ALA A CB  1 
ATOM   292  N  N   . ARG A 1 45  ? -11.165 -9.866  -1.560  1.00 19.32 ? 46  ARG A N   1 
ATOM   293  C  CA  . ARG A 1 45  ? -12.285 -8.901  -1.442  1.00 21.25 ? 46  ARG A CA  1 
ATOM   294  C  C   . ARG A 1 45  ? -11.723 -7.583  -0.904  1.00 20.11 ? 46  ARG A C   1 
ATOM   295  O  O   . ARG A 1 45  ? -12.282 -6.537  -1.192  1.00 18.73 ? 46  ARG A O   1 
ATOM   296  C  CB  . ARG A 1 45  ? -13.323 -9.517  -0.496  1.00 21.73 ? 46  ARG A CB  1 
ATOM   297  C  CG  . ARG A 1 45  ? -14.413 -8.588  0.017   1.00 30.24 ? 46  ARG A CG  1 
ATOM   298  C  CD  . ARG A 1 45  ? -15.301 -9.180  1.098   1.00 38.30 ? 46  ARG A CD  1 
ATOM   299  N  NE  . ARG A 1 45  ? -14.647 -10.214 1.887   1.00 45.23 ? 46  ARG A NE  1 
ATOM   300  C  CZ  . ARG A 1 45  ? -14.411 -10.139 3.189   1.00 42.23 ? 46  ARG A CZ  1 
ATOM   301  N  NH1 . ARG A 1 45  ? -14.781 -9.068  3.865   1.00 40.80 ? 46  ARG A NH1 1 
ATOM   302  N  NH2 . ARG A 1 45  ? -13.809 -11.135 3.812   1.00 40.12 ? 46  ARG A NH2 1 
ATOM   303  N  N   . ILE A 1 46  ? -10.645 -7.668  -0.131  1.00 20.15 ? 47  ILE A N   1 
ATOM   304  C  CA  . ILE A 1 46  ? -10.046 -6.472  0.510   1.00 15.59 ? 47  ILE A CA  1 
ATOM   305  C  C   . ILE A 1 46  ? -8.664  -6.221  -0.075  1.00 16.39 ? 47  ILE A C   1 
ATOM   306  O  O   . ILE A 1 46  ? -7.820  -7.113  0.027   1.00 15.42 ? 47  ILE A O   1 
ATOM   307  C  CB  . ILE A 1 46  ? -10.032 -6.569  2.046   1.00 15.91 ? 47  ILE A CB  1 
ATOM   308  C  CG1 . ILE A 1 46  ? -11.361 -7.077  2.614   1.00 16.98 ? 47  ILE A CG1 1 
ATOM   309  C  CG2 . ILE A 1 46  ? -9.596  -5.263  2.682   1.00 12.68 ? 47  ILE A CG2 1 
ATOM   310  C  CD1 . ILE A 1 46  ? -11.274 -7.579  4.029   1.00 17.13 ? 47  ILE A CD1 1 
ATOM   311  N  N   . MET A 1 47  ? -8.505  -5.080  -0.740  1.00 14.86 ? 48  MET A N   1 
ATOM   312  C  CA  . MET A 1 47  ? -7.174  -4.649  -1.216  1.00 13.34 ? 48  MET A CA  1 
ATOM   313  C  C   . MET A 1 47  ? -6.599  -3.696  -0.166  1.00 12.27 ? 48  MET A C   1 
ATOM   314  O  O   . MET A 1 47  ? -7.339  -2.855  0.297   1.00 12.58 ? 48  MET A O   1 
ATOM   315  C  CB  . MET A 1 47  ? -7.202  -3.957  -2.578  1.00 12.94 ? 48  MET A CB  1 
ATOM   316  C  CG  . MET A 1 47  ? -5.862  -3.443  -3.026  1.00 11.87 ? 48  MET A CG  1 
ATOM   317  S  SD  . MET A 1 47  ? -5.940  -2.893  -4.720  1.00 16.82 ? 48  MET A SD  1 
ATOM   318  C  CE  . MET A 1 47  ? -6.470  -4.408  -5.506  1.00 15.14 ? 48  MET A CE  1 
ATOM   319  N  N   . MET A 1 48  ? -5.354  -3.916  0.234   1.00 11.44 ? 49  MET A N   1 
ATOM   320  C  CA  . MET A 1 48  ? -4.665  -2.993  1.163   1.00 12.28 ? 49  MET A CA  1 
ATOM   321  C  C   . MET A 1 48  ? -3.496  -2.326  0.422   1.00 12.62 ? 49  MET A C   1 
ATOM   322  O  O   . MET A 1 48  ? -2.763  -3.026  -0.279  1.00 10.83 ? 49  MET A O   1 
ATOM   323  C  CB  . MET A 1 48  ? -4.222  -3.633  2.478   1.00 11.09 ? 49  MET A CB  1 
ATOM   324  C  CG  . MET A 1 48  ? -5.264  -4.502  3.146   1.00 14.86 ? 49  MET A CG  1 
ATOM   325  S  SD  . MET A 1 48  ? -5.102  -4.533  4.945   1.00 22.31 ? 49  MET A SD  1 
ATOM   326  C  CE  . MET A 1 48  ? -6.825  -4.677  5.399   1.00 19.85 ? 49  MET A CE  1 
ATOM   327  N  N   . ILE A 1 49  ? -3.387  -1.015  0.556   1.00 8.64  ? 50  ILE A N   1 
ATOM   328  C  CA  . ILE A 1 49  ? -2.365  -0.234  -0.180  1.00 9.87  ? 50  ILE A CA  1 
ATOM   329  C  C   . ILE A 1 49  ? -1.500  0.547   0.808   1.00 8.95  ? 50  ILE A C   1 
ATOM   330  O  O   . ILE A 1 49  ? -2.022  1.391   1.506   1.00 8.87  ? 50  ILE A O   1 
ATOM   331  C  CB  . ILE A 1 49  ? -2.979  0.668   -1.269  1.00 7.86  ? 50  ILE A CB  1 
ATOM   332  C  CG1 . ILE A 1 49  ? -3.972  -0.064  -2.173  1.00 7.75  ? 50  ILE A CG1 1 
ATOM   333  C  CG2 . ILE A 1 49  ? -1.889  1.371   -2.059  1.00 8.00  ? 50  ILE A CG2 1 
ATOM   334  C  CD1 . ILE A 1 49  ? -4.724  0.843   -3.103  1.00 8.35  ? 50  ILE A CD1 1 
ATOM   335  N  N   . GLY A 1 50  ? -0.233  0.187   0.883   1.00 6.63  ? 51  GLY A N   1 
ATOM   336  C  CA  . GLY A 1 50  ? 0.711   0.974   1.681   1.00 8.83  ? 51  GLY A CA  1 
ATOM   337  C  C   . GLY A 1 50  ? 1.379   2.047   0.819   1.00 11.31 ? 51  GLY A C   1 
ATOM   338  O  O   . GLY A 1 50  ? 0.843   2.421   -0.219  1.00 8.45  ? 51  GLY A O   1 
ATOM   339  N  N   . GLU A 1 51  ? 2.529   2.531   1.253   1.00 11.89 ? 52  GLU A N   1 
ATOM   340  C  CA  . GLU A 1 51  ? 3.214   3.639   0.540   1.00 10.98 ? 52  GLU A CA  1 
ATOM   341  C  C   . GLU A 1 51  ? 4.242   3.072   -0.427  1.00 11.82 ? 52  GLU A C   1 
ATOM   342  O  O   . GLU A 1 51  ? 4.143   3.388   -1.608  1.00 13.14 ? 52  GLU A O   1 
ATOM   343  C  CB  . GLU A 1 51  ? 3.817   4.582   1.584   1.00 12.03 ? 52  GLU A CB  1 
ATOM   344  C  CG  . GLU A 1 51  ? 4.933   5.484   1.100   1.00 12.56 ? 52  GLU A CG  1 
ATOM   345  C  CD  . GLU A 1 51  ? 5.504   6.397   2.173   1.00 19.08 ? 52  GLU A CD  1 
ATOM   346  O  OE1 . GLU A 1 51  ? 4.809   7.333   2.578   1.00 18.12 ? 52  GLU A OE1 1 
ATOM   347  O  OE2 . GLU A 1 51  ? 6.648   6.172   2.596   1.00 22.80 ? 52  GLU A OE2 1 
ATOM   348  N  N   . GLN A 1 52  ? 5.157   2.257   0.090   1.00 10.90 ? 53  GLN A N   1 
ATOM   349  C  CA  . GLN A 1 52  ? 6.281   1.733   -0.716  1.00 14.77 ? 53  GLN A CA  1 
ATOM   350  C  C   . GLN A 1 52  ? 6.930   0.559   0.009   1.00 15.30 ? 53  GLN A C   1 
ATOM   351  O  O   . GLN A 1 52  ? 6.837   0.481   1.227   1.00 14.51 ? 53  GLN A O   1 
ATOM   352  C  CB  . GLN A 1 52  ? 7.387   2.784   -0.892  1.00 13.93 ? 53  GLN A CB  1 
ATOM   353  C  CG  . GLN A 1 52  ? 8.022   3.312   0.379   1.00 15.43 ? 53  GLN A CG  1 
ATOM   354  C  CD  . GLN A 1 52  ? 9.224   4.152   0.040   1.00 21.07 ? 53  GLN A CD  1 
ATOM   355  O  OE1 . GLN A 1 52  ? 9.827   3.997   -1.013  1.00 22.02 ? 53  GLN A OE1 1 
ATOM   356  N  NE2 . GLN A 1 52  ? 9.572   5.060   0.932   1.00 22.62 ? 53  GLN A NE2 1 
ATOM   357  N  N   . PRO A 1 53  ? 7.621   -0.388  -0.686  1.00 16.73 ? 54  PRO A N   1 
ATOM   358  C  CA  . PRO A 1 53  ? 8.391   -1.396  0.021   1.00 13.84 ? 54  PRO A CA  1 
ATOM   359  C  C   . PRO A 1 53  ? 9.491   -0.730  0.863   1.00 14.70 ? 54  PRO A C   1 
ATOM   360  O  O   . PRO A 1 53  ? 9.963   0.290   0.477   1.00 18.37 ? 54  PRO A O   1 
ATOM   361  C  CB  . PRO A 1 53  ? 9.090   -2.188  -1.091  1.00 15.71 ? 54  PRO A CB  1 
ATOM   362  C  CG  . PRO A 1 53  ? 9.061   -1.289  -2.291  1.00 13.70 ? 54  PRO A CG  1 
ATOM   363  C  CD  . PRO A 1 53  ? 7.710   -0.638  -2.156  1.00 14.52 ? 54  PRO A CD  1 
ATOM   364  N  N   . GLY A 1 54  ? 9.822   -1.307  2.011   1.00 13.57 ? 55  GLY A N   1 
ATOM   365  C  CA  . GLY A 1 54  ? 10.958  -0.829  2.815   1.00 14.00 ? 55  GLY A CA  1 
ATOM   366  C  C   . GLY A 1 54  ? 12.221  -1.639  2.521   1.00 17.81 ? 55  GLY A C   1 
ATOM   367  O  O   . GLY A 1 54  ? 12.284  -2.254  1.469   1.00 16.00 ? 55  GLY A O   1 
ATOM   368  N  N   . ASP A 1 55  ? 13.167  -1.677  3.446   1.00 30.00 ? 56  ASP A N   1 
ATOM   369  C  CA  . ASP A 1 55  ? 14.488  -2.342  3.245   1.00 30.00 ? 56  ASP A CA  1 
ATOM   370  C  C   . ASP A 1 55  ? 14.374  -3.880  3.111   1.00 30.00 ? 56  ASP A C   1 
ATOM   371  O  O   . ASP A 1 55  ? 14.941  -4.400  2.171   1.00 30.00 ? 56  ASP A O   1 
ATOM   372  C  CB  . ASP A 1 55  ? 15.494  -1.693  4.206   1.00 30.00 ? 56  ASP A CB  1 
ATOM   373  C  CG  . ASP A 1 55  ? 16.839  -2.349  4.430   1.00 30.00 ? 56  ASP A CG  1 
ATOM   374  O  OD1 . ASP A 1 55  ? 17.517  -2.658  3.450   1.00 30.00 ? 56  ASP A OD1 1 
ATOM   375  O  OD2 . ASP A 1 55  ? 17.220  -2.467  5.600   1.00 30.00 ? 56  ASP A OD2 1 
ATOM   376  N  N   . LYS A 1 56  ? 13.641  -4.553  4.000   1.00 17.80 ? 57  LYS A N   1 
ATOM   377  C  CA  . LYS A 1 56  ? 13.402  -6.025  3.908   1.00 18.51 ? 57  LYS A CA  1 
ATOM   378  C  C   . LYS A 1 56  ? 12.612  -6.375  2.638   1.00 16.78 ? 57  LYS A C   1 
ATOM   379  O  O   . LYS A 1 56  ? 13.063  -7.250  1.924   1.00 14.82 ? 57  LYS A O   1 
ATOM   380  C  CB  . LYS A 1 56  ? 12.675  -6.548  5.150   1.00 19.76 ? 57  LYS A CB  1 
ATOM   381  C  CG  . LYS A 1 56  ? 13.245  -7.815  5.769   1.00 26.29 ? 57  LYS A CG  1 
ATOM   382  C  CD  . LYS A 1 56  ? 12.928  -9.077  4.999   1.00 26.98 ? 57  LYS A CD  1 
ATOM   383  C  CE  . LYS A 1 56  ? 12.262  -10.133 5.855   1.00 28.73 ? 57  LYS A CE  1 
ATOM   384  N  NZ  . LYS A 1 56  ? 11.783  -9.579  7.141   1.00 27.40 ? 57  LYS A NZ  1 
ATOM   385  N  N   . GLU A 1 57  ? 11.505  -5.683  2.386   1.00 14.45 ? 58  GLU A N   1 
ATOM   386  C  CA  . GLU A 1 57  ? 10.620  -5.930  1.212   1.00 15.77 ? 58  GLU A CA  1 
ATOM   387  C  C   . GLU A 1 57  ? 11.438  -5.843  -0.085  1.00 12.80 ? 58  GLU A C   1 
ATOM   388  O  O   . GLU A 1 57  ? 11.262  -6.709  -0.920  1.00 11.75 ? 58  GLU A O   1 
ATOM   389  C  CB  . GLU A 1 57  ? 9.435   -4.947  1.272   1.00 13.47 ? 58  GLU A CB  1 
ATOM   390  C  CG  . GLU A 1 57  ? 8.492   -5.127  2.439   1.00 13.12 ? 58  GLU A CG  1 
ATOM   391  C  CD  . GLU A 1 57  ? 8.850   -4.450  3.746   1.00 16.23 ? 58  GLU A CD  1 
ATOM   392  O  OE1 . GLU A 1 57  ? 9.771   -3.638  3.756   1.00 14.80 ? 58  GLU A OE1 1 
ATOM   393  O  OE2 . GLU A 1 57  ? 8.208   -4.757  4.746   1.00 19.49 ? 58  GLU A OE2 1 
ATOM   394  N  N   . ASP A 1 58  ? 12.275  -4.815  -0.221  1.00 12.45 ? 59  ASP A N   1 
ATOM   395  C  CA  . ASP A 1 58  ? 13.173  -4.617  -1.386  1.00 14.57 ? 59  ASP A CA  1 
ATOM   396  C  C   . ASP A 1 58  ? 14.027  -5.878  -1.675  1.00 14.64 ? 59  ASP A C   1 
ATOM   397  O  O   . ASP A 1 58  ? 14.243  -6.143  -2.846  1.00 12.95 ? 59  ASP A O   1 
ATOM   398  C  CB  . ASP A 1 58  ? 13.966  -3.308  -1.228  1.00 13.45 ? 59  ASP A CB  1 
ATOM   399  C  CG  . ASP A 1 58  ? 15.074  -3.115  -2.247  1.00 13.90 ? 59  ASP A CG  1 
ATOM   400  O  OD1 . ASP A 1 58  ? 14.772  -2.720  -3.370  1.00 12.31 ? 59  ASP A OD1 1 
ATOM   401  O  OD2 . ASP A 1 58  ? 16.219  -3.385  -1.909  1.00 14.58 ? 59  ASP A OD2 1 
ATOM   402  N  N   . LEU A 1 59  ? 14.472  -6.607  -0.649  1.00 12.61 ? 60  LEU A N   1 
ATOM   403  C  CA  . LEU A 1 59  ? 15.302  -7.833  -0.808  1.00 13.74 ? 60  LEU A CA  1 
ATOM   404  C  C   . LEU A 1 59  ? 14.451  -9.106  -0.732  1.00 17.20 ? 60  LEU A C   1 
ATOM   405  O  O   . LEU A 1 59  ? 14.900  -10.122 -1.252  1.00 18.63 ? 60  LEU A O   1 
ATOM   406  C  CB  . LEU A 1 59  ? 16.401  -7.818  0.259   1.00 15.26 ? 60  LEU A CB  1 
ATOM   407  C  CG  . LEU A 1 59  ? 17.298  -6.584  0.236   1.00 16.96 ? 60  LEU A CG  1 
ATOM   408  C  CD1 . LEU A 1 59  ? 18.034  -6.410  1.552   1.00 17.76 ? 60  LEU A CD1 1 
ATOM   409  C  CD2 . LEU A 1 59  ? 18.277  -6.650  -0.921  1.00 14.48 ? 60  LEU A CD2 1 
ATOM   410  N  N   . ALA A 1 60  ? 13.267  -9.035  -0.132  1.00 14.84 ? 61  ALA A N   1 
ATOM   411  C  CA  . ALA A 1 60  ? 12.362  -10.205 0.008   1.00 17.13 ? 61  ALA A CA  1 
ATOM   412  C  C   . ALA A 1 60  ? 11.476  -10.409 -1.228  1.00 16.78 ? 61  ALA A C   1 
ATOM   413  O  O   . ALA A 1 60  ? 11.114  -11.548 -1.488  1.00 16.27 ? 61  ALA A O   1 
ATOM   414  C  CB  . ALA A 1 60  ? 11.540  -10.075 1.264   1.00 12.99 ? 61  ALA A CB  1 
ATOM   415  N  N   . GLY A 1 61  ? 11.139  -9.342  -1.946  1.00 15.70 ? 62  GLY A N   1 
ATOM   416  C  CA  . GLY A 1 61  ? 10.216  -9.421  -3.098  1.00 18.32 ? 62  GLY A CA  1 
ATOM   417  C  C   . GLY A 1 61  ? 8.743   -9.428  -2.710  1.00 14.43 ? 62  GLY A C   1 
ATOM   418  O  O   . GLY A 1 61  ? 7.943   -9.738  -3.572  1.00 14.89 ? 62  GLY A O   1 
ATOM   419  N  N   . LEU A 1 62  ? 8.421   -9.147  -1.449  1.00 14.46 ? 63  LEU A N   1 
ATOM   420  C  CA  . LEU A 1 62  ? 7.028   -9.215  -0.939  1.00 14.93 ? 63  LEU A CA  1 
ATOM   421  C  C   . LEU A 1 62  ? 6.717   -7.983  -0.096  1.00 16.56 ? 63  LEU A C   1 
ATOM   422  O  O   . LEU A 1 62  ? 7.593   -7.549  0.627   1.00 15.74 ? 63  LEU A O   1 
ATOM   423  C  CB  . LEU A 1 62  ? 6.824   -10.470 -0.082  1.00 17.50 ? 63  LEU A CB  1 
ATOM   424  C  CG  . LEU A 1 62  ? 6.901   -11.810 -0.808  1.00 21.34 ? 63  LEU A CG  1 
ATOM   425  C  CD1 . LEU A 1 62  ? 7.224   -12.929 0.166   1.00 17.61 ? 63  LEU A CD1 1 
ATOM   426  C  CD2 . LEU A 1 62  ? 5.607   -12.100 -1.547  1.00 18.42 ? 63  LEU A CD2 1 
ATOM   427  N  N   . PRO A 1 63  ? 5.480   -7.456  -0.140  1.00 15.33 ? 64  PRO A N   1 
ATOM   428  C  CA  . PRO A 1 63  ? 5.102   -6.345  0.732   1.00 14.11 ? 64  PRO A CA  1 
ATOM   429  C  C   . PRO A 1 63  ? 4.927   -6.665  2.231   1.00 15.40 ? 64  PRO A C   1 
ATOM   430  O  O   . PRO A 1 63  ? 4.671   -7.805  2.527   1.00 14.39 ? 64  PRO A O   1 
ATOM   431  C  CB  . PRO A 1 63  ? 3.766   -5.913  0.113   1.00 12.05 ? 64  PRO A CB  1 
ATOM   432  C  CG  . PRO A 1 63  ? 3.198   -7.176  -0.457  1.00 13.44 ? 64  PRO A CG  1 
ATOM   433  C  CD  . PRO A 1 63  ? 4.400   -7.896  -1.017  1.00 13.04 ? 64  PRO A CD  1 
ATOM   434  N  N   . PHE A 1 64  ? 5.157   -5.691  3.114   1.00 13.61 ? 65  PHE A N   1 
ATOM   435  C  CA  . PHE A 1 64  ? 4.884   -5.804  4.578   1.00 15.02 ? 65  PHE A CA  1 
ATOM   436  C  C   . PHE A 1 64  ? 5.476   -7.090  5.209   1.00 17.71 ? 65  PHE A C   1 
ATOM   437  O  O   . PHE A 1 64  ? 4.700   -7.900  5.713   1.00 17.26 ? 65  PHE A O   1 
ATOM   438  C  CB  . PHE A 1 64  ? 3.386   -5.555  4.811   1.00 13.65 ? 65  PHE A CB  1 
ATOM   439  C  CG  . PHE A 1 64  ? 2.877   -4.146  4.646   1.00 12.90 ? 65  PHE A CG  1 
ATOM   440  C  CD1 . PHE A 1 64  ? 3.166   -3.165  5.578   1.00 13.17 ? 65  PHE A CD1 1 
ATOM   441  C  CD2 . PHE A 1 64  ? 2.067   -3.808  3.575   1.00 11.40 ? 65  PHE A CD2 1 
ATOM   442  C  CE1 . PHE A 1 64  ? 2.683   -1.877  5.426   1.00 12.29 ? 65  PHE A CE1 1 
ATOM   443  C  CE2 . PHE A 1 64  ? 1.578   -2.521  3.426   1.00 11.98 ? 65  PHE A CE2 1 
ATOM   444  C  CZ  . PHE A 1 64  ? 1.888   -1.557  4.353   1.00 12.04 ? 65  PHE A CZ  1 
ATOM   445  N  N   . VAL A 1 65  ? 6.802   -7.263  5.174   1.00 16.60 ? 66  VAL A N   1 
ATOM   446  C  CA  . VAL A 1 65  ? 7.501   -8.456  5.751   1.00 21.53 ? 66  VAL A CA  1 
ATOM   447  C  C   . VAL A 1 65  ? 8.388   -7.998  6.915   1.00 23.20 ? 66  VAL A C   1 
ATOM   448  O  O   . VAL A 1 65  ? 8.956   -8.854  7.582   1.00 26.68 ? 66  VAL A O   1 
ATOM   449  C  CB  . VAL A 1 65  ? 8.277   -9.267  4.692   1.00 17.88 ? 66  VAL A CB  1 
ATOM   450  C  CG1 . VAL A 1 65  ? 7.345   -9.996  3.742   1.00 15.43 ? 66  VAL A CG1 1 
ATOM   451  C  CG2 . VAL A 1 65  ? 9.278   -8.422  3.932   1.00 17.03 ? 66  VAL A CG2 1 
ATOM   452  N  N   . GLY A 1 66  ? 8.464   -6.691  7.154   1.00 20.90 ? 67  GLY A N   1 
ATOM   453  C  CA  . GLY A 1 66  ? 9.247   -6.143  8.272   1.00 20.96 ? 67  GLY A CA  1 
ATOM   454  C  C   . GLY A 1 66  ? 8.416   -5.773  9.495   1.00 25.23 ? 67  GLY A C   1 
ATOM   455  O  O   . GLY A 1 66  ? 7.330   -6.313  9.668   1.00 22.72 ? 67  GLY A O   1 
ATOM   456  N  N   . PRO A 1 67  ? 8.920   -4.893  10.386  1.00 27.97 ? 68  PRO A N   1 
ATOM   457  C  CA  . PRO A 1 67  ? 8.209   -4.515  11.619  1.00 26.65 ? 68  PRO A CA  1 
ATOM   458  C  C   . PRO A 1 67  ? 6.786   -3.933  11.477  1.00 24.58 ? 68  PRO A C   1 
ATOM   459  O  O   . PRO A 1 67  ? 5.940   -4.270  12.256  1.00 26.27 ? 68  PRO A O   1 
ATOM   460  C  CB  . PRO A 1 67  ? 9.192   -3.554  12.312  1.00 28.17 ? 68  PRO A CB  1 
ATOM   461  C  CG  . PRO A 1 67  ? 10.139  -3.096  11.239  1.00 25.67 ? 68  PRO A CG  1 
ATOM   462  C  CD  . PRO A 1 67  ? 10.229  -4.258  10.278  1.00 27.55 ? 68  PRO A CD  1 
ATOM   463  N  N   . ALA A 1 68  ? 6.551   -3.105  10.464  1.00 21.92 ? 69  ALA A N   1 
ATOM   464  C  CA  . ALA A 1 68  ? 5.208   -2.537  10.215  1.00 23.02 ? 69  ALA A CA  1 
ATOM   465  C  C   . ALA A 1 68  ? 4.252   -3.641  9.756   1.00 19.56 ? 69  ALA A C   1 
ATOM   466  O  O   . ALA A 1 68  ? 3.096   -3.588  10.133  1.00 18.72 ? 69  ALA A O   1 
ATOM   467  C  CB  . ALA A 1 68  ? 5.306   -1.412  9.225   1.00 19.15 ? 69  ALA A CB  1 
ATOM   468  N  N   . GLY A 1 69  ? 4.750   -4.603  8.982   1.00 18.71 ? 70  GLY A N   1 
ATOM   469  C  CA  . GLY A 1 69  ? 3.944   -5.758  8.564   1.00 18.86 ? 70  GLY A CA  1 
ATOM   470  C  C   . GLY A 1 69  ? 3.584   -6.647  9.739   1.00 23.31 ? 70  GLY A C   1 
ATOM   471  O  O   . GLY A 1 69  ? 2.458   -7.131  9.750   1.00 19.92 ? 70  GLY A O   1 
ATOM   472  N  N   . ARG A 1 70  ? 4.514   -6.843  10.687  1.00 24.65 ? 71  ARG A N   1 
ATOM   473  C  CA  . ARG A 1 70  ? 4.220   -7.605  11.931  1.00 29.20 ? 71  ARG A CA  1 
ATOM   474  C  C   . ARG A 1 70  ? 3.081   -6.906  12.693  1.00 24.52 ? 71  ARG A C   1 
ATOM   475  O  O   . ARG A 1 70  ? 2.187   -7.605  13.141  1.00 26.80 ? 71  ARG A O   1 
ATOM   476  C  CB  . ARG A 1 70  ? 5.479   -7.781  12.789  1.00 30.69 ? 71  ARG A CB  1 
ATOM   477  C  CG  . ARG A 1 70  ? 6.361   -8.948  12.372  1.00 41.00 ? 71  ARG A CG  1 
ATOM   478  C  CD  . ARG A 1 70  ? 7.698   -8.965  13.084  1.00 49.08 ? 71  ARG A CD  1 
ATOM   479  N  NE  . ARG A 1 70  ? 8.824   -8.851  12.168  1.00 54.86 ? 71  ARG A NE  1 
ATOM   480  C  CZ  . ARG A 1 70  ? 9.831   -8.004  12.328  1.00 54.52 ? 71  ARG A CZ  1 
ATOM   481  N  NH1 . ARG A 1 70  ? 9.853   -7.203  13.378  1.00 54.25 ? 71  ARG A NH1 1 
ATOM   482  N  NH2 . ARG A 1 70  ? 10.812  -7.961  11.446  1.00 53.68 ? 71  ARG A NH2 1 
ATOM   483  N  N   . LEU A 1 71  ? 3.119   -5.578  12.784  1.00 23.04 ? 72  LEU A N   1 
ATOM   484  C  CA  . LEU A 1 71  ? 2.069   -4.800  13.483  1.00 25.34 ? 72  LEU A CA  1 
ATOM   485  C  C   . LEU A 1 71  ? 0.740   -4.874  12.721  1.00 23.25 ? 72  LEU A C   1 
ATOM   486  O  O   . LEU A 1 71  ? -0.282  -5.062  13.374  1.00 24.55 ? 72  LEU A O   1 
ATOM   487  C  CB  . LEU A 1 71  ? 2.555   -3.361  13.659  1.00 25.25 ? 72  LEU A CB  1 
ATOM   488  C  CG  . LEU A 1 71  ? 2.349   -2.770  15.043  1.00 32.32 ? 72  LEU A CG  1 
ATOM   489  C  CD1 . LEU A 1 71  ? 3.197   -1.539  15.241  1.00 36.14 ? 72  LEU A CD1 1 
ATOM   490  C  CD2 . LEU A 1 71  ? 0.896   -2.487  15.326  1.00 33.65 ? 72  LEU A CD2 1 
ATOM   491  N  N   . LEU A 1 72  ? 0.769   -4.723  11.403  1.00 21.08 ? 73  LEU A N   1 
ATOM   492  C  CA  . LEU A 1 72  ? -0.450  -4.874  10.582  1.00 18.77 ? 73  LEU A CA  1 
ATOM   493  C  C   . LEU A 1 72  ? -1.080  -6.255  10.816  1.00 21.46 ? 73  LEU A C   1 
ATOM   494  O  O   . LEU A 1 72  ? -2.282  -6.277  11.022  1.00 25.13 ? 73  LEU A O   1 
ATOM   495  C  CB  . LEU A 1 72  ? -0.095  -4.630  9.116   1.00 16.93 ? 73  LEU A CB  1 
ATOM   496  C  CG  . LEU A 1 72  ? -1.258  -4.531  8.133   1.00 19.88 ? 73  LEU A CG  1 
ATOM   497  C  CD1 . LEU A 1 72  ? -2.202  -3.402  8.506   1.00 14.84 ? 73  LEU A CD1 1 
ATOM   498  C  CD2 . LEU A 1 72  ? -0.744  -4.351  6.712   1.00 14.56 ? 73  LEU A CD2 1 
ATOM   499  N  N   . ASP A 1 73  ? -0.299  -7.340  10.814  1.00 21.98 ? 74  ASP A N   1 
ATOM   500  C  CA  . ASP A 1 73  ? -0.804  -8.728  11.017  1.00 27.10 ? 74  ASP A CA  1 
ATOM   501  C  C   . ASP A 1 73  ? -1.470  -8.879  12.387  1.00 24.76 ? 74  ASP A C   1 
ATOM   502  O  O   . ASP A 1 73  ? -2.505  -9.509  12.432  1.00 26.30 ? 74  ASP A O   1 
ATOM   503  C  CB  . ASP A 1 73  ? 0.271   -9.794  10.761  1.00 30.02 ? 74  ASP A CB  1 
ATOM   504  C  CG  . ASP A 1 73  ? -0.317  -11.187 10.612  1.00 42.32 ? 74  ASP A CG  1 
ATOM   505  O  OD1 . ASP A 1 73  ? -0.960  -11.444 9.575   1.00 41.20 ? 74  ASP A OD1 1 
ATOM   506  O  OD2 . ASP A 1 73  ? -0.144  -11.997 11.543  1.00 46.18 ? 74  ASP A OD2 1 
ATOM   507  N  N   . ARG A 1 74  ? -0.898  -8.276  13.428  1.00 26.09 ? 75  ARG A N   1 
ATOM   508  C  CA  . ARG A 1 74  ? -1.472  -8.287  14.798  1.00 29.71 ? 75  ARG A CA  1 
ATOM   509  C  C   . ARG A 1 74  ? -2.832  -7.572  14.791  1.00 25.66 ? 75  ARG A C   1 
ATOM   510  O  O   . ARG A 1 74  ? -3.740  -8.050  15.486  1.00 28.65 ? 75  ARG A O   1 
ATOM   511  C  CB  . ARG A 1 74  ? -0.455  -7.667  15.766  1.00 33.15 ? 75  ARG A CB  1 
ATOM   512  C  CG  . ARG A 1 74  ? -0.307  -8.369  17.105  1.00 42.56 ? 75  ARG A CG  1 
ATOM   513  C  CD  . ARG A 1 74  ? -0.232  -7.425  18.289  1.00 44.70 ? 75  ARG A CD  1 
ATOM   514  N  NE  . ARG A 1 74  ? 0.654   -6.280  18.148  1.00 50.26 ? 75  ARG A NE  1 
ATOM   515  C  CZ  . ARG A 1 74  ? 0.494   -5.132  18.795  1.00 51.33 ? 75  ARG A CZ  1 
ATOM   516  N  NH1 . ARG A 1 74  ? -0.518  -4.981  19.630  1.00 50.42 ? 75  ARG A NH1 1 
ATOM   517  N  NH2 . ARG A 1 74  ? 1.338   -4.135  18.608  1.00 56.75 ? 75  ARG A NH2 1 
ATOM   518  N  N   . ALA A 1 75  ? -2.976  -6.505  14.005  1.00 23.19 ? 76  ALA A N   1 
ATOM   519  C  CA  . ALA A 1 75  ? -4.247  -5.741  13.901  1.00 23.26 ? 76  ALA A CA  1 
ATOM   520  C  C   . ALA A 1 75  ? -5.267  -6.483  13.035  1.00 19.52 ? 76  ALA A C   1 
ATOM   521  O  O   . ALA A 1 75  ? -6.437  -6.439  13.372  1.00 24.02 ? 76  ALA A O   1 
ATOM   522  C  CB  . ALA A 1 75  ? -3.960  -4.356  13.388  1.00 21.94 ? 76  ALA A CB  1 
ATOM   523  N  N   . LEU A 1 76  ? -4.821  -7.134  11.969  1.00 22.27 ? 77  LEU A N   1 
ATOM   524  C  CA  . LEU A 1 76  ? -5.704  -7.969  11.113  1.00 24.30 ? 77  LEU A CA  1 
ATOM   525  C  C   . LEU A 1 76  ? -6.198  -9.155  11.942  1.00 24.70 ? 77  LEU A C   1 
ATOM   526  O  O   . LEU A 1 76  ? -7.376  -9.446  11.847  1.00 26.04 ? 77  LEU A O   1 
ATOM   527  C  CB  . LEU A 1 76  ? -4.901  -8.445  9.898   1.00 21.83 ? 77  LEU A CB  1 
ATOM   528  C  CG  . LEU A 1 76  ? -4.575  -7.405  8.833   1.00 24.50 ? 77  LEU A CG  1 
ATOM   529  C  CD1 . LEU A 1 76  ? -3.457  -7.902  7.933   1.00 22.45 ? 77  LEU A CD1 1 
ATOM   530  C  CD2 . LEU A 1 76  ? -5.806  -7.065  8.016   1.00 19.13 ? 77  LEU A CD2 1 
ATOM   531  N  N   . GLU A 1 77  ? -5.310  -9.768  12.731  1.00 25.50 ? 78  GLU A N   1 
ATOM   532  C  CA  . GLU A 1 77  ? -5.654  -10.913 13.612  1.00 27.99 ? 78  GLU A CA  1 
ATOM   533  C  C   . GLU A 1 77  ? -6.727  -10.465 14.604  1.00 25.27 ? 78  GLU A C   1 
ATOM   534  O  O   . GLU A 1 77  ? -7.670  -11.220 14.792  1.00 26.47 ? 78  GLU A O   1 
ATOM   535  C  CB  . GLU A 1 77  ? -4.391  -11.502 14.277  1.00 30.61 ? 78  GLU A CB  1 
ATOM   536  C  CG  . GLU A 1 77  ? -4.511  -12.951 14.680  1.00 29.32 ? 78  GLU A CG  1 
ATOM   537  C  CD  . GLU A 1 77  ? -5.104  -13.100 16.066  1.00 33.28 ? 78  GLU A CD  1 
ATOM   538  O  OE1 . GLU A 1 77  ? -4.849  -12.225 16.907  1.00 35.33 ? 78  GLU A OE1 1 
ATOM   539  O  OE2 . GLU A 1 77  ? -5.841  -14.062 16.283  1.00 33.33 ? 78  GLU A OE2 1 
ATOM   540  N  N   . ALA A 1 78  ? -6.598  -9.259  15.161  1.00 24.66 ? 79  ALA A N   1 
ATOM   541  C  CA  . ALA A 1 78  ? -7.573  -8.756  16.151  1.00 24.31 ? 79  ALA A CA  1 
ATOM   542  C  C   . ALA A 1 78  ? -8.888  -8.312  15.489  1.00 26.35 ? 79  ALA A C   1 
ATOM   543  O  O   . ALA A 1 78  ? -9.914  -8.387  16.168  1.00 30.24 ? 79  ALA A O   1 
ATOM   544  C  CB  . ALA A 1 78  ? -6.951  -7.693  17.012  1.00 21.52 ? 79  ALA A CB  1 
ATOM   545  N  N   . ALA A 1 79  ? -8.866  -7.894  14.223  1.00 25.87 ? 80  ALA A N   1 
ATOM   546  C  CA  . ALA A 1 79  ? -10.082 -7.487  13.483  1.00 24.68 ? 80  ALA A CA  1 
ATOM   547  C  C   . ALA A 1 79  ? -10.734 -8.706  12.829  1.00 27.37 ? 80  ALA A C   1 
ATOM   548  O  O   . ALA A 1 79  ? -11.674 -8.507  12.070  1.00 26.16 ? 80  ALA A O   1 
ATOM   549  C  CB  . ALA A 1 79  ? -9.747  -6.448  12.454  1.00 21.55 ? 80  ALA A CB  1 
ATOM   550  N  N   . ASP A 1 80  ? -10.226 -9.909  13.107  1.00 28.06 ? 81  ASP A N   1 
ATOM   551  C  CA  . ASP A 1 80  ? -10.763 -11.175 12.541  1.00 33.10 ? 81  ASP A CA  1 
ATOM   552  C  C   . ASP A 1 80  ? -10.703 -11.165 11.009  1.00 36.06 ? 81  ASP A C   1 
ATOM   553  O  O   . ASP A 1 80  ? -11.658 -11.613 10.379  1.00 40.84 ? 81  ASP A O   1 
ATOM   554  C  CB  . ASP A 1 80  ? -12.100 -11.590 13.167  1.00 33.96 ? 81  ASP A CB  1 
ATOM   555  C  CG  . ASP A 1 80  ? -12.505 -13.034 12.911  1.00 41.57 ? 81  ASP A CG  1 
ATOM   556  O  OD1 . ASP A 1 80  ? -11.685 -13.931 13.153  1.00 45.40 ? 81  ASP A OD1 1 
ATOM   557  O  OD2 . ASP A 1 80  ? -13.635 -13.242 12.449  1.00 42.29 ? 81  ASP A OD2 1 
ATOM   558  N  N   . ILE A 1 81  ? -9.619  -10.648 10.425  1.00 37.02 ? 82  ILE A N   1 
ATOM   559  C  CA  . ILE A 1 81  ? -9.450  -10.721 8.948   1.00 31.06 ? 82  ILE A CA  1 
ATOM   560  C  C   . ILE A 1 81  ? -8.310  -11.689 8.659   1.00 34.49 ? 82  ILE A C   1 
ATOM   561  O  O   . ILE A 1 81  ? -7.200  -11.464 9.159   1.00 39.86 ? 82  ILE A O   1 
ATOM   562  C  CB  . ILE A 1 81  ? -9.183  -9.340  8.317   1.00 30.09 ? 82  ILE A CB  1 
ATOM   563  C  CG1 . ILE A 1 81  ? -10.176 -8.277  8.787   1.00 28.68 ? 82  ILE A CG1 1 
ATOM   564  C  CG2 . ILE A 1 81  ? -9.131  -9.432  6.803   1.00 28.50 ? 82  ILE A CG2 1 
ATOM   565  C  CD1 . ILE A 1 81  ? -9.758  -6.877  8.448   1.00 23.97 ? 82  ILE A CD1 1 
ATOM   566  N  N   . ASP A 1 82  ? -8.572  -12.730 7.878   1.00 40.20 ? 83  ASP A N   1 
ATOM   567  C  CA  . ASP A 1 82  ? -7.448  -13.595 7.437   1.00 44.83 ? 83  ASP A CA  1 
ATOM   568  C  C   . ASP A 1 82  ? -6.847  -12.991 6.168   1.00 42.57 ? 83  ASP A C   1 
ATOM   569  O  O   . ASP A 1 82  ? -7.583  -12.322 5.436   1.00 42.50 ? 83  ASP A O   1 
ATOM   570  C  CB  . ASP A 1 82  ? -7.877  -15.037 7.184   1.00 49.28 ? 83  ASP A CB  1 
ATOM   571  N  N   . ARG A 1 83  ? -5.572  -13.257 5.906   1.00 44.64 ? 84  ARG A N   1 
ATOM   572  C  CA  . ARG A 1 83  ? -4.894  -12.709 4.698   1.00 43.21 ? 84  ARG A CA  1 
ATOM   573  C  C   . ARG A 1 83  ? -5.307  -13.464 3.431   1.00 39.48 ? 84  ARG A C   1 
ATOM   574  O  O   . ARG A 1 83  ? -4.872  -13.054 2.356   1.00 42.97 ? 84  ARG A O   1 
ATOM   575  C  CB  . ARG A 1 83  ? -3.373  -12.709 4.882   1.00 45.41 ? 84  ARG A CB  1 
ATOM   576  C  CG  . ARG A 1 83  ? -2.782  -11.417 5.431   1.00 47.00 ? 84  ARG A CG  1 
ATOM   577  C  CD  . ARG A 1 83  ? -1.449  -11.040 4.803   1.00 46.07 ? 84  ARG A CD  1 
ATOM   578  N  NE  . ARG A 1 83  ? -0.563  -10.310 5.703   1.00 50.88 ? 84  ARG A NE  1 
ATOM   579  C  CZ  . ARG A 1 83  ? 0.511   -9.623  5.326   1.00 47.02 ? 84  ARG A CZ  1 
ATOM   580  N  NH1 . ARG A 1 83  ? 0.852   -9.564  4.051   1.00 41.46 ? 84  ARG A NH1 1 
ATOM   581  N  NH2 . ARG A 1 83  ? 1.244   -8.995  6.226   1.00 37.47 ? 84  ARG A NH2 1 
ATOM   582  N  N   . ASP A 1 84  ? -6.128  -14.505 3.548   1.00 41.46 ? 85  ASP A N   1 
ATOM   583  C  CA  . ASP A 1 84  ? -6.626  -15.269 2.375   1.00 44.27 ? 85  ASP A CA  1 
ATOM   584  C  C   . ASP A 1 84  ? -7.578  -14.393 1.570   1.00 39.14 ? 85  ASP A C   1 
ATOM   585  O  O   . ASP A 1 84  ? -7.738  -14.655 0.382   1.00 40.26 ? 85  ASP A O   1 
ATOM   586  C  CB  . ASP A 1 84  ? -7.349  -16.551 2.812   1.00 51.97 ? 85  ASP A CB  1 
ATOM   587  N  N   . ALA A 1 85  ? -8.166  -13.392 2.212   1.00 36.21 ? 86  ALA A N   1 
ATOM   588  C  CA  . ALA A 1 85  ? -9.092  -12.466 1.543   1.00 31.13 ? 86  ALA A CA  1 
ATOM   589  C  C   . ALA A 1 85  ? -8.345  -11.190 1.173   1.00 27.42 ? 86  ALA A C   1 
ATOM   590  O  O   . ALA A 1 85  ? -9.011  -10.238 0.771   1.00 25.07 ? 86  ALA A O   1 
ATOM   591  C  CB  . ALA A 1 85  ? -10.199 -12.149 2.503   1.00 27.47 ? 86  ALA A CB  1 
ATOM   592  N  N   . LEU A 1 86  ? -7.023  -11.189 1.296   1.00 26.93 ? 87  LEU A N   1 
ATOM   593  C  CA  . LEU A 1 86  ? -6.275  -9.917  1.127   1.00 24.45 ? 87  LEU A CA  1 
ATOM   594  C  C   . LEU A 1 86  ? -5.335  -9.827  -0.074  1.00 18.41 ? 87  LEU A C   1 
ATOM   595  O  O   . LEU A 1 86  ? -4.519  -10.720 -0.241  1.00 17.97 ? 87  LEU A O   1 
ATOM   596  C  CB  . LEU A 1 86  ? -5.510  -9.577  2.412   1.00 23.17 ? 87  LEU A CB  1 
ATOM   597  C  CG  . LEU A 1 86  ? -6.304  -9.302  3.680   1.00 27.75 ? 87  LEU A CG  1 
ATOM   598  C  CD1 . LEU A 1 86  ? -5.361  -8.824  4.762   1.00 28.06 ? 87  LEU A CD1 1 
ATOM   599  C  CD2 . LEU A 1 86  ? -7.356  -8.250  3.435   1.00 26.30 ? 87  LEU A CD2 1 
ATOM   600  N  N   . TYR A 1 87  ? -5.500  -8.787  -0.880  1.00 16.95 ? 88  TYR A N   1 
ATOM   601  C  CA  . TYR A 1 87  ? -4.474  -8.439  -1.884  1.00 15.96 ? 88  TYR A CA  1 
ATOM   602  C  C   . TYR A 1 87  ? -3.741  -7.238  -1.262  1.00 15.41 ? 88  TYR A C   1 
ATOM   603  O  O   . TYR A 1 87  ? -4.359  -6.202  -1.132  1.00 16.81 ? 88  TYR A O   1 
ATOM   604  C  CB  . TYR A 1 87  ? -5.009  -8.125  -3.274  1.00 10.99 ? 88  TYR A CB  1 
ATOM   605  C  CG  . TYR A 1 87  ? -3.897  -7.890  -4.255  1.00 12.68 ? 88  TYR A CG  1 
ATOM   606  C  CD1 . TYR A 1 87  ? -3.195  -8.955  -4.782  1.00 12.37 ? 88  TYR A CD1 1 
ATOM   607  C  CD2 . TYR A 1 87  ? -3.512  -6.612  -4.610  1.00 10.92 ? 88  TYR A CD2 1 
ATOM   608  C  CE1 . TYR A 1 87  ? -2.145  -8.761  -5.655  1.00 12.48 ? 88  TYR A CE1 1 
ATOM   609  C  CE2 . TYR A 1 87  ? -2.469  -6.400  -5.489  1.00 12.23 ? 88  TYR A CE2 1 
ATOM   610  C  CZ  . TYR A 1 87  ? -1.788  -7.479  -6.020  1.00 12.85 ? 88  TYR A CZ  1 
ATOM   611  O  OH  . TYR A 1 87  ? -0.763  -7.297  -6.890  1.00 13.99 ? 88  TYR A OH  1 
ATOM   612  N  N   . VAL A 1 88  ? -2.481  -7.390  -0.887  1.00 12.86 ? 89  VAL A N   1 
ATOM   613  C  CA  . VAL A 1 88  ? -1.683  -6.349  -0.177  1.00 12.18 ? 89  VAL A CA  1 
ATOM   614  C  C   . VAL A 1 88  ? -0.623  -5.765  -1.130  1.00 13.75 ? 89  VAL A C   1 
ATOM   615  O  O   . VAL A 1 88  ? 0.170   -6.535  -1.614  1.00 13.89 ? 89  VAL A O   1 
ATOM   616  C  CB  . VAL A 1 88  ? -1.062  -6.960  1.101   1.00 13.09 ? 89  VAL A CB  1 
ATOM   617  C  CG1 . VAL A 1 88  ? -0.179  -5.978  1.851   1.00 16.24 ? 89  VAL A CG1 1 
ATOM   618  C  CG2 . VAL A 1 88  ? -2.110  -7.554  2.025   1.00 16.72 ? 89  VAL A CG2 1 
ATOM   619  N  N   . THR A 1 89  ? -0.595  -4.451  -1.339  1.00 11.37 ? 90  THR A N   1 
ATOM   620  C  CA  . THR A 1 89  ? 0.347   -3.768  -2.262  1.00 11.49 ? 90  THR A CA  1 
ATOM   621  C  C   . THR A 1 89  ? 0.740   -2.375  -1.749  1.00 10.12 ? 90  THR A C   1 
ATOM   622  O  O   . THR A 1 89  ? 0.399   -2.071  -0.622  1.00 10.53 ? 90  THR A O   1 
ATOM   623  C  CB  . THR A 1 89  ? -0.196  -3.740  -3.706  1.00 10.24 ? 90  THR A CB  1 
ATOM   624  O  OG1 . THR A 1 89  ? 0.822   -3.372  -4.630  1.00 10.65 ? 90  THR A OG1 1 
ATOM   625  C  CG2 . THR A 1 89  ? -1.434  -2.883  -3.870  1.00 9.63  ? 90  THR A CG2 1 
ATOM   626  N  N   . ASN A 1 90  ? 1.430   -1.586  -2.582  1.00 10.14 ? 91  ASN A N   1 
ATOM   627  C  CA  . ASN A 1 90  ? 1.857   -0.203  -2.256  1.00 11.00 ? 91  ASN A CA  1 
ATOM   628  C  C   . ASN A 1 90  ? 1.607   0.757   -3.434  1.00 11.88 ? 91  ASN A C   1 
ATOM   629  O  O   . ASN A 1 90  ? 1.395   0.272   -4.531  1.00 14.39 ? 91  ASN A O   1 
ATOM   630  C  CB  . ASN A 1 90  ? 3.317   -0.160  -1.794  1.00 10.02 ? 91  ASN A CB  1 
ATOM   631  C  CG  . ASN A 1 90  ? 3.614   -1.032  -0.592  1.00 10.49 ? 91  ASN A CG  1 
ATOM   632  O  OD1 . ASN A 1 90  ? 3.090   -0.797  0.482   1.00 9.38  ? 91  ASN A OD1 1 
ATOM   633  N  ND2 . ASN A 1 90  ? 4.443   -2.048  -0.766  1.00 9.73  ? 91  ASN A ND2 1 
ATOM   634  N  N   . ALA A 1 91  ? 1.697   2.063   -3.194  1.00 11.92 ? 92  ALA A N   1 
ATOM   635  C  CA  . ALA A 1 91  ? 1.458   3.119   -4.198  1.00 12.91 ? 92  ALA A CA  1 
ATOM   636  C  C   . ALA A 1 91  ? 2.635   3.163   -5.179  1.00 15.24 ? 92  ALA A C   1 
ATOM   637  O  O   . ALA A 1 91  ? 2.376   3.320   -6.351  1.00 13.58 ? 92  ALA A O   1 
ATOM   638  C  CB  . ALA A 1 91  ? 1.290   4.404   -3.443  1.00 9.56  ? 92  ALA A CB  1 
ATOM   639  N  N   . VAL A 1 92  ? 3.866   3.095   -4.671  1.00 13.17 ? 93  VAL A N   1 
ATOM   640  C  CA  . VAL A 1 92  ? 5.082   3.000   -5.516  1.00 13.76 ? 93  VAL A CA  1 
ATOM   641  C  C   . VAL A 1 92  ? 5.665   1.584   -5.295  1.00 17.00 ? 93  VAL A C   1 
ATOM   642  O  O   . VAL A 1 92  ? 5.513   1.076   -4.188  1.00 14.85 ? 93  VAL A O   1 
ATOM   643  C  CB  . VAL A 1 92  ? 6.023   4.197   -5.268  1.00 16.10 ? 93  VAL A CB  1 
ATOM   644  C  CG1 . VAL A 1 92  ? 5.252   5.491   -5.105  1.00 14.18 ? 93  VAL A CG1 1 
ATOM   645  C  CG2 . VAL A 1 92  ? 7.017   3.990   -4.145  1.00 13.65 ? 93  VAL A CG2 1 
ATOM   646  N  N   . LYS A 1 93  ? 6.230   0.942   -6.326  1.00 15.72 ? 94  LYS A N   1 
ATOM   647  C  CA  . LYS A 1 93  ? 6.660   -0.486  -6.228  1.00 16.18 ? 94  LYS A CA  1 
ATOM   648  C  C   . LYS A 1 93  ? 8.172   -0.627  -6.010  1.00 14.00 ? 94  LYS A C   1 
ATOM   649  O  O   . LYS A 1 93  ? 8.612   -1.733  -5.765  1.00 13.69 ? 94  LYS A O   1 
ATOM   650  C  CB  . LYS A 1 93  ? 6.217   -1.228  -7.498  1.00 15.27 ? 94  LYS A CB  1 
ATOM   651  C  CG  . LYS A 1 93  ? 4.742   -1.136  -7.857  1.00 17.50 ? 94  LYS A CG  1 
ATOM   652  C  CD  . LYS A 1 93  ? 3.827   -1.804  -6.872  1.00 18.85 ? 94  LYS A CD  1 
ATOM   653  C  CE  . LYS A 1 93  ? 2.485   -2.154  -7.469  1.00 15.19 ? 94  LYS A CE  1 
ATOM   654  N  NZ  . LYS A 1 93  ? 1.401   -1.317  -6.913  1.00 15.63 ? 94  LYS A NZ  1 
ATOM   655  N  N   . HIS A 1 94  ? 8.903   0.475   -6.137  1.00 14.43 ? 95  HIS A N   1 
ATOM   656  C  CA  . HIS A 1 94  ? 10.373  0.471   -5.970  1.00 13.70 ? 95  HIS A CA  1 
ATOM   657  C  C   . HIS A 1 94  ? 10.755  1.265   -4.719  1.00 13.18 ? 95  HIS A C   1 
ATOM   658  O  O   . HIS A 1 94  ? 10.254  2.380   -4.562  1.00 14.90 ? 95  HIS A O   1 
ATOM   659  C  CB  . HIS A 1 94  ? 11.072  0.944   -7.252  1.00 11.46 ? 95  HIS A CB  1 
ATOM   660  C  CG  . HIS A 1 94  ? 11.404  -0.132  -8.225  1.00 15.93 ? 95  HIS A CG  1 
ATOM   661  N  ND1 . HIS A 1 94  ? 10.728  -0.292  -9.407  1.00 16.06 ? 95  HIS A ND1 1 
ATOM   662  C  CD2 . HIS A 1 94  ? 12.350  -1.086  -8.214  1.00 15.21 ? 95  HIS A CD2 1 
ATOM   663  C  CE1 . HIS A 1 94  ? 11.231  -1.299  -10.074 1.00 14.89 ? 95  HIS A CE1 1 
ATOM   664  N  NE2 . HIS A 1 94  ? 12.227  -1.794  -9.367  1.00 12.66 ? 95  HIS A NE2 1 
ATOM   665  N  N   . PHE A 1 95  ? 11.615  0.708   -3.889  1.00 12.04 ? 96  PHE A N   1 
ATOM   666  C  CA  . PHE A 1 95  ? 12.097  1.356   -2.650  1.00 13.78 ? 96  PHE A CA  1 
ATOM   667  C  C   . PHE A 1 95  ? 12.860  2.662   -2.923  1.00 17.59 ? 96  PHE A C   1 
ATOM   668  O  O   . PHE A 1 95  ? 13.890  2.648   -3.598  1.00 17.95 ? 96  PHE A O   1 
ATOM   669  C  CB  . PHE A 1 95  ? 12.950  0.359   -1.868  1.00 14.66 ? 96  PHE A CB  1 
ATOM   670  C  CG  . PHE A 1 95  ? 13.468  0.746   -0.505  1.00 15.52 ? 96  PHE A CG  1 
ATOM   671  C  CD1 . PHE A 1 95  ? 12.746  1.563   0.347   1.00 16.85 ? 96  PHE A CD1 1 
ATOM   672  C  CD2 . PHE A 1 95  ? 14.677  0.244   -0.054  1.00 15.86 ? 96  PHE A CD2 1 
ATOM   673  C  CE1 . PHE A 1 95  ? 13.225  1.880   1.607   1.00 16.24 ? 96  PHE A CE1 1 
ATOM   674  C  CE2 . PHE A 1 95  ? 15.160  0.567   1.203   1.00 20.23 ? 96  PHE A CE2 1 
ATOM   675  C  CZ  . PHE A 1 95  ? 14.432  1.383   2.033   1.00 19.31 ? 96  PHE A CZ  1 
ATOM   676  N  N   . LYS A 1 96  ? 12.320  3.764   -2.442  1.00 14.23 ? 97  LYS A N   1 
ATOM   677  C  CA  . LYS A 1 96  ? 13.042  5.047   -2.500  1.00 18.94 ? 97  LYS A CA  1 
ATOM   678  C  C   . LYS A 1 96  ? 13.781  5.169   -1.161  1.00 20.97 ? 97  LYS A C   1 
ATOM   679  O  O   . LYS A 1 96  ? 13.131  5.085   -0.128  1.00 21.46 ? 97  LYS A O   1 
ATOM   680  C  CB  . LYS A 1 96  ? 12.085  6.201   -2.799  1.00 18.41 ? 97  LYS A CB  1 
ATOM   681  C  CG  . LYS A 1 96  ? 12.674  7.600   -2.744  1.00 19.14 ? 97  LYS A CG  1 
ATOM   682  C  CD  . LYS A 1 96  ? 11.614  8.661   -2.887  1.00 19.06 ? 97  LYS A CD  1 
ATOM   683  C  CE  . LYS A 1 96  ? 12.160  10.012  -3.287  1.00 16.41 ? 97  LYS A CE  1 
ATOM   684  N  NZ  . LYS A 1 96  ? 11.074  10.992  -3.494  1.00 19.30 ? 97  LYS A NZ  1 
ATOM   685  N  N   . PHE A 1 97  ? 15.095  5.347   -1.186  1.00 18.90 ? 98  PHE A N   1 
ATOM   686  C  CA  . PHE A 1 97  ? 15.849  5.328   0.087   1.00 22.63 ? 98  PHE A CA  1 
ATOM   687  C  C   . PHE A 1 97  ? 17.127  6.168   0.103   1.00 27.12 ? 98  PHE A C   1 
ATOM   688  O  O   . PHE A 1 97  ? 17.566  6.599   -0.969  1.00 23.61 ? 98  PHE A O   1 
ATOM   689  C  CB  . PHE A 1 97  ? 16.257  3.892   0.424   1.00 21.40 ? 98  PHE A CB  1 
ATOM   690  C  CG  . PHE A 1 97  ? 17.172  3.211   -0.560  1.00 21.86 ? 98  PHE A CG  1 
ATOM   691  C  CD1 . PHE A 1 97  ? 16.670  2.623   -1.707  1.00 19.32 ? 98  PHE A CD1 1 
ATOM   692  C  CD2 . PHE A 1 97  ? 18.534  3.138   -0.327  1.00 24.98 ? 98  PHE A CD2 1 
ATOM   693  C  CE1 . PHE A 1 97  ? 17.510  1.991   -2.606  1.00 22.23 ? 98  PHE A CE1 1 
ATOM   694  C  CE2 . PHE A 1 97  ? 19.376  2.513   -1.230  1.00 19.85 ? 98  PHE A CE2 1 
ATOM   695  C  CZ  . PHE A 1 97  ? 18.860  1.933   -2.362  1.00 22.74 ? 98  PHE A CZ  1 
ATOM   696  N  N   . THR A 1 98  ? 17.685  6.374   1.303   1.00 27.12 ? 99  THR A N   1 
ATOM   697  C  CA  . THR A 1 98  ? 19.000  7.041   1.482   1.00 33.78 ? 99  THR A CA  1 
ATOM   698  C  C   . THR A 1 98  ? 19.783  6.194   2.496   1.00 36.59 ? 99  THR A C   1 
ATOM   699  O  O   . THR A 1 98  ? 19.156  5.372   3.195   1.00 33.30 ? 99  THR A O   1 
ATOM   700  C  CB  . THR A 1 98  ? 18.882  8.491   1.968   1.00 31.70 ? 99  THR A CB  1 
ATOM   701  O  OG1 . THR A 1 98  ? 20.182  9.061   1.857   1.00 40.27 ? 99  THR A OG1 1 
ATOM   702  C  CG2 . THR A 1 98  ? 18.388  8.603   3.392   1.00 31.66 ? 99  THR A CG2 1 
ATOM   703  N  N   . ARG A 1 99  ? 21.098  6.351   2.540   1.00 39.64 ? 100 ARG A N   1 
ATOM   704  C  CA  . ARG A 1 99  ? 21.892  5.636   3.576   1.00 48.36 ? 100 ARG A CA  1 
ATOM   705  C  C   . ARG A 1 99  ? 22.423  6.657   4.569   1.00 49.71 ? 100 ARG A C   1 
ATOM   706  O  O   . ARG A 1 99  ? 23.096  7.589   4.133   1.00 50.59 ? 100 ARG A O   1 
ATOM   707  C  CB  . ARG A 1 99  ? 22.997  4.743   2.999   1.00 44.56 ? 100 ARG A CB  1 
ATOM   708  C  CG  . ARG A 1 99  ? 22.587  3.285   2.857   1.00 45.98 ? 100 ARG A CG  1 
ATOM   709  C  CD  . ARG A 1 99  ? 23.744  2.310   2.752   1.00 42.69 ? 100 ARG A CD  1 
ATOM   710  N  NE  . ARG A 1 99  ? 23.288  1.023   2.247   1.00 47.28 ? 100 ARG A NE  1 
ATOM   711  C  CZ  . ARG A 1 99  ? 22.990  -0.027  3.003   1.00 46.40 ? 100 ARG A CZ  1 
ATOM   712  N  NH2 . ARG A 1 99  ? 22.578  -1.149  2.442   1.00 36.45 ? 100 ARG A NH2 1 
ATOM   713  N  N   . ALA A 1 100 ? 22.027  6.510   5.834   1.00 53.39 ? 101 ALA A N   1 
ATOM   714  C  CA  . ALA A 1 100 ? 22.522  7.410   6.897   1.00 53.72 ? 101 ALA A CA  1 
ATOM   715  C  C   . ALA A 1 100 ? 23.876  6.904   7.339   1.00 57.38 ? 101 ALA A C   1 
ATOM   716  O  O   . ALA A 1 100 ? 23.939  5.779   7.838   1.00 62.84 ? 101 ALA A O   1 
ATOM   717  C  CB  . ALA A 1 100 ? 21.585  7.429   8.066   1.00 54.07 ? 101 ALA A CB  1 
ATOM   718  N  N   . ALA A 1 101 ? 24.914  7.716   7.174   1.00 58.30 ? 102 ALA A N   1 
ATOM   719  C  CA  . ALA A 1 101 ? 26.236  7.165   7.522   1.00 53.57 ? 102 ALA A CA  1 
ATOM   720  C  C   . ALA A 1 101 ? 26.259  6.932   9.025   1.00 52.31 ? 102 ALA A C   1 
ATOM   721  O  O   . ALA A 1 101 ? 26.092  7.900   9.781   1.00 51.60 ? 102 ALA A O   1 
ATOM   722  C  CB  . ALA A 1 101 ? 27.367  8.027   7.034   1.00 43.12 ? 102 ALA A CB  1 
ATOM   723  N  N   . GLY A 1 102 ? 26.393  5.669   9.409   1.00 52.58 ? 103 GLY A N   1 
ATOM   724  C  CA  . GLY A 1 102 ? 26.402  5.332   10.838  1.00 54.39 ? 103 GLY A CA  1 
ATOM   725  C  C   . GLY A 1 102 ? 25.013  5.069   11.350  1.00 60.97 ? 103 GLY A C   1 
ATOM   726  O  O   . GLY A 1 102 ? 24.762  5.377   12.513  1.00 69.88 ? 103 GLY A O   1 
ATOM   727  N  N   . GLY A 1 103 ? 24.135  4.550   10.506  1.00 59.21 ? 104 GLY A N   1 
ATOM   728  C  CA  . GLY A 1 103 ? 22.792  4.160   10.961  1.00 59.19 ? 104 GLY A CA  1 
ATOM   729  C  C   . GLY A 1 103 ? 22.565  2.691   10.675  1.00 63.41 ? 104 GLY A C   1 
ATOM   730  O  O   . GLY A 1 103 ? 23.368  2.100   9.941   1.00 66.51 ? 104 GLY A O   1 
ATOM   731  N  N   . LYS A 1 104 ? 21.538  2.102   11.263  1.00 64.82 ? 105 LYS A N   1 
ATOM   732  C  CA  . LYS A 1 104 ? 21.194  0.691   10.961  1.00 59.37 ? 105 LYS A CA  1 
ATOM   733  C  C   . LYS A 1 104 ? 20.024  0.745   9.993   1.00 54.65 ? 105 LYS A C   1 
ATOM   734  O  O   . LYS A 1 104 ? 19.149  1.583   10.275  1.00 59.16 ? 105 LYS A O   1 
ATOM   735  C  CB  . LYS A 1 104 ? 20.797  -0.038  12.249  1.00 60.28 ? 105 LYS A CB  1 
ATOM   736  N  N   . ARG A 1 105 ? 20.098  0.033   8.864   1.00 51.47 ? 106 ARG A N   1 
ATOM   737  C  CA  . ARG A 1 105 ? 18.994  -0.066  7.864   1.00 48.83 ? 106 ARG A CA  1 
ATOM   738  C  C   . ARG A 1 105 ? 18.996  1.074   6.842   1.00 45.39 ? 106 ARG A C   1 
ATOM   739  O  O   . ARG A 1 105 ? 19.391  2.196   7.204   1.00 42.85 ? 106 ARG A O   1 
ATOM   740  C  CB  . ARG A 1 105 ? 17.616  -0.207  8.529   1.00 48.23 ? 106 ARG A CB  1 
ATOM   741  N  N   . ARG A 1 106 ? 18.616  0.767   5.600   1.00 37.06 ? 107 ARG A N   1 
ATOM   742  C  CA  . ARG A 1 106 ? 18.413  1.827   4.588   1.00 34.90 ? 107 ARG A CA  1 
ATOM   743  C  C   . ARG A 1 106 ? 17.139  2.574   5.007   1.00 35.40 ? 107 ARG A C   1 
ATOM   744  O  O   . ARG A 1 106 ? 16.171  1.902   5.359   1.00 34.93 ? 107 ARG A O   1 
ATOM   745  C  CB  . ARG A 1 106 ? 18.276  1.199   3.205   1.00 28.11 ? 107 ARG A CB  1 
ATOM   746  C  CG  . ARG A 1 106 ? 19.609  0.922   2.524   1.00 32.05 ? 107 ARG A CG  1 
ATOM   747  C  CD  . ARG A 1 106 ? 19.604  0.188   1.193   1.00 27.71 ? 107 ARG A CD  1 
ATOM   748  N  NE  . ARG A 1 106 ? 18.851  -1.047  1.219   1.00 26.60 ? 107 ARG A NE  1 
ATOM   749  C  CZ  . ARG A 1 106 ? 18.135  -1.577  0.236   1.00 20.49 ? 107 ARG A CZ  1 
ATOM   750  N  NH1 . ARG A 1 106 ? 18.076  -1.003  -0.949  1.00 16.82 ? 107 ARG A NH1 1 
ATOM   751  N  NH2 . ARG A 1 106 ? 17.482  -2.701  0.455   1.00 16.70 ? 107 ARG A NH2 1 
ATOM   752  N  N   . ILE A 1 107 ? 17.174  3.905   5.021   1.00 32.79 ? 108 ILE A N   1 
ATOM   753  C  CA  . ILE A 1 107 ? 16.011  4.721   5.483   1.00 33.35 ? 108 ILE A CA  1 
ATOM   754  C  C   . ILE A 1 107 ? 15.108  5.096   4.304   1.00 29.67 ? 108 ILE A C   1 
ATOM   755  O  O   . ILE A 1 107 ? 15.601  5.678   3.347   1.00 26.02 ? 108 ILE A O   1 
ATOM   756  C  CB  . ILE A 1 107 ? 16.472  5.942   6.304   1.00 30.78 ? 108 ILE A CB  1 
ATOM   757  C  CG1 . ILE A 1 107 ? 17.444  5.531   7.411   1.00 34.04 ? 108 ILE A CG1 1 
ATOM   758  C  CG2 . ILE A 1 107 ? 15.285  6.713   6.856   1.00 29.76 ? 108 ILE A CG2 1 
ATOM   759  C  CD1 . ILE A 1 107 ? 16.894  4.479   8.349   1.00 41.19 ? 108 ILE A CD1 1 
ATOM   760  N  N   . GLY A 1 108 ? 13.826  4.772   4.412   1.00 26.57 ? 109 GLY A N   1 
ATOM   761  C  CA  . GLY A 1 108 ? 12.839  5.127   3.384   1.00 24.44 ? 109 GLY A CA  1 
ATOM   762  C  C   . GLY A 1 108 ? 12.588  6.615   3.257   1.00 25.93 ? 109 GLY A C   1 
ATOM   763  O  O   . GLY A 1 108 ? 12.522  7.291   4.272   1.00 29.13 ? 109 GLY A O   1 
ATOM   764  N  N   . LYS A 1 109 ? 12.486  7.091   2.028   1.00 24.17 ? 110 LYS A N   1 
ATOM   765  C  CA  . LYS A 1 109 ? 12.207  8.514   1.751   1.00 24.60 ? 110 LYS A CA  1 
ATOM   766  C  C   . LYS A 1 109 ? 10.816  8.625   1.118   1.00 22.29 ? 110 LYS A C   1 
ATOM   767  O  O   . LYS A 1 109 ? 10.471  7.765   0.322   1.00 21.67 ? 110 LYS A O   1 
ATOM   768  C  CB  . LYS A 1 109 ? 13.352  9.139   0.958   1.00 30.00 ? 110 LYS A CB  1 
ATOM   769  C  CG  . LYS A 1 109 ? 14.573  9.520   1.783   1.00 30.00 ? 110 LYS A CG  1 
ATOM   770  C  CD  . LYS A 1 109 ? 14.244  10.468  2.919   1.00 30.00 ? 110 LYS A CD  1 
ATOM   771  C  CE  . LYS A 1 109 ? 15.007  10.180  4.195   1.00 30.00 ? 110 LYS A CE  1 
ATOM   772  N  NZ  . LYS A 1 109 ? 14.097  10.010  5.353   1.00 30.00 ? 110 LYS A NZ  1 
ATOM   773  N  N   . THR A 1 110 ? 10.053  9.625   1.518   1.00 20.55 ? 111 THR A N   1 
ATOM   774  C  CA  . THR A 1 110 ? 8.668   9.840   1.040   1.00 20.47 ? 111 THR A CA  1 
ATOM   775  C  C   . THR A 1 110 ? 8.542   9.904   -0.502  1.00 21.66 ? 111 THR A C   1 
ATOM   776  O  O   . THR A 1 110 ? 9.158   10.786  -1.093  1.00 22.21 ? 111 THR A O   1 
ATOM   777  C  CB  . THR A 1 110 ? 8.014   11.016  1.780   1.00 24.35 ? 111 THR A CB  1 
ATOM   778  O  OG1 . THR A 1 110 ? 8.319   10.923  3.170   1.00 25.70 ? 111 THR A OG1 1 
ATOM   779  C  CG2 . THR A 1 110 ? 6.519   11.094  1.560   1.00 19.49 ? 111 THR A CG2 1 
ATOM   780  N  N   . PRO A 1 111 ? 7.780   9.014   -1.194  1.00 20.63 ? 112 PRO A N   1 
ATOM   781  C  CA  . PRO A 1 111 ? 7.567   9.177   -2.608  1.00 19.03 ? 112 PRO A CA  1 
ATOM   782  C  C   . PRO A 1 111 ? 6.956   10.539  -2.954  1.00 20.08 ? 112 PRO A C   1 
ATOM   783  O  O   . PRO A 1 111 ? 6.065   10.975  -2.280  1.00 19.53 ? 112 PRO A O   1 
ATOM   784  C  CB  . PRO A 1 111 ? 6.656   8.001   -2.967  1.00 16.86 ? 112 PRO A CB  1 
ATOM   785  C  CG  . PRO A 1 111 ? 6.941   6.992   -1.896  1.00 20.31 ? 112 PRO A CG  1 
ATOM   786  C  CD  . PRO A 1 111 ? 7.108   7.840   -0.658  1.00 18.65 ? 112 PRO A CD  1 
ATOM   787  N  N   . SER A 1 112 ? 7.489   11.185  -3.985  1.00 18.73 ? 113 SER A N   1 
ATOM   788  C  CA  . SER A 1 112 ? 6.911   12.445  -4.498  1.00 19.34 ? 113 SER A CA  1 
ATOM   789  C  C   . SER A 1 112 ? 5.561   12.163  -5.149  1.00 19.49 ? 113 SER A C   1 
ATOM   790  O  O   . SER A 1 112 ? 5.361   11.044  -5.589  1.00 20.82 ? 113 SER A O   1 
ATOM   791  C  CB  . SER A 1 112 ? 7.826   13.110  -5.497  1.00 22.02 ? 113 SER A CB  1 
ATOM   792  O  OG  . SER A 1 112 ? 7.847   12.429  -6.733  1.00 21.53 ? 113 SER A OG  1 
ATOM   793  N  N   . ARG A 1 113 ? 4.692   13.163  -5.216  1.00 21.35 ? 114 ARG A N   1 
ATOM   794  C  CA  . ARG A 1 113 ? 3.404   13.031  -5.941  1.00 23.29 ? 114 ARG A CA  1 
ATOM   795  C  C   . ARG A 1 113 ? 3.707   12.563  -7.369  1.00 22.11 ? 114 ARG A C   1 
ATOM   796  O  O   . ARG A 1 113 ? 2.945   11.747  -7.848  1.00 19.36 ? 114 ARG A O   1 
ATOM   797  C  CB  . ARG A 1 113 ? 2.622   14.350  -5.901  1.00 24.81 ? 114 ARG A CB  1 
ATOM   798  C  CG  . ARG A 1 113 ? 1.368   14.389  -6.761  1.00 24.75 ? 114 ARG A CG  1 
ATOM   799  C  CD  . ARG A 1 113 ? 0.210   13.805  -5.985  1.00 30.54 ? 114 ARG A CD  1 
ATOM   800  N  NE  . ARG A 1 113 ? -0.970  13.439  -6.744  1.00 32.85 ? 114 ARG A NE  1 
ATOM   801  C  CZ  . ARG A 1 113 ? -2.040  12.882  -6.200  1.00 32.90 ? 114 ARG A CZ  1 
ATOM   802  N  NH1 . ARG A 1 113 ? -2.058  12.635  -4.904  1.00 32.33 ? 114 ARG A NH1 1 
ATOM   803  N  NH2 . ARG A 1 113 ? -3.078  12.562  -6.946  1.00 30.82 ? 114 ARG A NH2 1 
ATOM   804  N  N   . THR A 1 114 ? 4.809   13.045  -7.973  1.00 22.82 ? 115 THR A N   1 
ATOM   805  C  CA  . THR A 1 114 ? 5.220   12.668  -9.354  1.00 22.69 ? 115 THR A CA  1 
ATOM   806  C  C   . THR A 1 114 ? 5.458   11.155  -9.462  1.00 19.17 ? 115 THR A C   1 
ATOM   807  O  O   . THR A 1 114 ? 5.024   10.588  -10.448 1.00 18.52 ? 115 THR A O   1 
ATOM   808  C  CB  . THR A 1 114 ? 6.412   13.513  -9.851  1.00 26.37 ? 115 THR A CB  1 
ATOM   809  O  OG1 . THR A 1 114 ? 6.485   14.731  -9.109  1.00 27.07 ? 115 THR A OG1 1 
ATOM   810  C  CG2 . THR A 1 114 ? 6.352   13.806  -11.333 1.00 26.74 ? 115 THR A CG2 1 
ATOM   811  N  N   . GLU A 1 115 ? 6.099   10.548  -8.462  1.00 18.28 ? 116 GLU A N   1 
ATOM   812  C  CA  . GLU A 1 115 ? 6.389   9.085   -8.470  1.00 17.86 ? 116 GLU A CA  1 
ATOM   813  C  C   . GLU A 1 115 ? 5.114   8.270   -8.179  1.00 15.49 ? 116 GLU A C   1 
ATOM   814  O  O   . GLU A 1 115 ? 4.973   7.235   -8.778  1.00 13.41 ? 116 GLU A O   1 
ATOM   815  C  CB  . GLU A 1 115 ? 7.578   8.756   -7.569  1.00 16.25 ? 116 GLU A CB  1 
ATOM   816  C  CG  . GLU A 1 115 ? 8.882   9.401   -7.984  1.00 17.61 ? 116 GLU A CG  1 
ATOM   817  C  CD  . GLU A 1 115 ? 9.843   9.612   -6.826  1.00 19.00 ? 116 GLU A CD  1 
ATOM   818  O  OE1 . GLU A 1 115 ? 9.377   9.694   -5.687  1.00 18.12 ? 116 GLU A OE1 1 
ATOM   819  O  OE2 . GLU A 1 115 ? 11.048  9.691   -7.069  1.00 21.37 ? 116 GLU A OE2 1 
ATOM   820  N  N   . VAL A 1 116 ? 4.227   8.755   -7.296  1.00 16.68 ? 117 VAL A N   1 
ATOM   821  C  CA  . VAL A 1 116 ? 2.924   8.094   -6.984  1.00 13.58 ? 117 VAL A CA  1 
ATOM   822  C  C   . VAL A 1 116 ? 2.067   8.088   -8.262  1.00 15.91 ? 117 VAL A C   1 
ATOM   823  O  O   . VAL A 1 116 ? 1.561   7.039   -8.609  1.00 14.98 ? 117 VAL A O   1 
ATOM   824  C  CB  . VAL A 1 116 ? 2.230   8.760   -5.779  1.00 15.48 ? 117 VAL A CB  1 
ATOM   825  C  CG1 . VAL A 1 116 ? 0.857   8.197   -5.493  1.00 11.67 ? 117 VAL A CG1 1 
ATOM   826  C  CG2 . VAL A 1 116 ? 3.099   8.762   -4.538  1.00 13.55 ? 117 VAL A CG2 1 
ATOM   827  N  N   . VAL A 1 117 ? 2.014   9.213   -8.969  1.00 15.03 ? 118 VAL A N   1 
ATOM   828  C  CA  . VAL A 1 117 ? 1.272   9.311   -10.259 1.00 15.19 ? 118 VAL A CA  1 
ATOM   829  C  C   . VAL A 1 117 ? 1.918   8.412   -11.328 1.00 15.11 ? 118 VAL A C   1 
ATOM   830  O  O   . VAL A 1 117 ? 1.178   7.740   -12.036 1.00 14.56 ? 118 VAL A O   1 
ATOM   831  C  CB  . VAL A 1 117 ? 1.076   10.779  -10.698 1.00 17.05 ? 118 VAL A CB  1 
ATOM   832  C  CG1 . VAL A 1 117 ? 0.554   10.907  -12.120 1.00 15.03 ? 118 VAL A CG1 1 
ATOM   833  C  CG2 . VAL A 1 117 ? 0.173   11.535  -9.736  1.00 16.09 ? 118 VAL A CG2 1 
ATOM   834  N  N   . ALA A 1 118 ? 3.246   8.349   -11.365 1.00 13.95 ? 119 ALA A N   1 
ATOM   835  C  CA  . ALA A 1 118 ? 3.963   7.479   -12.327 1.00 14.98 ? 119 ALA A CA  1 
ATOM   836  C  C   . ALA A 1 118 ? 3.627   6.010   -12.078 1.00 17.04 ? 119 ALA A C   1 
ATOM   837  O  O   . ALA A 1 118 ? 3.371   5.340   -13.062 1.00 18.64 ? 119 ALA A O   1 
ATOM   838  C  CB  . ALA A 1 118 ? 5.442   7.733   -12.287 1.00 14.47 ? 119 ALA A CB  1 
ATOM   839  N  N   . CYS A 1 119 ? 3.505   5.622   -10.812 1.00 14.43 ? 120 CYS A N   1 
ATOM   840  C  CA  . CYS A 1 119 ? 3.247   4.218   -10.439 1.00 15.07 ? 120 CYS A CA  1 
ATOM   841  C  C   . CYS A 1 119 ? 1.752   3.861   -10.439 1.00 14.47 ? 120 CYS A C   1 
ATOM   842  O  O   . CYS A 1 119 ? 1.462   2.675   -10.534 1.00 14.12 ? 120 CYS A O   1 
ATOM   843  C  CB  . CYS A 1 119 ? 3.861   3.965   -9.074  1.00 11.66 ? 120 CYS A CB  1 
ATOM   844  S  SG  . CYS A 1 119 ? 4.307   2.237   -8.888  1.00 14.08 ? 120 CYS A SG  1 
ATOM   845  N  N   . ARG A 1 120 ? 0.875   4.848   -10.321 1.00 13.30 ? 121 ARG A N   1 
ATOM   846  C  CA  . ARG A 1 120 ? -0.601  4.644   -10.251 1.00 15.43 ? 121 ARG A CA  1 
ATOM   847  C  C   . ARG A 1 120 ? -1.120  3.661   -11.323 1.00 16.34 ? 121 ARG A C   1 
ATOM   848  O  O   . ARG A 1 120 ? -1.963  2.868   -10.969 1.00 16.92 ? 121 ARG A O   1 
ATOM   849  C  CB  . ARG A 1 120 ? -1.351  5.968   -10.063 1.00 14.91 ? 121 ARG A CB  1 
ATOM   850  C  CG  . ARG A 1 120 ? -2.799  5.805   -9.632  1.00 18.98 ? 121 ARG A CG  1 
ATOM   851  C  CD  . ARG A 1 120 ? -3.450  7.108   -9.235  1.00 21.58 ? 121 ARG A CD  1 
ATOM   852  N  NE  . ARG A 1 120 ? -3.283  8.152   -10.230 1.00 23.19 ? 121 ARG A NE  1 
ATOM   853  C  CZ  . ARG A 1 120 ? -3.526  9.436   -10.020 1.00 25.51 ? 121 ARG A CZ  1 
ATOM   854  N  NH1 . ARG A 1 120 ? -3.963  9.843   -8.843  1.00 26.82 ? 121 ARG A NH1 1 
ATOM   855  N  NH2 . ARG A 1 120 ? -3.344  10.311  -10.991 1.00 23.37 ? 121 ARG A NH2 1 
ATOM   856  N  N   . PRO A 1 121 ? -0.694  3.694   -12.611 1.00 16.19 ? 122 PRO A N   1 
ATOM   857  C  CA  . PRO A 1 121 ? -1.078  2.657   -13.578 1.00 13.43 ? 122 PRO A CA  1 
ATOM   858  C  C   . PRO A 1 121 ? -1.012  1.192   -13.094 1.00 16.19 ? 122 PRO A C   1 
ATOM   859  O  O   . PRO A 1 121 ? -1.895  0.470   -13.458 1.00 15.99 ? 122 PRO A O   1 
ATOM   860  C  CB  . PRO A 1 121 ? -0.196  2.948   -14.794 1.00 16.44 ? 122 PRO A CB  1 
ATOM   861  C  CG  . PRO A 1 121 ? 0.074   4.425   -14.740 1.00 18.84 ? 122 PRO A CG  1 
ATOM   862  C  CD  . PRO A 1 121 ? 0.041   4.779   -13.273 1.00 14.38 ? 122 PRO A CD  1 
ATOM   863  N  N   . TRP A 1 122 ? -0.012  0.808   -12.285 1.00 13.88 ? 123 TRP A N   1 
ATOM   864  C  CA  . TRP A 1 122 ? 0.115   -0.551  -11.693 1.00 12.38 ? 123 TRP A CA  1 
ATOM   865  C  C   . TRP A 1 122 ? -0.999  -0.789  -10.670 1.00 15.76 ? 123 TRP A C   1 
ATOM   866  O  O   . TRP A 1 122 ? -1.539  -1.884  -10.692 1.00 14.44 ? 123 TRP A O   1 
ATOM   867  C  CB  . TRP A 1 122 ? 1.496   -0.760  -11.063 1.00 12.68 ? 123 TRP A CB  1 
ATOM   868  C  CG  . TRP A 1 122 ? 2.635   -0.781  -12.027 1.00 15.30 ? 123 TRP A CG  1 
ATOM   869  C  CD1 . TRP A 1 122 ? 3.659   0.114   -12.097 1.00 15.09 ? 123 TRP A CD1 1 
ATOM   870  C  CD2 . TRP A 1 122 ? 2.874   -1.757  -13.052 1.00 16.56 ? 123 TRP A CD2 1 
ATOM   871  N  NE1 . TRP A 1 122 ? 4.513   -0.233  -13.103 1.00 15.40 ? 123 TRP A NE1 1 
ATOM   872  C  CE2 . TRP A 1 122 ? 4.055   -1.367  -13.714 1.00 16.96 ? 123 TRP A CE2 1 
ATOM   873  C  CE3 . TRP A 1 122 ? 2.201   -2.903  -13.484 1.00 14.02 ? 123 TRP A CE3 1 
ATOM   874  C  CZ2 . TRP A 1 122 ? 4.574   -2.085  -14.787 1.00 17.44 ? 123 TRP A CZ2 1 
ATOM   875  C  CZ3 . TRP A 1 122 ? 2.719   -3.617  -14.537 1.00 16.51 ? 123 TRP A CZ3 1 
ATOM   876  C  CH2 . TRP A 1 122 ? 3.889   -3.211  -15.175 1.00 18.43 ? 123 TRP A CH2 1 
ATOM   877  N  N   . LEU A 1 123 ? -1.285  0.193   -9.808  1.00 13.63 ? 124 LEU A N   1 
ATOM   878  C  CA  . LEU A 1 123 ? -2.404  0.132   -8.838  1.00 13.56 ? 124 LEU A CA  1 
ATOM   879  C  C   . LEU A 1 123 ? -3.747  0.017   -9.578  1.00 14.51 ? 124 LEU A C   1 
ATOM   880  O  O   . LEU A 1 123 ? -4.544  -0.772  -9.132  1.00 15.11 ? 124 LEU A O   1 
ATOM   881  C  CB  . LEU A 1 123 ? -2.327  1.391   -7.967  1.00 13.58 ? 124 LEU A CB  1 
ATOM   882  C  CG  . LEU A 1 123 ? -2.816  1.301   -6.532  1.00 13.64 ? 124 LEU A CG  1 
ATOM   883  C  CD1 . LEU A 1 123 ? -1.921  0.376   -5.737  1.00 12.04 ? 124 LEU A CD1 1 
ATOM   884  C  CD2 . LEU A 1 123 ? -2.836  2.691   -5.915  1.00 10.43 ? 124 LEU A CD2 1 
ATOM   885  N  N   . ILE A 1 124 ? -3.962  0.761   -10.677 1.00 15.07 ? 125 ILE A N   1 
ATOM   886  C  CA  . ILE A 1 124 ? -5.205  0.631   -11.508 1.00 15.73 ? 125 ILE A CA  1 
ATOM   887  C  C   . ILE A 1 124 ? -5.269  -0.787  -12.101 1.00 16.78 ? 125 ILE A C   1 
ATOM   888  O  O   . ILE A 1 124 ? -6.339  -1.383  -12.026 1.00 17.62 ? 125 ILE A O   1 
ATOM   889  C  CB  . ILE A 1 124 ? -5.324  1.755   -12.559 1.00 17.66 ? 125 ILE A CB  1 
ATOM   890  C  CG1 . ILE A 1 124 ? -5.240  3.155   -11.940 1.00 17.79 ? 125 ILE A CG1 1 
ATOM   891  C  CG2 . ILE A 1 124 ? -6.556  1.596   -13.433 1.00 19.48 ? 125 ILE A CG2 1 
ATOM   892  C  CD1 . ILE A 1 124 ? -6.199  3.400   -10.803 1.00 18.35 ? 125 ILE A CD1 1 
ATOM   893  N  N   . ALA A 1 125 ? -4.157  -1.314  -12.615 1.00 12.85 ? 126 ALA A N   1 
ATOM   894  C  CA  . ALA A 1 125 ? -4.093  -2.701  -13.121 1.00 14.58 ? 126 ALA A CA  1 
ATOM   895  C  C   . ALA A 1 125 ? -4.426  -3.710  -12.012 1.00 15.43 ? 126 ALA A C   1 
ATOM   896  O  O   . ALA A 1 125 ? -5.188  -4.606  -12.288 1.00 17.20 ? 126 ALA A O   1 
ATOM   897  C  CB  . ALA A 1 125 ? -2.746  -2.973  -13.748 1.00 11.78 ? 126 ALA A CB  1 
ATOM   898  N  N   . GLU A 1 126 ? -3.893  -3.521  -10.806 1.00 13.71 ? 127 GLU A N   1 
ATOM   899  C  CA  . GLU A 1 126 ? -4.165  -4.430  -9.667  1.00 15.13 ? 127 GLU A CA  1 
ATOM   900  C  C   . GLU A 1 126 ? -5.656  -4.391  -9.292  1.00 16.38 ? 127 GLU A C   1 
ATOM   901  O  O   . GLU A 1 126 ? -6.228  -5.454  -9.215  1.00 18.51 ? 127 GLU A O   1 
ATOM   902  C  CB  . GLU A 1 126 ? -3.234  -4.125  -8.497  1.00 14.30 ? 127 GLU A CB  1 
ATOM   903  C  CG  . GLU A 1 126 ? -1.804  -4.563  -8.665  1.00 11.67 ? 127 GLU A CG  1 
ATOM   904  C  CD  . GLU A 1 126 ? -0.881  -3.895  -7.662  1.00 11.43 ? 127 GLU A CD  1 
ATOM   905  O  OE1 . GLU A 1 126 ? -0.948  -2.677  -7.537  1.00 12.08 ? 127 GLU A OE1 1 
ATOM   906  O  OE2 . GLU A 1 126 ? -0.110  -4.596  -7.010  1.00 11.14 ? 127 GLU A OE2 1 
ATOM   907  N  N   . MET A 1 127 ? -6.238  -3.207  -9.123  1.00 15.03 ? 128 MET A N   1 
ATOM   908  C  CA  . MET A 1 127 ? -7.670  -3.028  -8.755  1.00 18.53 ? 128 MET A CA  1 
ATOM   909  C  C   . MET A 1 127 ? -8.583  -3.587  -9.858  1.00 19.82 ? 128 MET A C   1 
ATOM   910  O  O   . MET A 1 127 ? -9.516  -4.285  -9.511  1.00 20.15 ? 128 MET A O   1 
ATOM   911  C  CB  . MET A 1 127 ? -7.991  -1.552  -8.490  1.00 18.21 ? 128 MET A CB  1 
ATOM   912  C  CG  . MET A 1 127 ? -7.173  -0.915  -7.386  1.00 23.58 ? 128 MET A CG  1 
ATOM   913  S  SD  . MET A 1 127 ? -7.875  0.638   -6.796  1.00 29.18 ? 128 MET A SD  1 
ATOM   914  C  CE  . MET A 1 127 ? -9.607  0.259   -7.039  1.00 26.93 ? 128 MET A CE  1 
ATOM   915  N  N   . THR A 1 128 ? -8.280  -3.319  -11.127 1.00 20.07 ? 129 THR A N   1 
ATOM   916  C  CA  . THR A 1 128 ? -9.033  -3.888  -12.282 1.00 22.25 ? 129 THR A CA  1 
ATOM   917  C  C   . THR A 1 128 ? -8.953  -5.421  -12.241 1.00 21.11 ? 129 THR A C   1 
ATOM   918  O  O   . THR A 1 128 ? -9.988  -6.048  -12.452 1.00 22.65 ? 129 THR A O   1 
ATOM   919  C  CB  . THR A 1 128 ? -8.589  -3.207  -13.591 1.00 22.95 ? 129 THR A CB  1 
ATOM   920  O  OG1 . THR A 1 128 ? -9.106  -1.877  -13.582 1.00 26.33 ? 129 THR A OG1 1 
ATOM   921  C  CG2 . THR A 1 128 ? -9.015  -3.931  -14.848 1.00 23.22 ? 129 THR A CG2 1 
ATOM   922  N  N   . SER A 1 129 ? -7.795  -5.980  -11.891 1.00 19.35 ? 130 SER A N   1 
ATOM   923  C  CA  . SER A 1 129 ? -7.584  -7.447  -11.805 1.00 20.38 ? 130 SER A CA  1 
ATOM   924  C  C   . SER A 1 129 ? -8.253  -8.079  -10.575 1.00 20.36 ? 130 SER A C   1 
ATOM   925  O  O   . SER A 1 129 ? -8.914  -9.096  -10.735 1.00 23.72 ? 130 SER A O   1 
ATOM   926  C  CB  . SER A 1 129 ? -6.121  -7.762  -11.865 1.00 19.51 ? 130 SER A CB  1 
ATOM   927  O  OG  . SER A 1 129 ? -5.788  -8.817  -10.993 1.00 23.85 ? 130 SER A OG  1 
ATOM   928  N  N   . VAL A 1 130 ? -8.102  -7.486  -9.404  1.00 18.34 ? 131 VAL A N   1 
ATOM   929  C  CA  . VAL A 1 130 ? -8.627  -8.087  -8.146  1.00 20.21 ? 131 VAL A CA  1 
ATOM   930  C  C   . VAL A 1 130 ? -10.120 -7.770  -7.981  1.00 19.18 ? 131 VAL A C   1 
ATOM   931  O  O   . VAL A 1 130 ? -10.818 -8.611  -7.422  1.00 18.19 ? 131 VAL A O   1 
ATOM   932  C  CB  . VAL A 1 130 ? -7.769  -7.609  -6.953  1.00 19.13 ? 131 VAL A CB  1 
ATOM   933  C  CG1 . VAL A 1 130 ? -8.392  -7.901  -5.600  1.00 18.98 ? 131 VAL A CG1 1 
ATOM   934  C  CG2 . VAL A 1 130 ? -6.348  -8.142  -7.020  1.00 15.16 ? 131 VAL A CG2 1 
ATOM   935  N  N   . GLU A 1 131 ? -10.589 -6.649  -8.536  1.00 17.78 ? 132 GLU A N   1 
ATOM   936  C  CA  . GLU A 1 131 ? -11.981 -6.155  -8.312  1.00 19.59 ? 132 GLU A CA  1 
ATOM   937  C  C   . GLU A 1 131 ? -12.329 -6.214  -6.824  1.00 17.42 ? 132 GLU A C   1 
ATOM   938  O  O   . GLU A 1 131 ? -13.303 -6.877  -6.483  1.00 18.45 ? 132 GLU A O   1 
ATOM   939  C  CB  . GLU A 1 131 ? -13.049 -6.766  -9.223  1.00 18.23 ? 132 GLU A CB  1 
ATOM   940  C  CG  . GLU A 1 131 ? -12.820 -6.533  -10.696 1.00 19.62 ? 132 GLU A CG  1 
ATOM   941  C  CD  . GLU A 1 131 ? -13.705 -7.386  -11.587 1.00 25.39 ? 132 GLU A CD  1 
ATOM   942  O  OE1 . GLU A 1 131 ? -14.574 -8.094  -11.054 1.00 25.49 ? 132 GLU A OE1 1 
ATOM   943  O  OE2 . GLU A 1 131 ? -13.526 -7.331  -12.808 1.00 27.93 ? 132 GLU A OE2 1 
ATOM   944  N  N   . PRO A 1 132 ? -11.611 -5.486  -5.944  1.00 16.96 ? 133 PRO A N   1 
ATOM   945  C  CA  . PRO A 1 132 ? -11.953 -5.496  -4.545  1.00 18.74 ? 133 PRO A CA  1 
ATOM   946  C  C   . PRO A 1 132 ? -13.314 -4.843  -4.240  1.00 19.55 ? 133 PRO A C   1 
ATOM   947  O  O   . PRO A 1 132 ? -13.765 -4.052  -5.020  1.00 16.23 ? 133 PRO A O   1 
ATOM   948  C  CB  . PRO A 1 132 ? -10.779 -4.743  -3.905  1.00 17.75 ? 133 PRO A CB  1 
ATOM   949  C  CG  . PRO A 1 132 ? -10.341 -3.773  -4.961  1.00 16.63 ? 133 PRO A CG  1 
ATOM   950  C  CD  . PRO A 1 132 ? -10.539 -4.534  -6.250  1.00 17.00 ? 133 PRO A CD  1 
ATOM   951  N  N   . ASP A 1 133 ? -13.917 -5.211  -3.109  1.00 18.95 ? 134 ASP A N   1 
ATOM   952  C  CA  . ASP A 1 133 ? -15.188 -4.588  -2.652  1.00 19.51 ? 134 ASP A CA  1 
ATOM   953  C  C   . ASP A 1 133 ? -14.832 -3.407  -1.743  1.00 20.18 ? 134 ASP A C   1 
ATOM   954  O  O   . ASP A 1 133 ? -15.639 -2.492  -1.620  1.00 15.95 ? 134 ASP A O   1 
ATOM   955  C  CB  . ASP A 1 133 ? -16.021 -5.593  -1.864  1.00 23.17 ? 134 ASP A CB  1 
ATOM   956  C  CG  . ASP A 1 133 ? -16.513 -6.798  -2.647  1.00 28.87 ? 134 ASP A CG  1 
ATOM   957  O  OD1 . ASP A 1 133 ? -16.416 -6.785  -3.882  1.00 26.03 ? 134 ASP A OD1 1 
ATOM   958  O  OD2 . ASP A 1 133 ? -16.998 -7.738  -2.005  1.00 31.86 ? 134 ASP A OD2 1 
ATOM   959  N  N   . VAL A 1 134 ? -13.640 -3.453  -1.160  1.00 17.15 ? 135 VAL A N   1 
ATOM   960  C  CA  . VAL A 1 134 ? -13.163 -2.393  -0.243  1.00 17.33 ? 135 VAL A CA  1 
ATOM   961  C  C   . VAL A 1 134 ? -11.645 -2.229  -0.396  1.00 15.36 ? 135 VAL A C   1 
ATOM   962  O  O   . VAL A 1 134 ? -10.944 -3.228  -0.560  1.00 13.12 ? 135 VAL A O   1 
ATOM   963  C  CB  . VAL A 1 134 ? -13.614 -2.624  1.216   1.00 18.06 ? 135 VAL A CB  1 
ATOM   964  C  CG1 . VAL A 1 134 ? -13.184 -3.979  1.739   1.00 17.57 ? 135 VAL A CG1 1 
ATOM   965  C  CG2 . VAL A 1 134 ? -13.179 -1.504  2.143   1.00 16.28 ? 135 VAL A CG2 1 
ATOM   966  N  N   . VAL A 1 135 ? -11.207 -0.984  -0.444  1.00 12.19 ? 136 VAL A N   1 
ATOM   967  C  CA  . VAL A 1 135 ? -9.761  -0.678  -0.474  1.00 11.72 ? 136 VAL A CA  1 
ATOM   968  C  C   . VAL A 1 135 ? -9.381  0.001   0.850   1.00 13.11 ? 136 VAL A C   1 
ATOM   969  O  O   . VAL A 1 135 ? -9.938  1.034   1.178   1.00 12.99 ? 136 VAL A O   1 
ATOM   970  C  CB  . VAL A 1 135 ? -9.353  0.130   -1.721  1.00 14.43 ? 136 VAL A CB  1 
ATOM   971  C  CG1 . VAL A 1 135 ? -7.952  0.695   -1.606  1.00 11.76 ? 136 VAL A CG1 1 
ATOM   972  C  CG2 . VAL A 1 135 ? -9.517  -0.649  -3.013  1.00 10.75 ? 136 VAL A CG2 1 
ATOM   973  N  N   . VAL A 1 136 ? -8.530  -0.650  1.618   1.00 11.35 ? 137 VAL A N   1 
ATOM   974  C  CA  . VAL A 1 136 ? -7.974  -0.025  2.838   1.00 10.61 ? 137 VAL A CA  1 
ATOM   975  C  C   . VAL A 1 136 ? -6.729  0.764   2.424   1.00 10.99 ? 137 VAL A C   1 
ATOM   976  O  O   . VAL A 1 136 ? -5.874  0.205   1.759   1.00 12.11 ? 137 VAL A O   1 
ATOM   977  C  CB  . VAL A 1 136 ? -7.724  -1.038  3.965   1.00 12.55 ? 137 VAL A CB  1 
ATOM   978  C  CG1 . VAL A 1 136 ? -7.269  -0.363  5.245   1.00 10.12 ? 137 VAL A CG1 1 
ATOM   979  C  CG2 . VAL A 1 136 ? -8.931  -1.915  4.209   1.00 10.51 ? 137 VAL A CG2 1 
ATOM   980  N  N   . LEU A 1 137 ? -6.711  2.049   2.736   1.00 9.84  ? 138 LEU A N   1 
ATOM   981  C  CA  . LEU A 1 137 ? -5.592  2.946   2.386   1.00 10.89 ? 138 LEU A CA  1 
ATOM   982  C  C   . LEU A 1 137 ? -4.744  3.194   3.634   1.00 10.47 ? 138 LEU A C   1 
ATOM   983  O  O   . LEU A 1 137 ? -5.198  3.923   4.507   1.00 11.51 ? 138 LEU A O   1 
ATOM   984  C  CB  . LEU A 1 137 ? -6.169  4.218   1.760   1.00 8.89  ? 138 LEU A CB  1 
ATOM   985  C  CG  . LEU A 1 137 ? -6.943  3.999   0.462   1.00 11.73 ? 138 LEU A CG  1 
ATOM   986  C  CD1 . LEU A 1 137 ? -7.893  5.149   0.190   1.00 9.57  ? 138 LEU A CD1 1 
ATOM   987  C  CD2 . LEU A 1 137 ? -5.993  3.796   -0.703  1.00 7.87  ? 138 LEU A CD2 1 
ATOM   988  N  N   . LEU A 1 138 ? -3.578  2.572   3.699   1.00 9.37  ? 139 LEU A N   1 
ATOM   989  C  CA  . LEU A 1 138 ? -2.689  2.647   4.882   1.00 10.86 ? 139 LEU A CA  1 
ATOM   990  C  C   . LEU A 1 138 ? -1.763  3.864   4.797   1.00 10.84 ? 139 LEU A C   1 
ATOM   991  O  O   . LEU A 1 138 ? -0.745  3.768   4.129   1.00 12.53 ? 139 LEU A O   1 
ATOM   992  C  CB  . LEU A 1 138 ? -1.927  1.323   4.999   1.00 10.60 ? 139 LEU A CB  1 
ATOM   993  C  CG  . LEU A 1 138 ? -2.759  0.062   5.204   1.00 12.70 ? 139 LEU A CG  1 
ATOM   994  C  CD1 . LEU A 1 138 ? -1.998  -1.152  4.702   1.00 11.17 ? 139 LEU A CD1 1 
ATOM   995  C  CD2 . LEU A 1 138 ? -3.126  -0.113  6.666   1.00 10.72 ? 139 LEU A CD2 1 
ATOM   996  N  N   . GLY A 1 139 ? -2.161  4.979   5.405   1.00 10.15 ? 140 GLY A N   1 
ATOM   997  C  CA  . GLY A 1 139 ? -1.331  6.191   5.420   1.00 10.77 ? 140 GLY A CA  1 
ATOM   998  C  C   . GLY A 1 139 ? -1.654  7.270   4.396   1.00 9.94  ? 140 GLY A C   1 
ATOM   999  O  O   . GLY A 1 139 ? -2.385  6.981   3.455   1.00 8.87  ? 140 GLY A O   1 
ATOM   1000 N  N   . ALA A 1 140 ? -1.076  8.451   4.590   1.00 8.92  ? 141 ALA A N   1 
ATOM   1001 C  CA  . ALA A 1 140 ? -1.279  9.622   3.715   1.00 11.18 ? 141 ALA A CA  1 
ATOM   1002 C  C   . ALA A 1 140 ? -0.933  9.371   2.242   1.00 12.07 ? 141 ALA A C   1 
ATOM   1003 O  O   . ALA A 1 140 ? -1.753  9.732   1.427   1.00 12.01 ? 141 ALA A O   1 
ATOM   1004 C  CB  . ALA A 1 140 ? -0.480  10.767  4.249   1.00 10.79 ? 141 ALA A CB  1 
ATOM   1005 N  N   . THR A 1 141 ? 0.214   8.760   1.949   1.00 9.74  ? 142 THR A N   1 
ATOM   1006 C  CA  . THR A 1 141 ? 0.682   8.547   0.548   1.00 12.40 ? 142 THR A CA  1 
ATOM   1007 C  C   . THR A 1 141 ? -0.327  7.708   -0.257  1.00 12.43 ? 142 THR A C   1 
ATOM   1008 O  O   . THR A 1 141 ? -0.738  8.164   -1.327  1.00 12.60 ? 142 THR A O   1 
ATOM   1009 C  CB  . THR A 1 141 ? 2.152   8.083   0.506   1.00 14.25 ? 142 THR A CB  1 
ATOM   1010 O  OG1 . THR A 1 141 ? 2.962   8.989   1.251   1.00 15.92 ? 142 THR A OG1 1 
ATOM   1011 C  CG2 . THR A 1 141 ? 2.693   7.950   -0.899  1.00 14.34 ? 142 THR A CG2 1 
ATOM   1012 N  N   . ALA A 1 142 ? -0.737  6.571   0.284   1.00 9.91  ? 143 ALA A N   1 
ATOM   1013 C  CA  . ALA A 1 142 ? -1.728  5.692   -0.376  1.00 10.32 ? 143 ALA A CA  1 
ATOM   1014 C  C   . ALA A 1 142 ? -3.097  6.384   -0.558  1.00 11.49 ? 143 ALA A C   1 
ATOM   1015 O  O   . ALA A 1 142 ? -3.674  6.229   -1.629  1.00 8.95  ? 143 ALA A O   1 
ATOM   1016 C  CB  . ALA A 1 142 ? -1.857  4.432   0.442   1.00 7.74  ? 143 ALA A CB  1 
ATOM   1017 N  N   . ALA A 1 143 ? -3.587  7.098   0.460   1.00 8.75  ? 144 ALA A N   1 
ATOM   1018 C  CA  . ALA A 1 143 ? -4.910  7.766   0.428   1.00 12.02 ? 144 ALA A CA  1 
ATOM   1019 C  C   . ALA A 1 143 ? -4.911  8.879   -0.626  1.00 13.29 ? 144 ALA A C   1 
ATOM   1020 O  O   . ALA A 1 143 ? -5.838  8.922   -1.385  1.00 13.77 ? 144 ALA A O   1 
ATOM   1021 C  CB  . ALA A 1 143 ? -5.267  8.257   1.806   1.00 9.61  ? 144 ALA A CB  1 
ATOM   1022 N  N   . LYS A 1 144 ? -3.847  9.669   -0.689  1.00 12.97 ? 145 LYS A N   1 
ATOM   1023 C  CA  . LYS A 1 144 ? -3.684  10.743  -1.707  1.00 17.36 ? 145 LYS A CA  1 
ATOM   1024 C  C   . LYS A 1 144 ? -3.660  10.188  -3.137  1.00 18.09 ? 145 LYS A C   1 
ATOM   1025 O  O   . LYS A 1 144 ? -4.200  10.861  -3.986  1.00 20.99 ? 145 LYS A O   1 
ATOM   1026 C  CB  . LYS A 1 144 ? -2.438  11.581  -1.399  1.00 16.94 ? 145 LYS A CB  1 
ATOM   1027 C  CG  . LYS A 1 144 ? -2.522  12.451  -0.151  1.00 17.36 ? 145 LYS A CG  1 
ATOM   1028 C  CD  . LYS A 1 144 ? -1.185  12.998  0.300   1.00 17.50 ? 145 LYS A CD  1 
ATOM   1029 C  CE  . LYS A 1 144 ? -1.209  13.596  1.689   1.00 18.13 ? 145 LYS A CE  1 
ATOM   1030 N  NZ  . LYS A 1 144 ? -2.012  14.839  1.761   1.00 21.89 ? 145 LYS A NZ  1 
ATOM   1031 N  N   . ALA A 1 145 ? -3.053  9.022   -3.378  1.00 16.45 ? 146 ALA A N   1 
ATOM   1032 C  CA  . ALA A 1 145 ? -3.018  8.374   -4.709  1.00 17.96 ? 146 ALA A CA  1 
ATOM   1033 C  C   . ALA A 1 145 ? -4.437  8.177   -5.269  1.00 20.19 ? 146 ALA A C   1 
ATOM   1034 O  O   . ALA A 1 145 ? -4.589  8.311   -6.464  1.00 22.40 ? 146 ALA A O   1 
ATOM   1035 C  CB  . ALA A 1 145 ? -2.294  7.052   -4.609  1.00 13.80 ? 146 ALA A CB  1 
ATOM   1036 N  N   . LEU A 1 146 ? -5.426  7.906   -4.418  1.00 17.95 ? 147 LEU A N   1 
ATOM   1037 C  CA  . LEU A 1 146 ? -6.828  7.647   -4.841  1.00 21.11 ? 147 LEU A CA  1 
ATOM   1038 C  C   . LEU A 1 146 ? -7.799  8.785   -4.465  1.00 22.30 ? 147 LEU A C   1 
ATOM   1039 O  O   . LEU A 1 146 ? -8.857  8.844   -5.087  1.00 24.28 ? 147 LEU A O   1 
ATOM   1040 C  CB  . LEU A 1 146 ? -7.251  6.322   -4.191  1.00 20.32 ? 147 LEU A CB  1 
ATOM   1041 C  CG  . LEU A 1 146 ? -6.762  5.043   -4.868  1.00 18.72 ? 147 LEU A CG  1 
ATOM   1042 C  CD1 . LEU A 1 146 ? -7.542  3.841   -4.368  1.00 16.85 ? 147 LEU A CD1 1 
ATOM   1043 C  CD2 . LEU A 1 146 ? -6.875  5.150   -6.377  1.00 18.60 ? 147 LEU A CD2 1 
ATOM   1044 N  N   . LEU A 1 147 ? -7.484  9.641   -3.487  1.00 20.64 ? 148 LEU A N   1 
ATOM   1045 C  CA  . LEU A 1 147 ? -8.448  10.677  -3.010  1.00 20.46 ? 148 LEU A CA  1 
ATOM   1046 C  C   . LEU A 1 147 ? -7.922  12.113  -3.190  1.00 23.33 ? 148 LEU A C   1 
ATOM   1047 O  O   . LEU A 1 147 ? -8.636  13.042  -2.810  1.00 25.43 ? 148 LEU A O   1 
ATOM   1048 C  CB  . LEU A 1 147 ? -8.843  10.401  -1.553  1.00 22.25 ? 148 LEU A CB  1 
ATOM   1049 C  CG  . LEU A 1 147 ? -9.454  9.039   -1.244  1.00 18.28 ? 148 LEU A CG  1 
ATOM   1050 C  CD1 . LEU A 1 147 ? -9.221  8.677   0.208   1.00 18.44 ? 148 LEU A CD1 1 
ATOM   1051 C  CD2 . LEU A 1 147 ? -10.938 9.054   -1.533  1.00 21.47 ? 148 LEU A CD2 1 
ATOM   1052 N  N   . GLY A 1 148 ? -6.714  12.291  -3.718  1.00 22.87 ? 149 GLY A N   1 
ATOM   1053 C  CA  . GLY A 1 148 ? -6.159  13.631  -3.980  1.00 22.64 ? 149 GLY A CA  1 
ATOM   1054 C  C   . GLY A 1 148 ? -5.117  14.081  -2.980  1.00 22.07 ? 149 GLY A C   1 
ATOM   1055 O  O   . GLY A 1 148 ? -5.293  13.769  -1.811  1.00 23.01 ? 149 GLY A O   1 
ATOM   1056 N  N   . ASN A 1 149 ? -4.117  14.844  -3.413  1.00 22.11 ? 150 ASN A N   1 
ATOM   1057 C  CA  . ASN A 1 149 ? -2.988  15.320  -2.553  1.00 26.46 ? 150 ASN A CA  1 
ATOM   1058 C  C   . ASN A 1 149 ? -3.452  16.210  -1.393  1.00 26.51 ? 150 ASN A C   1 
ATOM   1059 O  O   . ASN A 1 149 ? -2.625  16.494  -0.530  1.00 25.84 ? 150 ASN A O   1 
ATOM   1060 C  CB  . ASN A 1 149 ? -1.876  15.939  -3.408  1.00 25.63 ? 150 ASN A CB  1 
ATOM   1061 C  CG  . ASN A 1 149 ? -0.497  15.518  -2.948  1.00 34.99 ? 150 ASN A CG  1 
ATOM   1062 O  OD1 . ASN A 1 149 ? -0.231  14.333  -2.778  1.00 36.53 ? 150 ASN A OD1 1 
ATOM   1063 N  ND2 . ASN A 1 149 ? 0.381   16.480  -2.730  1.00 40.21 ? 150 ASN A ND2 1 
ATOM   1064 N  N   . ASP A 1 150 ? -4.707  16.663  -1.412  1.00 28.03 ? 151 ASP A N   1 
ATOM   1065 C  CA  . ASP A 1 150 ? -5.318  17.474  -0.327  1.00 30.01 ? 151 ASP A CA  1 
ATOM   1066 C  C   . ASP A 1 150 ? -5.805  16.575  0.817   1.00 28.01 ? 151 ASP A C   1 
ATOM   1067 O  O   . ASP A 1 150 ? -5.795  17.048  1.960   1.00 29.26 ? 151 ASP A O   1 
ATOM   1068 C  CB  . ASP A 1 150 ? -6.501  18.270  -0.887  1.00 27.86 ? 151 ASP A CB  1 
ATOM   1069 C  CG  . ASP A 1 150 ? -7.075  19.288  0.073   1.00 37.99 ? 151 ASP A CG  1 
ATOM   1070 O  OD1 . ASP A 1 150 ? -6.284  19.929  0.782   1.00 45.24 ? 151 ASP A OD1 1 
ATOM   1071 O  OD2 . ASP A 1 150 ? -8.308  19.430  0.097   1.00 38.41 ? 151 ASP A OD2 1 
ATOM   1072 N  N   . PHE A 1 151 ? -6.212  15.341  0.523   1.00 23.04 ? 152 PHE A N   1 
ATOM   1073 C  CA  . PHE A 1 151 ? -6.812  14.437  1.543   1.00 22.64 ? 152 PHE A CA  1 
ATOM   1074 C  C   . PHE A 1 151 ? -6.012  14.335  2.846   1.00 23.52 ? 152 PHE A C   1 
ATOM   1075 O  O   . PHE A 1 151 ? -4.810  14.088  2.823   1.00 20.11 ? 152 PHE A O   1 
ATOM   1076 C  CB  . PHE A 1 151 ? -7.112  13.036  0.992   1.00 16.63 ? 152 PHE A CB  1 
ATOM   1077 C  CG  . PHE A 1 151 ? -7.867  12.113  1.910   1.00 18.78 ? 152 PHE A CG  1 
ATOM   1078 C  CD1 . PHE A 1 151 ? -9.247  12.167  1.986   1.00 19.65 ? 152 PHE A CD1 1 
ATOM   1079 C  CD2 . PHE A 1 151 ? -7.203  11.174  2.679   1.00 17.35 ? 152 PHE A CD2 1 
ATOM   1080 C  CE1 . PHE A 1 151 ? -9.942  11.306  2.817   1.00 21.76 ? 152 PHE A CE1 1 
ATOM   1081 C  CE2 . PHE A 1 151 ? -7.900  10.319  3.514   1.00 19.05 ? 152 PHE A CE2 1 
ATOM   1082 C  CZ  . PHE A 1 151 ? -9.268  10.386  3.580   1.00 19.25 ? 152 PHE A CZ  1 
ATOM   1083 N  N   . ARG A 1 152 ? -6.725  14.477  3.954   1.00 22.28 ? 153 ARG A N   1 
ATOM   1084 C  CA  . ARG A 1 152 ? -6.093  14.255  5.273   1.00 26.28 ? 153 ARG A CA  1 
ATOM   1085 C  C   . ARG A 1 152 ? -6.646  12.944  5.838   1.00 26.21 ? 153 ARG A C   1 
ATOM   1086 O  O   . ARG A 1 152 ? -7.867  12.807  5.901   1.00 25.61 ? 153 ARG A O   1 
ATOM   1087 C  CB  . ARG A 1 152 ? -6.394  15.413  6.226   1.00 27.54 ? 153 ARG A CB  1 
ATOM   1088 C  CG  . ARG A 1 152 ? -6.241  16.793  5.612   1.00 37.30 ? 153 ARG A CG  1 
ATOM   1089 C  CD  . ARG A 1 152 ? -4.790  17.147  5.372   1.00 36.81 ? 153 ARG A CD  1 
ATOM   1090 N  NE  . ARG A 1 152 ? -4.691  18.262  4.450   1.00 51.45 ? 153 ARG A NE  1 
ATOM   1091 C  CZ  . ARG A 1 152 ? -4.342  19.489  4.798   1.00 49.93 ? 153 ARG A CZ  1 
ATOM   1092 N  NH1 . ARG A 1 152 ? -4.039  19.762  6.055   1.00 53.11 ? 153 ARG A NH1 1 
ATOM   1093 N  NH2 . ARG A 1 152 ? -4.289  20.437  3.883   1.00 49.85 ? 153 ARG A NH2 1 
ATOM   1094 N  N   . VAL A 1 153 ? -5.770  12.031  6.235   1.00 22.87 ? 154 VAL A N   1 
ATOM   1095 C  CA  . VAL A 1 153 ? -6.201  10.740  6.839   1.00 23.85 ? 154 VAL A CA  1 
ATOM   1096 C  C   . VAL A 1 153 ? -6.729  11.026  8.254   1.00 27.26 ? 154 VAL A C   1 
ATOM   1097 O  O   . VAL A 1 153 ? -7.710  10.402  8.645   1.00 26.03 ? 154 VAL A O   1 
ATOM   1098 C  CB  . VAL A 1 153 ? -5.017  9.754   6.844   1.00 21.30 ? 154 VAL A CB  1 
ATOM   1099 C  CG1 . VAL A 1 153 ? -5.025  8.814   8.043   1.00 16.55 ? 154 VAL A CG1 1 
ATOM   1100 C  CG2 . VAL A 1 153 ? -4.897  8.976   5.546   1.00 13.34 ? 154 VAL A CG2 1 
ATOM   1101 N  N   . THR A 1 154 ? -6.139  12.000  8.946   1.00 23.49 ? 155 THR A N   1 
ATOM   1102 C  CA  . THR A 1 154 ? -6.503  12.322  10.352  1.00 27.69 ? 155 THR A CA  1 
ATOM   1103 C  C   . THR A 1 154 ? -7.946  12.811  10.476  1.00 28.22 ? 155 THR A C   1 
ATOM   1104 O  O   . THR A 1 154 ? -8.512  12.630  11.549  1.00 26.66 ? 155 THR A O   1 
ATOM   1105 C  CB  . THR A 1 154 ? -5.549  13.376  10.919  1.00 27.96 ? 155 THR A CB  1 
ATOM   1106 O  OG1 . THR A 1 154 ? -5.687  14.578  10.166  1.00 33.18 ? 155 THR A OG1 1 
ATOM   1107 C  CG2 . THR A 1 154 ? -4.110  12.908  10.913  1.00 27.09 ? 155 THR A CG2 1 
ATOM   1108 N  N   . GLN A 1 155 ? -8.504  13.380  9.410   1.00 27.45 ? 156 GLN A N   1 
ATOM   1109 C  CA  . GLN A 1 155 ? -9.858  13.982  9.466   1.00 28.83 ? 156 GLN A CA  1 
ATOM   1110 C  C   . GLN A 1 155 ? -10.934 13.007  8.979   1.00 27.68 ? 156 GLN A C   1 
ATOM   1111 O  O   . GLN A 1 155 ? -12.099 13.267  9.258   1.00 29.09 ? 156 GLN A O   1 
ATOM   1112 C  CB  . GLN A 1 155 ? -9.856  15.255  8.616   1.00 28.99 ? 156 GLN A CB  1 
ATOM   1113 C  CG  . GLN A 1 155 ? -9.333  16.483  9.341   1.00 34.36 ? 156 GLN A CG  1 
ATOM   1114 C  CD  . GLN A 1 155 ? -10.183 16.820  10.540  1.00 43.61 ? 156 GLN A CD  1 
ATOM   1115 O  OE1 . GLN A 1 155 ? -9.697  16.889  11.664  1.00 44.39 ? 156 GLN A OE1 1 
ATOM   1116 N  NE2 . GLN A 1 155 ? -11.469 17.023  10.306  1.00 42.81 ? 156 GLN A NE2 1 
ATOM   1117 N  N   . HIS A 1 156 ? -10.548 11.924  8.310   1.00 25.67 ? 157 HIS A N   1 
ATOM   1118 C  CA  . HIS A 1 156 ? -11.546 11.013  7.693   1.00 25.88 ? 157 HIS A CA  1 
ATOM   1119 C  C   . HIS A 1 156 ? -11.331 9.537   8.029   1.00 25.78 ? 157 HIS A C   1 
ATOM   1120 O  O   . HIS A 1 156 ? -12.049 8.747   7.460   1.00 29.74 ? 157 HIS A O   1 
ATOM   1121 C  CB  . HIS A 1 156 ? -11.553 11.243  6.180   1.00 25.16 ? 157 HIS A CB  1 
ATOM   1122 C  CG  . HIS A 1 156 ? -11.970 12.616  5.800   1.00 29.44 ? 157 HIS A CG  1 
ATOM   1123 N  ND1 . HIS A 1 156 ? -13.219 13.104  6.091   1.00 28.68 ? 157 HIS A ND1 1 
ATOM   1124 C  CD2 . HIS A 1 156 ? -11.302 13.613  5.191   1.00 28.66 ? 157 HIS A CD2 1 
ATOM   1125 C  CE1 . HIS A 1 156 ? -13.309 14.342  5.665   1.00 28.42 ? 157 HIS A CE1 1 
ATOM   1126 N  NE2 . HIS A 1 156 ? -12.150 14.677  5.111   1.00 27.09 ? 157 HIS A NE2 1 
ATOM   1127 N  N   . ARG A 1 157 ? -10.420 9.184   8.935   1.00 25.73 ? 158 ARG A N   1 
ATOM   1128 C  CA  . ARG A 1 157 ? -10.093 7.757   9.195   1.00 26.06 ? 158 ARG A CA  1 
ATOM   1129 C  C   . ARG A 1 157 ? -11.302 6.967   9.691   1.00 24.07 ? 158 ARG A C   1 
ATOM   1130 O  O   . ARG A 1 157 ? -12.022 7.495   10.533  1.00 26.43 ? 158 ARG A O   1 
ATOM   1131 C  CB  . ARG A 1 157 ? -8.877  7.575   10.113  1.00 27.14 ? 158 ARG A CB  1 
ATOM   1132 C  CG  . ARG A 1 157 ? -8.824  8.520   11.299  1.00 29.66 ? 158 ARG A CG  1 
ATOM   1133 C  CD  . ARG A 1 157 ? -7.587  8.120   12.054  1.00 32.48 ? 158 ARG A CD  1 
ATOM   1134 N  NE  . ARG A 1 157 ? -7.524  6.673   12.101  1.00 27.58 ? 158 ARG A NE  1 
ATOM   1135 C  CZ  . ARG A 1 157 ? -6.661  6.002   12.841  1.00 41.91 ? 158 ARG A CZ  1 
ATOM   1136 N  NH1 . ARG A 1 157 ? -5.786  6.657   13.585  1.00 46.68 ? 158 ARG A NH1 1 
ATOM   1137 N  NH2 . ARG A 1 157 ? -6.670  4.684   12.834  1.00 44.16 ? 158 ARG A NH2 1 
ATOM   1138 N  N   . GLY A 1 158 ? -11.507 5.758   9.162   1.00 24.10 ? 159 GLY A N   1 
ATOM   1139 C  CA  . GLY A 1 158 ? -12.603 4.873   9.602   1.00 23.81 ? 159 GLY A CA  1 
ATOM   1140 C  C   . GLY A 1 158 ? -13.921 5.167   8.924   1.00 26.28 ? 159 GLY A C   1 
ATOM   1141 O  O   . GLY A 1 158 ? -14.913 4.564   9.318   1.00 29.46 ? 159 GLY A O   1 
ATOM   1142 N  N   . GLU A 1 159 ? -13.914 6.067   7.948   1.00 23.22 ? 160 GLU A N   1 
ATOM   1143 C  CA  . GLU A 1 159 ? -15.131 6.462   7.216   1.00 20.65 ? 160 GLU A CA  1 
ATOM   1144 C  C   . GLU A 1 159 ? -15.207 5.698   5.895   1.00 20.80 ? 160 GLU A C   1 
ATOM   1145 O  O   . GLU A 1 159 ? -14.176 5.565   5.235   1.00 19.41 ? 160 GLU A O   1 
ATOM   1146 C  CB  . GLU A 1 159 ? -15.150 7.973   7.006   1.00 21.62 ? 160 GLU A CB  1 
ATOM   1147 C  CG  . GLU A 1 159 ? -15.349 8.784   8.264   1.00 20.06 ? 160 GLU A CG  1 
ATOM   1148 C  CD  . GLU A 1 159 ? -15.129 10.267  8.037   1.00 30.22 ? 160 GLU A CD  1 
ATOM   1149 O  OE1 . GLU A 1 159 ? -15.225 10.709  6.877   1.00 28.87 ? 160 GLU A OE1 1 
ATOM   1150 O  OE2 . GLU A 1 159 ? -14.853 10.972  9.016   1.00 29.13 ? 160 GLU A OE2 1 
ATOM   1151 N  N   . VAL A 1 160 ? -16.377 5.167   5.570   1.00 14.59 ? 161 VAL A N   1 
ATOM   1152 C  CA  . VAL A 1 160 ? -16.529 4.498   4.255   1.00 15.53 ? 161 VAL A CA  1 
ATOM   1153 C  C   . VAL A 1 160 ? -16.667 5.585   3.188   1.00 15.19 ? 161 VAL A C   1 
ATOM   1154 O  O   . VAL A 1 160 ? -17.634 6.341   3.252   1.00 14.91 ? 161 VAL A O   1 
ATOM   1155 C  CB  . VAL A 1 160 ? -17.642 3.434   4.221   1.00 15.65 ? 161 VAL A CB  1 
ATOM   1156 C  CG1 . VAL A 1 160 ? -17.730 2.762   2.864   1.00 12.44 ? 161 VAL A CG1 1 
ATOM   1157 C  CG2 . VAL A 1 160 ? -17.490 2.407   5.322   1.00 15.24 ? 161 VAL A CG2 1 
ATOM   1158 N  N   . LEU A 1 161 ? -15.712 5.655   2.272   1.00 14.56 ? 162 LEU A N   1 
ATOM   1159 C  CA  . LEU A 1 161 ? -15.690 6.689   1.211   1.00 14.76 ? 162 LEU A CA  1 
ATOM   1160 C  C   . LEU A 1 161 ? -15.908 6.046   -0.158  1.00 18.11 ? 162 LEU A C   1 
ATOM   1161 O  O   . LEU A 1 161 ? -15.696 4.838   -0.281  1.00 16.30 ? 162 LEU A O   1 
ATOM   1162 C  CB  . LEU A 1 161 ? -14.372 7.466   1.258   1.00 15.33 ? 162 LEU A CB  1 
ATOM   1163 C  CG  . LEU A 1 161 ? -13.917 7.964   2.628   1.00 15.95 ? 162 LEU A CG  1 
ATOM   1164 C  CD1 . LEU A 1 161 ? -12.526 8.561   2.542   1.00 14.36 ? 162 LEU A CD1 1 
ATOM   1165 C  CD2 . LEU A 1 161 ? -14.894 8.971   3.205   1.00 13.19 ? 162 LEU A CD2 1 
ATOM   1166 N  N   . HIS A 1 162 ? -16.347 6.846   -1.123  1.00 18.72 ? 163 HIS A N   1 
ATOM   1167 C  CA  . HIS A 1 162 ? -16.663 6.353   -2.480  1.00 21.50 ? 163 HIS A CA  1 
ATOM   1168 C  C   . HIS A 1 162 ? -16.428 7.510   -3.451  1.00 23.33 ? 163 HIS A C   1 
ATOM   1169 O  O   . HIS A 1 162 ? -17.223 8.440   -3.429  1.00 22.79 ? 163 HIS A O   1 
ATOM   1170 C  CB  . HIS A 1 162 ? -18.118 5.865   -2.540  1.00 19.28 ? 163 HIS A CB  1 
ATOM   1171 C  CG  . HIS A 1 162 ? -18.365 4.425   -2.246  1.00 21.69 ? 163 HIS A CG  1 
ATOM   1172 N  ND1 . HIS A 1 162 ? -18.804 3.995   -1.016  1.00 20.42 ? 163 HIS A ND1 1 
ATOM   1173 C  CD2 . HIS A 1 162 ? -18.303 3.330   -3.029  1.00 26.60 ? 163 HIS A CD2 1 
ATOM   1174 C  CE1 . HIS A 1 162 ? -18.977 2.694   -1.045  1.00 20.81 ? 163 HIS A CE1 1 
ATOM   1175 N  NE2 . HIS A 1 162 ? -18.678 2.263   -2.267  1.00 24.67 ? 163 HIS A NE2 1 
ATOM   1176 N  N   . VAL A 1 163 ? -15.339 7.459   -4.207  1.00 23.73 ? 164 VAL A N   1 
ATOM   1177 C  CA  . VAL A 1 163 ? -15.087 8.483   -5.246  1.00 28.35 ? 164 VAL A CA  1 
ATOM   1178 C  C   . VAL A 1 163 ? -15.384 7.852   -6.608  1.00 35.62 ? 164 VAL A C   1 
ATOM   1179 O  O   . VAL A 1 163 ? -15.112 6.657   -6.773  1.00 35.18 ? 164 VAL A O   1 
ATOM   1180 C  CB  . VAL A 1 163 ? -13.719 9.187   -5.122  1.00 27.28 ? 164 VAL A CB  1 
ATOM   1181 C  CG1 . VAL A 1 163 ? -13.588 9.889   -3.784  1.00 21.16 ? 164 VAL A CG1 1 
ATOM   1182 C  CG2 . VAL A 1 163 ? -12.552 8.252   -5.355  1.00 24.78 ? 164 VAL A CG2 1 
ATOM   1183 N  N   . ASP A 1 164 ? -15.909 8.636   -7.547  1.00 37.47 ? 165 ASP A N   1 
ATOM   1184 C  CA  . ASP A 1 164 ? -16.369 8.135   -8.871  1.00 42.03 ? 165 ASP A CA  1 
ATOM   1185 C  C   . ASP A 1 164 ? -15.228 7.840   -9.859  1.00 42.57 ? 165 ASP A C   1 
ATOM   1186 O  O   . ASP A 1 164 ? -15.461 7.049   -10.774 1.00 43.77 ? 165 ASP A O   1 
ATOM   1187 C  CB  . ASP A 1 164 ? -17.401 9.122   -9.439  1.00 37.17 ? 165 ASP A CB  1 
ATOM   1188 C  CG  . ASP A 1 164 ? -16.913 10.564  -9.546  1.00 41.14 ? 165 ASP A CG  1 
ATOM   1189 O  OD1 . ASP A 1 164 ? -15.835 10.876  -9.006  1.00 41.74 ? 165 ASP A OD1 1 
ATOM   1190 O  OD2 . ASP A 1 164 ? -17.619 11.376  -10.173 1.00 38.50 ? 165 ASP A OD2 1 
ATOM   1191 N  N   . ASP A 1 165 ? -14.048 8.436   -9.679  1.00 40.95 ? 166 ASP A N   1 
ATOM   1192 C  CA  . ASP A 1 165 ? -12.938 8.283   -10.652 1.00 42.18 ? 166 ASP A CA  1 
ATOM   1193 C  C   . ASP A 1 165 ? -12.147 6.989   -10.404 1.00 46.08 ? 166 ASP A C   1 
ATOM   1194 O  O   . ASP A 1 165 ? -11.164 6.767   -11.132 1.00 42.56 ? 166 ASP A O   1 
ATOM   1195 C  CB  . ASP A 1 165 ? -12.019 9.500   -10.590 1.00 44.98 ? 166 ASP A CB  1 
ATOM   1196 C  CG  . ASP A 1 165 ? -11.790 10.028  -9.185  1.00 50.20 ? 166 ASP A CG  1 
ATOM   1197 O  OD1 . ASP A 1 165 ? -10.986 9.422   -8.456  1.00 52.31 ? 166 ASP A OD1 1 
ATOM   1198 O  OD2 . ASP A 1 165 ? -12.414 11.047  -8.835  1.00 53.98 ? 166 ASP A OD2 1 
ATOM   1199 N  N   . VAL A 1 166 ? -12.572 6.157   -9.448  1.00 43.93 ? 167 VAL A N   1 
ATOM   1200 C  CA  . VAL A 1 166 ? -11.777 4.951   -9.076  1.00 39.07 ? 167 VAL A CA  1 
ATOM   1201 C  C   . VAL A 1 166 ? -12.414 3.696   -9.689  1.00 38.93 ? 167 VAL A C   1 
ATOM   1202 O  O   . VAL A 1 166 ? -13.632 3.554   -9.614  1.00 37.79 ? 167 VAL A O   1 
ATOM   1203 C  CB  . VAL A 1 166 ? -11.570 4.884   -7.551  1.00 36.43 ? 167 VAL A CB  1 
ATOM   1204 C  CG1 . VAL A 1 166 ? -11.111 3.515   -7.089  1.00 33.09 ? 167 VAL A CG1 1 
ATOM   1205 C  CG2 . VAL A 1 166 ? -10.571 5.931   -7.094  1.00 34.26 ? 167 VAL A CG2 1 
ATOM   1206 N  N   . PRO A 1 167 ? -11.631 2.832   -10.358 1.00 40.80 ? 168 PRO A N   1 
ATOM   1207 C  CA  . PRO A 1 167 ? -12.131 1.591   -10.951 1.00 38.02 ? 168 PRO A CA  1 
ATOM   1208 C  C   . PRO A 1 167 ? -13.022 0.656   -10.137 1.00 35.51 ? 168 PRO A C   1 
ATOM   1209 O  O   . PRO A 1 167 ? -12.550 0.133   -9.163  1.00 37.54 ? 168 PRO A O   1 
ATOM   1210 C  CB  . PRO A 1 167 ? -10.834 0.843   -11.288 1.00 35.82 ? 168 PRO A CB  1 
ATOM   1211 C  CG  . PRO A 1 167 ? -9.889  1.947   -11.666 1.00 34.66 ? 168 PRO A CG  1 
ATOM   1212 C  CD  . PRO A 1 167 ? -10.216 3.046   -10.680 1.00 40.45 ? 168 PRO A CD  1 
ATOM   1213 N  N   . GLY A 1 168 ? -14.261 0.457   -10.583 1.00 37.06 ? 169 GLY A N   1 
ATOM   1214 C  CA  . GLY A 1 168 ? -15.179 -0.507  -9.945  1.00 35.72 ? 169 GLY A CA  1 
ATOM   1215 C  C   . GLY A 1 168 ? -15.918 0.050   -8.755  1.00 34.08 ? 169 GLY A C   1 
ATOM   1216 O  O   . GLY A 1 168 ? -16.586 -0.746  -8.078  1.00 28.45 ? 169 GLY A O   1 
ATOM   1217 N  N   . ASP A 1 169 ? -15.805 1.360   -8.525  1.00 34.04 ? 170 ASP A N   1 
ATOM   1218 C  CA  . ASP A 1 169 ? -16.408 2.021   -7.337  1.00 32.98 ? 170 ASP A CA  1 
ATOM   1219 C  C   . ASP A 1 169 ? -16.276 1.153   -6.082  1.00 31.02 ? 170 ASP A C   1 
ATOM   1220 O  O   . ASP A 1 169 ? -17.308 0.836   -5.484  1.00 31.76 ? 170 ASP A O   1 
ATOM   1221 C  CB  . ASP A 1 169 ? -17.841 2.473   -7.585  1.00 31.57 ? 170 ASP A CB  1 
ATOM   1222 N  N   . PRO A 1 170 ? -15.068 0.741   -5.651  1.00 26.03 ? 171 PRO A N   1 
ATOM   1223 C  CA  . PRO A 1 170 ? -14.957 0.022   -4.416  1.00 23.47 ? 171 PRO A CA  1 
ATOM   1224 C  C   . PRO A 1 170 ? -15.132 0.996   -3.249  1.00 19.56 ? 171 PRO A C   1 
ATOM   1225 O  O   . PRO A 1 170 ? -14.916 2.162   -3.416  1.00 19.55 ? 171 PRO A O   1 
ATOM   1226 C  CB  . PRO A 1 170 ? -13.531 -0.521  -4.445  1.00 21.04 ? 171 PRO A CB  1 
ATOM   1227 C  CG  . PRO A 1 170 ? -12.763 0.492   -5.230  1.00 24.22 ? 171 PRO A CG  1 
ATOM   1228 C  CD  . PRO A 1 170 ? -13.754 0.990   -6.256  1.00 27.84 ? 171 PRO A CD  1 
ATOM   1229 N  N   . ALA A 1 171 ? -15.565 0.483   -2.110  1.00 18.00 ? 172 ALA A N   1 
ATOM   1230 C  CA  . ALA A 1 171 ? -15.601 1.311   -0.892  1.00 16.44 ? 172 ALA A CA  1 
ATOM   1231 C  C   . ALA A 1 171 ? -14.147 1.589   -0.463  1.00 19.31 ? 172 ALA A C   1 
ATOM   1232 O  O   . ALA A 1 171 ? -13.307 0.727   -0.672  1.00 16.99 ? 172 ALA A O   1 
ATOM   1233 C  CB  . ALA A 1 171 ? -16.395 0.614   0.155   1.00 14.74 ? 172 ALA A CB  1 
ATOM   1234 N  N   . LEU A 1 172 ? -13.870 2.777   0.047   1.00 15.38 ? 173 LEU A N   1 
ATOM   1235 C  CA  . LEU A 1 172 ? -12.511 3.162   0.476   1.00 13.66 ? 173 LEU A CA  1 
ATOM   1236 C  C   . LEU A 1 172 ? -12.506 3.475   1.971   1.00 13.99 ? 173 LEU A C   1 
ATOM   1237 O  O   . LEU A 1 172 ? -13.397 4.163   2.423   1.00 13.53 ? 173 LEU A O   1 
ATOM   1238 C  CB  . LEU A 1 172 ? -11.995 4.341   -0.348  1.00 11.56 ? 173 LEU A CB  1 
ATOM   1239 C  CG  . LEU A 1 172 ? -12.192 4.250   -1.861  1.00 15.79 ? 173 LEU A CG  1 
ATOM   1240 C  CD1 . LEU A 1 172 ? -11.971 5.597   -2.516  1.00 14.54 ? 173 LEU A CD1 1 
ATOM   1241 C  CD2 . LEU A 1 172 ? -11.271 3.211   -2.478  1.00 9.37  ? 173 LEU A CD2 1 
ATOM   1242 N  N   . VAL A 1 173 ? -11.542 2.925   2.685   1.00 10.48 ? 174 VAL A N   1 
ATOM   1243 C  CA  . VAL A 1 173 ? -11.378 3.197   4.131   1.00 11.38 ? 174 VAL A CA  1 
ATOM   1244 C  C   . VAL A 1 173 ? -9.921  3.622   4.331   1.00 11.10 ? 174 VAL A C   1 
ATOM   1245 O  O   . VAL A 1 173 ? -9.029  2.831   4.089   1.00 9.35  ? 174 VAL A O   1 
ATOM   1246 C  CB  . VAL A 1 173 ? -11.814 2.026   5.044   1.00 14.39 ? 174 VAL A CB  1 
ATOM   1247 C  CG1 . VAL A 1 173 ? -11.623 2.347   6.517   1.00 11.79 ? 174 VAL A CG1 1 
ATOM   1248 C  CG2 . VAL A 1 173 ? -13.235 1.559   4.772   1.00 14.20 ? 174 VAL A CG2 1 
ATOM   1249 N  N   . ALA A 1 174 ? -9.723  4.877   4.690   1.00 11.90 ? 175 ALA A N   1 
ATOM   1250 C  CA  . ALA A 1 174 ? -8.374  5.402   4.947   1.00 13.38 ? 175 ALA A CA  1 
ATOM   1251 C  C   . ALA A 1 174 ? -8.049  5.250   6.436   1.00 16.10 ? 175 ALA A C   1 
ATOM   1252 O  O   . ALA A 1 174 ? -8.944  5.440   7.251   1.00 14.66 ? 175 ALA A O   1 
ATOM   1253 C  CB  . ALA A 1 174 ? -8.274  6.811   4.473   1.00 15.42 ? 175 ALA A CB  1 
ATOM   1254 N  N   . THR A 1 175 ? -6.830  4.824   6.742   1.00 12.49 ? 176 THR A N   1 
ATOM   1255 C  CA  . THR A 1 175 ? -6.403  4.607   8.139   1.00 15.23 ? 176 THR A CA  1 
ATOM   1256 C  C   . THR A 1 175 ? -4.954  5.048   8.329   1.00 16.15 ? 176 THR A C   1 
ATOM   1257 O  O   . THR A 1 175 ? -4.331  5.480   7.378   1.00 15.93 ? 176 THR A O   1 
ATOM   1258 C  CB  . THR A 1 175 ? -6.628  3.150   8.589   1.00 15.31 ? 176 THR A CB  1 
ATOM   1259 O  OG1 . THR A 1 175 ? -6.287  3.011   9.966   1.00 18.07 ? 176 THR A OG1 1 
ATOM   1260 C  CG2 . THR A 1 175 ? -5.903  2.141   7.731   1.00 14.21 ? 176 THR A CG2 1 
ATOM   1261 N  N   . VAL A 1 176 ? -4.477  4.929   9.549   1.00 18.38 ? 177 VAL A N   1 
ATOM   1262 C  CA  . VAL A 1 176 ? -3.078  5.273   9.884   1.00 19.92 ? 177 VAL A CA  1 
ATOM   1263 C  C   . VAL A 1 176 ? -2.126  4.259   9.243   1.00 19.78 ? 177 VAL A C   1 
ATOM   1264 O  O   . VAL A 1 176 ? -2.528  3.103   9.037   1.00 22.72 ? 177 VAL A O   1 
ATOM   1265 C  CB  . VAL A 1 176 ? -2.948  5.323   11.420  1.00 26.41 ? 177 VAL A CB  1 
ATOM   1266 C  CG1 . VAL A 1 176 ? -3.097  3.961   12.082  1.00 21.46 ? 177 VAL A CG1 1 
ATOM   1267 C  CG2 . VAL A 1 176 ? -1.708  6.046   11.903  1.00 30.04 ? 177 VAL A CG2 1 
ATOM   1268 N  N   . HIS A 1 177 ? -0.931  4.702   8.887   1.00 17.44 ? 178 HIS A N   1 
ATOM   1269 C  CA  . HIS A 1 177 ? 0.114   3.779   8.396   1.00 17.33 ? 178 HIS A CA  1 
ATOM   1270 C  C   . HIS A 1 177 ? 0.626   2.963   9.591   1.00 20.17 ? 178 HIS A C   1 
ATOM   1271 O  O   . HIS A 1 177 ? 0.955   3.571   10.585  1.00 19.68 ? 178 HIS A O   1 
ATOM   1272 C  CB  . HIS A 1 177 ? 1.238   4.559   7.720   1.00 15.51 ? 178 HIS A CB  1 
ATOM   1273 C  CG  . HIS A 1 177 ? 2.167   3.691   6.947   1.00 21.11 ? 178 HIS A CG  1 
ATOM   1274 N  ND1 . HIS A 1 177 ? 3.065   2.844   7.555   1.00 17.86 ? 178 HIS A ND1 1 
ATOM   1275 C  CD2 . HIS A 1 177 ? 2.322   3.511   5.622   1.00 18.22 ? 178 HIS A CD2 1 
ATOM   1276 C  CE1 . HIS A 1 177 ? 3.736   2.187   6.643   1.00 14.64 ? 178 HIS A CE1 1 
ATOM   1277 N  NE2 . HIS A 1 177 ? 3.303   2.585   5.460   1.00 14.47 ? 178 HIS A NE2 1 
ATOM   1278 N  N   . PRO A 1 178 ? 0.704   1.619   9.496   1.00 21.41 ? 179 PRO A N   1 
ATOM   1279 C  CA  . PRO A 1 178 ? 1.140   0.753   10.611  1.00 22.78 ? 179 PRO A CA  1 
ATOM   1280 C  C   . PRO A 1 178 ? 2.497   1.129   11.256  1.00 26.20 ? 179 PRO A C   1 
ATOM   1281 O  O   . PRO A 1 178 ? 2.664   0.820   12.402  1.00 27.65 ? 179 PRO A O   1 
ATOM   1282 C  CB  . PRO A 1 178 ? 1.075   -0.661  10.006  1.00 20.29 ? 179 PRO A CB  1 
ATOM   1283 C  CG  . PRO A 1 178 ? 1.157   -0.448  8.524   1.00 19.12 ? 179 PRO A CG  1 
ATOM   1284 C  CD  . PRO A 1 178 ? 0.388   0.833   8.302   1.00 19.71 ? 179 PRO A CD  1 
ATOM   1285 N  N   . SER A 1 179 ? 3.397   1.807   10.532  1.00 21.43 ? 180 SER A N   1 
ATOM   1286 C  CA  . SER A 1 179 ? 4.702   2.270   11.080  1.00 25.88 ? 180 SER A CA  1 
ATOM   1287 C  C   . SER A 1 179 ? 4.514   3.362   12.138  1.00 27.57 ? 180 SER A C   1 
ATOM   1288 O  O   . SER A 1 179 ? 5.426   3.557   12.929  1.00 28.71 ? 180 SER A O   1 
ATOM   1289 C  CB  . SER A 1 179 ? 5.605   2.733   9.971   1.00 24.95 ? 180 SER A CB  1 
ATOM   1290 O  OG  . SER A 1 179 ? 5.214   4.002   9.484   1.00 30.54 ? 180 SER A OG  1 
ATOM   1291 N  N   . SER A 1 180 ? 3.380   4.060   12.121  1.00 29.89 ? 181 SER A N   1 
ATOM   1292 C  CA  . SER A 1 180 ? 3.042   5.094   13.132  1.00 31.97 ? 181 SER A CA  1 
ATOM   1293 C  C   . SER A 1 180 ? 2.841   4.438   14.498  1.00 32.80 ? 181 SER A C   1 
ATOM   1294 O  O   . SER A 1 180 ? 3.134   5.088   15.484  1.00 40.58 ? 181 SER A O   1 
ATOM   1295 C  CB  . SER A 1 180 ? 1.823   5.896   12.706  1.00 30.58 ? 181 SER A CB  1 
ATOM   1296 O  OG  . SER A 1 180 ? 2.037   6.532   11.459  1.00 35.87 ? 181 SER A OG  1 
ATOM   1297 N  N   . LEU A 1 181 ? 2.421   3.178   14.525  1.00 32.25 ? 182 LEU A N   1 
ATOM   1298 C  CA  . LEU A 1 181 ? 2.164   2.450   15.788  1.00 36.51 ? 182 LEU A CA  1 
ATOM   1299 C  C   . LEU A 1 181 ? 3.481   1.908   16.353  1.00 43.83 ? 182 LEU A C   1 
ATOM   1300 O  O   . LEU A 1 181 ? 3.432   1.265   17.404  1.00 47.07 ? 182 LEU A O   1 
ATOM   1301 C  CB  . LEU A 1 181 ? 1.145   1.333   15.548  1.00 33.30 ? 182 LEU A CB  1 
ATOM   1302 C  CG  . LEU A 1 181 ? 0.080   1.562   14.478  1.00 36.67 ? 182 LEU A CG  1 
ATOM   1303 C  CD1 . LEU A 1 181 ? -0.882  0.394   14.419  1.00 31.76 ? 182 LEU A CD1 1 
ATOM   1304 C  CD2 . LEU A 1 181 ? -0.703  2.831   14.723  1.00 35.01 ? 182 LEU A CD2 1 
ATOM   1305 N  N   . LEU A 1 182 ? 4.607   2.162   15.681  1.00 42.76 ? 183 LEU A N   1 
ATOM   1306 C  CA  . LEU A 1 182 ? 5.942   1.747   16.183  1.00 42.85 ? 183 LEU A CA  1 
ATOM   1307 C  C   . LEU A 1 182 ? 6.708   2.979   16.665  1.00 49.21 ? 183 LEU A C   1 
ATOM   1308 O  O   . LEU A 1 182 ? 7.924   2.848   16.905  1.00 52.40 ? 183 LEU A O   1 
ATOM   1309 C  CB  . LEU A 1 182 ? 6.722   1.090   15.039  1.00 39.62 ? 183 LEU A CB  1 
ATOM   1310 C  CG  . LEU A 1 182 ? 6.517   -0.406  14.860  1.00 40.93 ? 183 LEU A CG  1 
ATOM   1311 C  CD1 . LEU A 1 182 ? 7.160   -0.869  13.568  1.00 34.15 ? 183 LEU A CD1 1 
ATOM   1312 C  CD2 . LEU A 1 182 ? 7.059   -1.175  16.053  1.00 42.05 ? 183 LEU A CD2 1 
ATOM   1313 N  N   . ARG A 1 183 ? 6.043   4.123   16.797  1.00 48.53 ? 184 ARG A N   1 
ATOM   1314 C  CA  . ARG A 1 183 ? 6.764   5.374   17.149  1.00 58.24 ? 184 ARG A CA  1 
ATOM   1315 C  C   . ARG A 1 183 ? 5.902   6.291   18.019  1.00 58.82 ? 184 ARG A C   1 
ATOM   1316 O  O   . ARG A 1 183 ? 4.816   6.670   17.555  1.00 58.65 ? 184 ARG A O   1 
ATOM   1317 C  CB  . ARG A 1 183 ? 7.108   6.141   15.866  1.00 62.34 ? 184 ARG A CB  1 
ATOM   1318 N  N   . GLY A 1 184 ? 6.378   6.652   19.216  1.00 59.57 ? 185 GLY A N   1 
ATOM   1319 C  CA  . GLY A 1 184 ? 5.654   7.626   20.056  1.00 56.43 ? 185 GLY A CA  1 
ATOM   1320 C  C   . GLY A 1 184 ? 5.341   7.167   21.461  1.00 54.13 ? 185 GLY A C   1 
ATOM   1321 O  O   . GLY A 1 184 ? 5.864   6.127   21.890  1.00 53.73 ? 185 GLY A O   1 
ATOM   1322 N  N   . PRO A 1 185 ? 4.506   7.922   22.198  1.00 54.83 ? 186 PRO A N   1 
ATOM   1323 C  CA  . PRO A 1 185 ? 4.091   7.530   23.546  1.00 51.24 ? 186 PRO A CA  1 
ATOM   1324 C  C   . PRO A 1 185 ? 3.346   6.184   23.560  1.00 53.37 ? 186 PRO A C   1 
ATOM   1325 O  O   . PRO A 1 185 ? 2.627   5.927   22.631  1.00 55.01 ? 186 PRO A O   1 
ATOM   1326 C  CB  . PRO A 1 185 ? 3.156   8.675   23.944  1.00 49.56 ? 186 PRO A CB  1 
ATOM   1327 C  CG  . PRO A 1 185 ? 3.564   9.834   23.073  1.00 52.05 ? 186 PRO A CG  1 
ATOM   1328 C  CD  . PRO A 1 185 ? 3.927   9.188   21.758  1.00 51.55 ? 186 PRO A CD  1 
ATOM   1329 N  N   . LYS A 1 186 ? 3.527   5.369   24.599  1.00 49.16 ? 187 LYS A N   1 
ATOM   1330 C  CA  . LYS A 1 186 ? 2.909   4.014   24.664  1.00 50.31 ? 187 LYS A CA  1 
ATOM   1331 C  C   . LYS A 1 186 ? 1.385   4.083   24.504  1.00 49.85 ? 187 LYS A C   1 
ATOM   1332 O  O   . LYS A 1 186 ? 0.828   3.190   23.882  1.00 49.48 ? 187 LYS A O   1 
ATOM   1333 C  CB  . LYS A 1 186 ? 3.304   3.331   25.974  1.00 50.31 ? 187 LYS A CB  1 
ATOM   1334 N  N   . GLU A 1 187 ? 0.753   5.124   25.027  1.00 51.34 ? 188 GLU A N   1 
ATOM   1335 C  CA  . GLU A 1 187 ? -0.718  5.263   24.979  1.00 51.83 ? 188 GLU A CA  1 
ATOM   1336 C  C   . GLU A 1 187 ? -1.179  5.818   23.620  1.00 52.24 ? 188 GLU A C   1 
ATOM   1337 O  O   . GLU A 1 187 ? -2.293  5.466   23.217  1.00 51.24 ? 188 GLU A O   1 
ATOM   1338 C  CB  . GLU A 1 187 ? -1.191  6.109   26.163  1.00 53.90 ? 188 GLU A CB  1 
ATOM   1339 N  N   . GLU A 1 188 ? -0.388  6.671   22.978  1.00 51.96 ? 189 GLU A N   1 
ATOM   1340 C  CA  . GLU A 1 188 ? -0.806  7.108   21.624  1.00 52.52 ? 189 GLU A CA  1 
ATOM   1341 C  C   . GLU A 1 188 ? -0.753  5.887   20.717  1.00 47.50 ? 189 GLU A C   1 
ATOM   1342 O  O   . GLU A 1 188 ? -1.656  5.754   19.900  1.00 44.20 ? 189 GLU A O   1 
ATOM   1343 C  CB  . GLU A 1 188 ? 0.091   8.218   21.077  1.00 56.61 ? 189 GLU A CB  1 
ATOM   1344 N  N   . ARG A 1 189 ? 0.264   5.039   20.893  1.00 49.35 ? 190 ARG A N   1 
ATOM   1345 C  CA  . ARG A 1 189 ? 0.459   3.852   20.023  1.00 45.85 ? 190 ARG A CA  1 
ATOM   1346 C  C   . ARG A 1 189 ? -0.668  2.845   20.285  1.00 40.62 ? 190 ARG A C   1 
ATOM   1347 O  O   . ARG A 1 189 ? -1.131  2.245   19.334  1.00 37.99 ? 190 ARG A O   1 
ATOM   1348 C  CB  . ARG A 1 189 ? 1.868   3.294   20.246  1.00 44.61 ? 190 ARG A CB  1 
ATOM   1349 N  N   . GLU A 1 190 ? -1.079  2.701   21.540  1.00 41.71 ? 191 GLU A N   1 
ATOM   1350 C  CA  . GLU A 1 190 ? -2.165  1.756   21.910  1.00 39.64 ? 191 GLU A CA  1 
ATOM   1351 C  C   . GLU A 1 190 ? -3.513  2.279   21.395  1.00 36.38 ? 191 GLU A C   1 
ATOM   1352 O  O   . GLU A 1 190 ? -4.281  1.470   20.901  1.00 33.86 ? 191 GLU A O   1 
ATOM   1353 C  CB  . GLU A 1 190 ? -2.129  1.485   23.411  1.00 35.26 ? 191 GLU A CB  1 
ATOM   1354 C  CG  . GLU A 1 190 ? -1.091  0.446   23.803  1.00 39.21 ? 191 GLU A CG  1 
ATOM   1355 C  CD  . GLU A 1 190 ? -0.671  0.433   25.265  1.00 42.98 ? 191 GLU A CD  1 
ATOM   1356 O  OE1 . GLU A 1 190 ? 0.197   -0.386  25.623  1.00 37.96 ? 191 GLU A OE1 1 
ATOM   1357 O  OE2 . GLU A 1 190 ? -1.214  1.238   26.041  1.00 41.66 ? 191 GLU A OE2 1 
ATOM   1358 N  N   . SER A 1 191 ? -3.767  3.584   21.490  1.00 35.68 ? 192 SER A N   1 
ATOM   1359 C  CA  . SER A 1 191 ? -5.007  4.164   20.909  1.00 33.55 ? 192 SER A CA  1 
ATOM   1360 C  C   . SER A 1 191 ? -4.991  4.003   19.396  1.00 30.39 ? 192 SER A C   1 
ATOM   1361 O  O   . SER A 1 191 ? -6.055  3.777   18.833  1.00 30.14 ? 192 SER A O   1 
ATOM   1362 C  CB  . SER A 1 191 ? -5.168  5.618   21.287  1.00 31.55 ? 192 SER A CB  1 
ATOM   1363 O  OG  . SER A 1 191 ? -6.277  6.200   20.631  1.00 35.14 ? 192 SER A OG  1 
ATOM   1364 N  N   . ALA A 1 192 ? -3.818  4.142   18.779  1.00 32.94 ? 193 ALA A N   1 
ATOM   1365 C  CA  . ALA A 1 192 ? -3.688  4.088   17.309  1.00 27.95 ? 193 ALA A CA  1 
ATOM   1366 C  C   . ALA A 1 192 ? -3.827  2.651   16.802  1.00 26.26 ? 193 ALA A C   1 
ATOM   1367 O  O   . ALA A 1 192 ? -4.444  2.495   15.755  1.00 22.94 ? 193 ALA A O   1 
ATOM   1368 C  CB  . ALA A 1 192 ? -2.406  4.744   16.918  1.00 29.59 ? 193 ALA A CB  1 
ATOM   1369 N  N   . PHE A 1 193 ? -3.268  1.664   17.504  1.00 23.05 ? 194 PHE A N   1 
ATOM   1370 C  CA  . PHE A 1 193 ? -3.516  0.242   17.163  1.00 25.53 ? 194 PHE A CA  1 
ATOM   1371 C  C   . PHE A 1 193 ? -5.021  -0.033  17.248  1.00 22.43 ? 194 PHE A C   1 
ATOM   1372 O  O   . PHE A 1 193 ? -5.553  -0.667  16.350  1.00 19.60 ? 194 PHE A O   1 
ATOM   1373 C  CB  . PHE A 1 193 ? -2.811  -0.698  18.140  1.00 21.22 ? 194 PHE A CB  1 
ATOM   1374 C  CG  . PHE A 1 193 ? -2.986  -2.167  17.859  1.00 23.91 ? 194 PHE A CG  1 
ATOM   1375 C  CD1 . PHE A 1 193 ? -2.172  -2.810  16.946  1.00 23.86 ? 194 PHE A CD1 1 
ATOM   1376 C  CD2 . PHE A 1 193 ? -3.955  -2.912  18.509  1.00 22.28 ? 194 PHE A CD2 1 
ATOM   1377 C  CE1 . PHE A 1 193 ? -2.321  -4.161  16.686  1.00 24.46 ? 194 PHE A CE1 1 
ATOM   1378 C  CE2 . PHE A 1 193 ? -4.109  -4.261  18.244  1.00 22.58 ? 194 PHE A CE2 1 
ATOM   1379 C  CZ  . PHE A 1 193 ? -3.290  -4.883  17.337  1.00 23.25 ? 194 PHE A CZ  1 
ATOM   1380 N  N   . ALA A 1 194 ? -5.663  0.451   18.314  1.00 21.20 ? 195 ALA A N   1 
ATOM   1381 C  CA  . ALA A 1 194 ? -7.113  0.247   18.501  1.00 23.09 ? 195 ALA A CA  1 
ATOM   1382 C  C   . ALA A 1 194 ? -7.909  0.907   17.373  1.00 22.00 ? 195 ALA A C   1 
ATOM   1383 O  O   . ALA A 1 194 ? -8.928  0.346   16.977  1.00 21.64 ? 195 ALA A O   1 
ATOM   1384 C  CB  . ALA A 1 194 ? -7.545  0.677   19.884  1.00 21.49 ? 195 ALA A CB  1 
ATOM   1385 N  N   . GLY A 1 195 ? -7.421  2.028   16.848  1.00 23.90 ? 196 GLY A N   1 
ATOM   1386 C  CA  . GLY A 1 195 ? -8.070  2.670   15.693  1.00 22.41 ? 196 GLY A CA  1 
ATOM   1387 C  C   . GLY A 1 195 ? -7.831  1.929   14.389  1.00 22.12 ? 196 GLY A C   1 
ATOM   1388 O  O   . GLY A 1 195 ? -8.739  1.927   13.593  1.00 22.31 ? 196 GLY A O   1 
ATOM   1389 N  N   . LEU A 1 196 ? -6.638  1.360   14.187  1.00 19.29 ? 197 LEU A N   1 
ATOM   1390 C  CA  . LEU A 1 196 ? -6.365  0.536   12.995  1.00 19.86 ? 197 LEU A CA  1 
ATOM   1391 C  C   . LEU A 1 196 ? -7.304  -0.667  13.041  1.00 21.13 ? 197 LEU A C   1 
ATOM   1392 O  O   . LEU A 1 196 ? -7.912  -0.931  12.026  1.00 19.95 ? 197 LEU A O   1 
ATOM   1393 C  CB  . LEU A 1 196 ? -4.883  0.142   12.950  1.00 21.46 ? 197 LEU A CB  1 
ATOM   1394 C  CG  . LEU A 1 196 ? -4.430  -0.675  11.744  1.00 20.99 ? 197 LEU A CG  1 
ATOM   1395 C  CD1 . LEU A 1 196 ? -4.651  0.097   10.462  1.00 13.74 ? 197 LEU A CD1 1 
ATOM   1396 C  CD2 . LEU A 1 196 ? -2.973  -1.073  11.873  1.00 18.16 ? 197 LEU A CD2 1 
ATOM   1397 N  N   . VAL A 1 197 ? -7.441  -1.312  14.207  1.00 21.94 ? 198 VAL A N   1 
ATOM   1398 C  CA  . VAL A 1 197 ? -8.347  -2.486  14.374  1.00 22.73 ? 198 VAL A CA  1 
ATOM   1399 C  C   . VAL A 1 197 ? -9.779  -2.069  14.005  1.00 24.33 ? 198 VAL A C   1 
ATOM   1400 O  O   . VAL A 1 197 ? -10.397 -2.776  13.210  1.00 20.74 ? 198 VAL A O   1 
ATOM   1401 C  CB  . VAL A 1 197 ? -8.237  -3.158  15.761  1.00 24.13 ? 198 VAL A CB  1 
ATOM   1402 C  CG1 . VAL A 1 197 ? -9.317  -4.202  15.990  1.00 21.83 ? 198 VAL A CG1 1 
ATOM   1403 C  CG2 . VAL A 1 197 ? -6.865  -3.767  15.966  1.00 22.14 ? 198 VAL A CG2 1 
ATOM   1404 N  N   . ASP A 1 198 ? -10.244 -0.935  14.535  1.00 22.67 ? 199 ASP A N   1 
ATOM   1405 C  CA  . ASP A 1 198 ? -11.595 -0.419  14.195  1.00 24.68 ? 199 ASP A CA  1 
ATOM   1406 C  C   . ASP A 1 198 ? -11.714 -0.130  12.699  1.00 23.93 ? 199 ASP A C   1 
ATOM   1407 O  O   . ASP A 1 198 ? -12.754 -0.484  12.143  1.00 26.50 ? 199 ASP A O   1 
ATOM   1408 C  CB  . ASP A 1 198 ? -11.970 0.825   15.003  1.00 25.17 ? 199 ASP A CB  1 
ATOM   1409 C  CG  . ASP A 1 198 ? -12.556 0.534   16.364  1.00 30.99 ? 199 ASP A CG  1 
ATOM   1410 O  OD1 . ASP A 1 198 ? -13.335 -0.429  16.472  1.00 29.38 ? 199 ASP A OD1 1 
ATOM   1411 O  OD2 . ASP A 1 198 ? -12.237 1.284   17.290  1.00 29.40 ? 199 ASP A OD2 1 
ATOM   1412 N  N   . ASP A 1 199 ? -10.708 0.505   12.094  1.00 21.43 ? 200 ASP A N   1 
ATOM   1413 C  CA  . ASP A 1 199 ? -10.740 0.872   10.658  1.00 20.10 ? 200 ASP A CA  1 
ATOM   1414 C  C   . ASP A 1 199 ? -10.758 -0.403  9.808   1.00 19.75 ? 200 ASP A C   1 
ATOM   1415 O  O   . ASP A 1 199 ? -11.472 -0.397  8.812   1.00 19.93 ? 200 ASP A O   1 
ATOM   1416 C  CB  . ASP A 1 199 ? -9.672  1.907   10.299  1.00 19.44 ? 200 ASP A CB  1 
ATOM   1417 C  CG  . ASP A 1 199 ? -9.799  3.238   11.023  1.00 24.01 ? 200 ASP A CG  1 
ATOM   1418 O  OD1 . ASP A 1 199 ? -10.811 3.436   11.711  1.00 26.22 ? 200 ASP A OD1 1 
ATOM   1419 O  OD2 . ASP A 1 199 ? -8.876  4.052   10.911  1.00 21.40 ? 200 ASP A OD2 1 
ATOM   1420 N  N   . LEU A 1 200 ? -10.039 -1.445  10.238  1.00 17.29 ? 201 LEU A N   1 
ATOM   1421 C  CA  . LEU A 1 200 ? -9.993  -2.741  9.516   1.00 18.98 ? 201 LEU A CA  1 
ATOM   1422 C  C   . LEU A 1 200 ? -11.341 -3.462  9.647   1.00 22.65 ? 201 LEU A C   1 
ATOM   1423 O  O   . LEU A 1 200 ? -11.732 -4.097  8.685   1.00 22.68 ? 201 LEU A O   1 
ATOM   1424 C  CB  . LEU A 1 200 ? -8.817  -3.593  10.008  1.00 19.55 ? 201 LEU A CB  1 
ATOM   1425 C  CG  . LEU A 1 200 ? -7.430  -3.004  9.760   1.00 24.50 ? 201 LEU A CG  1 
ATOM   1426 C  CD1 . LEU A 1 200 ? -6.335  -3.924  10.265  1.00 21.42 ? 201 LEU A CD1 1 
ATOM   1427 C  CD2 . LEU A 1 200 ? -7.220  -2.653  8.301   1.00 18.02 ? 201 LEU A CD2 1 
ATOM   1428 N  N   . ARG A 1 201 ? -12.026 -3.312  10.785  1.00 21.67 ? 202 ARG A N   1 
ATOM   1429 C  CA  . ARG A 1 201 ? -13.352 -3.950  11.014  1.00 27.16 ? 202 ARG A CA  1 
ATOM   1430 C  C   . ARG A 1 201 ? -14.400 -3.265  10.130  1.00 27.51 ? 202 ARG A C   1 
ATOM   1431 O  O   . ARG A 1 201 ? -15.186 -3.992  9.530   1.00 27.95 ? 202 ARG A O   1 
ATOM   1432 C  CB  . ARG A 1 201 ? -13.704 -4.027  12.508  1.00 29.14 ? 202 ARG A CB  1 
ATOM   1433 C  CG  . ARG A 1 201 ? -13.115 -5.216  13.249  1.00 29.49 ? 202 ARG A CG  1 
ATOM   1434 C  CD  . ARG A 1 201 ? -13.834 -5.522  14.550  1.00 40.91 ? 202 ARG A CD  1 
ATOM   1435 N  NE  . ARG A 1 201 ? -13.186 -4.971  15.731  1.00 43.58 ? 202 ARG A NE  1 
ATOM   1436 C  CZ  . ARG A 1 201 ? -13.139 -5.568  16.921  1.00 47.23 ? 202 ARG A CZ  1 
ATOM   1437 N  NH1 . ARG A 1 201 ? -13.704 -6.750  17.101  1.00 43.02 ? 202 ARG A NH1 1 
ATOM   1438 N  NH2 . ARG A 1 201 ? -12.526 -4.979  17.931  1.00 34.80 ? 202 ARG A NH2 1 
ATOM   1439 N  N   . VAL A 1 202 ? -14.354 -1.935  10.016  1.00 26.28 ? 203 VAL A N   1 
ATOM   1440 C  CA  . VAL A 1 202 ? -15.262 -1.173  9.112   1.00 26.29 ? 203 VAL A CA  1 
ATOM   1441 C  C   . VAL A 1 202 ? -15.073 -1.714  7.686   1.00 28.93 ? 203 VAL A C   1 
ATOM   1442 O  O   . VAL A 1 202 ? -16.086 -1.954  7.018   1.00 32.80 ? 203 VAL A O   1 
ATOM   1443 C  CB  . VAL A 1 202 ? -15.027 0.353   9.228   1.00 24.40 ? 203 VAL A CB  1 
ATOM   1444 C  CG1 . VAL A 1 202 ? -15.464 1.112   7.992   1.00 24.34 ? 203 VAL A CG1 1 
ATOM   1445 C  CG2 . VAL A 1 202 ? -15.651 0.950   10.474  1.00 22.92 ? 203 VAL A CG2 1 
ATOM   1446 N  N   . ALA A 1 203 ? -13.833 -1.971  7.274   1.00 27.48 ? 204 ALA A N   1 
ATOM   1447 C  CA  . ALA A 1 203 ? -13.543 -2.444  5.904   1.00 24.85 ? 204 ALA A CA  1 
ATOM   1448 C  C   . ALA A 1 203 ? -13.994 -3.893  5.722   1.00 25.74 ? 204 ALA A C   1 
ATOM   1449 O  O   . ALA A 1 203 ? -14.587 -4.205  4.685   1.00 25.73 ? 204 ALA A O   1 
ATOM   1450 C  CB  . ALA A 1 203 ? -12.077 -2.281  5.639   1.00 21.44 ? 204 ALA A CB  1 
ATOM   1451 N  N   . ALA A 1 204 ? -13.769 -4.727  6.729   1.00 23.92 ? 205 ALA A N   1 
ATOM   1452 C  CA  . ALA A 1 204 ? -14.200 -6.136  6.663   1.00 28.68 ? 205 ALA A CA  1 
ATOM   1453 C  C   . ALA A 1 204 ? -15.730 -6.274  6.534   1.00 34.82 ? 205 ALA A C   1 
ATOM   1454 O  O   . ALA A 1 204 ? -16.147 -7.222  5.878   1.00 32.86 ? 205 ALA A O   1 
ATOM   1455 C  CB  . ALA A 1 204 ? -13.650 -6.890  7.841   1.00 28.71 ? 205 ALA A CB  1 
ATOM   1456 N  N   . ASP A 1 205 ? -16.522 -5.348  7.101   1.00 36.56 ? 206 ASP A N   1 
ATOM   1457 C  CA  . ASP A 1 205 ? -18.015 -5.449  7.092   1.00 40.79 ? 206 ASP A CA  1 
ATOM   1458 C  C   . ASP A 1 205 ? -18.669 -4.621  5.972   1.00 40.02 ? 206 ASP A C   1 
ATOM   1459 O  O   . ASP A 1 205 ? -19.869 -4.365  6.080   1.00 45.36 ? 206 ASP A O   1 
ATOM   1460 C  CB  . ASP A 1 205 ? -18.638 -5.146  8.460   1.00 44.38 ? 206 ASP A CB  1 
ATOM   1461 N  N   . VAL A 1 206 ? -17.930 -4.245  4.930   1.00 38.21 ? 207 VAL A N   1 
ATOM   1462 C  CA  . VAL A 1 206 ? -18.504 -3.525  3.760   1.00 35.11 ? 207 VAL A CA  1 
ATOM   1463 C  C   . VAL A 1 206 ? -19.144 -4.551  2.812   1.00 42.96 ? 207 VAL A C   1 
ATOM   1464 O  O   . VAL A 1 206 ? -18.601 -5.668  2.765   1.00 41.06 ? 207 VAL A O   1 
ATOM   1465 C  CB  . VAL A 1 206 ? -17.413 -2.666  3.087   1.00 32.43 ? 207 VAL A CB  1 
ATOM   1466 C  CG1 . VAL A 1 206 ? -17.541 -2.607  1.575   1.00 30.47 ? 207 VAL A CG1 1 
ATOM   1467 C  CG2 . VAL A 1 206 ? -17.292 -1.279  3.692   1.00 23.26 ? 207 VAL A CG2 1 
HETATM 1468 FE FE1 . SF4 B 2 .   ? 6.538   2.292   -10.009 1.00 15.40 ? 301 SF4 A FE1 1 
HETATM 1469 FE FE2 . SF4 B 2 .   ? 8.676   3.996   -10.798 1.00 16.70 ? 301 SF4 A FE2 1 
HETATM 1470 FE FE3 . SF4 B 2 .   ? 7.870   1.874   -12.466 1.00 18.21 ? 301 SF4 A FE3 1 
HETATM 1471 FE FE4 . SF4 B 2 .   ? 9.162   1.314   -10.068 1.00 19.53 ? 301 SF4 A FE4 1 
HETATM 1472 S  S1  . SF4 B 2 .   ? 10.010  2.460   -11.888 1.00 16.54 ? 301 SF4 A S1  1 
HETATM 1473 S  S2  . SF4 B 2 .   ? 7.283   0.297   -10.892 1.00 10.96 ? 301 SF4 A S2  1 
HETATM 1474 S  S3  . SF4 B 2 .   ? 8.308   2.993   -8.736  1.00 10.91 ? 301 SF4 A S3  1 
HETATM 1475 S  S4  . SF4 B 2 .   ? 6.646   3.713   -11.851 1.00 12.69 ? 301 SF4 A S4  1 
HETATM 1476 N  N1  . URA C 3 .   ? 5.788   0.083   4.576   1.00 9.33  ? 302 URA A N1  1 
HETATM 1477 C  C2  . URA C 3 .   ? 4.912   0.177   3.535   1.00 9.68  ? 302 URA A C2  1 
HETATM 1478 O  O2  . URA C 3 .   ? 4.277   1.186   3.285   1.00 9.71  ? 302 URA A O2  1 
HETATM 1479 N  N3  . URA C 3 .   ? 4.800   -0.939  2.762   1.00 10.34 ? 302 URA A N3  1 
HETATM 1480 C  C4  . URA C 3 .   ? 5.483   -2.120  2.930   1.00 11.41 ? 302 URA A C4  1 
HETATM 1481 O  O4  . URA C 3 .   ? 5.275   -3.041  2.149   1.00 9.60  ? 302 URA A O4  1 
HETATM 1482 C  C5  . URA C 3 .   ? 6.374   -2.130  4.052   1.00 9.25  ? 302 URA A C5  1 
HETATM 1483 C  C6  . URA C 3 .   ? 6.500   -1.042  4.827   1.00 8.98  ? 302 URA A C6  1 
HETATM 1484 O  O   . HOH D 4 .   ? -18.938 13.247  -9.732  1.00 34.49 ? 401 HOH A O   1 
HETATM 1485 O  O   . HOH D 4 .   ? -15.351 13.522  8.790   1.00 34.46 ? 402 HOH A O   1 
HETATM 1486 O  O   . HOH D 4 .   ? 15.608  5.423   -17.396 1.00 33.92 ? 403 HOH A O   1 
HETATM 1487 O  O   . HOH D 4 .   ? -10.744 2.576   19.062  1.00 28.44 ? 404 HOH A O   1 
HETATM 1488 O  O   . HOH D 4 .   ? 12.246  -2.194  -4.056  1.00 10.09 ? 405 HOH A O   1 
HETATM 1489 O  O   . HOH D 4 .   ? 0.306   5.197   -7.031  1.00 11.62 ? 406 HOH A O   1 
HETATM 1490 O  O   . HOH D 4 .   ? 15.306  3.878   -5.611  1.00 21.30 ? 407 HOH A O   1 
HETATM 1491 O  O   . HOH D 4 .   ? 7.113   -3.852  -18.380 1.00 22.49 ? 408 HOH A O   1 
HETATM 1492 O  O   . HOH D 4 .   ? -0.849  0.382   28.669  1.00 31.20 ? 409 HOH A O   1 
HETATM 1493 O  O   . HOH D 4 .   ? -11.661 6.762   5.407   1.00 17.40 ? 410 HOH A O   1 
HETATM 1494 O  O   . HOH D 4 .   ? -14.178 -8.411  10.816  1.00 33.14 ? 411 HOH A O   1 
HETATM 1495 O  O   . HOH D 4 .   ? 4.731   15.329  -3.431  1.00 17.10 ? 412 HOH A O   1 
HETATM 1496 O  O   . HOH D 4 .   ? -3.858  13.098  -9.635  1.00 32.77 ? 413 HOH A O   1 
HETATM 1497 O  O   . HOH D 4 .   ? 11.306  -1.868  -22.067 1.00 20.60 ? 414 HOH A O   1 
HETATM 1498 O  O   . HOH D 4 .   ? 13.039  -3.938  -11.130 1.00 19.29 ? 415 HOH A O   1 
HETATM 1499 O  O   . HOH D 4 .   ? 14.749  4.367   -19.611 1.00 34.96 ? 416 HOH A O   1 
HETATM 1500 O  O   . HOH D 4 .   ? 21.274  -3.655  3.053   1.00 18.06 ? 417 HOH A O   1 
HETATM 1501 O  O   . HOH D 4 .   ? 1.096   11.734  -2.480  1.00 31.45 ? 418 HOH A O   1 
HETATM 1502 O  O   . HOH D 4 .   ? -5.708  -5.418  -15.090 1.00 28.27 ? 419 HOH A O   1 
HETATM 1503 O  O   . HOH D 4 .   ? -0.073  7.561   9.343   1.00 30.00 ? 420 HOH A O   1 
HETATM 1504 O  O   . HOH D 4 .   ? 2.232   7.295   4.177   1.00 15.53 ? 421 HOH A O   1 
HETATM 1505 O  O   . HOH D 4 .   ? -8.951  4.646   19.245  1.00 28.41 ? 422 HOH A O   1 
HETATM 1506 O  O   . HOH D 4 .   ? 16.006  5.715   -4.078  1.00 18.90 ? 423 HOH A O   1 
HETATM 1507 O  O   . HOH D 4 .   ? 11.394  9.996   -11.082 1.00 29.65 ? 424 HOH A O   1 
HETATM 1508 O  O   . HOH D 4 .   ? 2.308   14.327  -0.956  1.00 30.00 ? 425 HOH A O   1 
HETATM 1509 O  O   . HOH D 4 .   ? 0.930   -14.039 -4.069  1.00 37.13 ? 426 HOH A O   1 
HETATM 1510 O  O   . HOH D 4 .   ? 8.895   -1.547  8.554   1.00 35.36 ? 427 HOH A O   1 
HETATM 1511 O  O   . HOH D 4 .   ? 3.908   -1.863  19.067  1.00 51.29 ? 428 HOH A O   1 
HETATM 1512 O  O   . HOH D 4 .   ? 3.278   12.473  0.213   1.00 30.00 ? 429 HOH A O   1 
# 
